data_3B03
#
_entry.id   3B03
#
_cell.length_a   101.197
_cell.length_b   101.197
_cell.length_c   336.837
_cell.angle_alpha   90.00
_cell.angle_beta   90.00
_cell.angle_gamma   90.00
#
_symmetry.space_group_name_H-M   'P 43 21 2'
#
loop_
_entity.id
_entity.type
_entity.pdbx_description
1 polymer 'Isopentenyl-diphosphate delta-isomerase'
2 non-polymer 1-deoxy-1-[(4aR)-4a-[(2Z)-2-(2-{[(S)-hydroxy(phosphonooxy)phosphoryl]oxy}ethyl)but-2-en-1-yl]-7,8-dimethyl-2,4-dioxo-3,4,4a,5-tetrahydrobenzo[g]pteridin-10(2H)-yl]-5-O-phosphono-D-ribitol
3 non-polymer 'MAGNESIUM ION'
4 water water
#
_entity_poly.entity_id   1
_entity_poly.type   'polypeptide(L)'
_entity_poly.pdbx_seq_one_letter_code
;MPDIVNRKVEHVEIAAFENVDGLSSSTFLNDVILVHQGFPGISFSEINTKTKFFRKEISVPVMVTGMTGGRNELGRINKI
IAEVAEKFGIPMGVGSQRVAIEKAEARESFAIVRKVAPTIPIIANLGMPQLVKGYGLKEFQDAIQMIEADAIAVHLNPAQ
EVFQPEGEPEYQIYALEKLRDISKELSVPIIVKESGNGISMETAKLLYSYGIKNFDTSGQGGTNWIAIEMIRDIRRGNWK
AESAKNFLDWGVPTAASIMEVRYSVPDSFLVGSGGIRSGLDAAKAIALGADIAGMALPVLKSAIEGKESLEQFFRKIIFE
LKAAMMLTGSKDVDALKKTSIVILGKLKEWAEYRGINLSIYEKVRKRE
;
_entity_poly.pdbx_strand_id   A,B,C,D
#
# COMPACT_ATOMS: atom_id res chain seq x y z
N VAL A 5 13.37 26.12 -34.85
CA VAL A 5 14.41 27.09 -34.36
C VAL A 5 14.07 27.72 -32.96
N ASN A 6 13.04 28.55 -32.90
CA ASN A 6 12.56 29.10 -31.61
C ASN A 6 11.97 28.03 -30.63
N ARG A 7 11.39 26.94 -31.15
CA ARG A 7 10.92 25.83 -30.31
C ARG A 7 12.11 25.26 -29.55
N LYS A 8 13.21 25.05 -30.27
CA LYS A 8 14.45 24.49 -29.73
C LYS A 8 14.95 25.25 -28.50
N VAL A 9 14.90 26.58 -28.55
CA VAL A 9 15.29 27.47 -27.43
C VAL A 9 14.29 27.33 -26.28
N GLU A 10 13.01 27.38 -26.62
CA GLU A 10 11.95 27.27 -25.64
C GLU A 10 11.98 25.93 -24.89
N HIS A 11 12.25 24.84 -25.61
CA HIS A 11 12.39 23.51 -25.01
C HIS A 11 13.46 23.49 -23.91
N VAL A 12 14.65 24.00 -24.25
CA VAL A 12 15.79 24.04 -23.33
C VAL A 12 15.46 24.88 -22.08
N GLU A 13 14.84 26.03 -22.31
CA GLU A 13 14.46 26.96 -21.24
C GLU A 13 13.40 26.40 -20.29
N ILE A 14 12.35 25.79 -20.83
CA ILE A 14 11.37 25.14 -20.00
C ILE A 14 11.97 23.96 -19.23
N ALA A 15 12.73 23.11 -19.93
CA ALA A 15 13.33 21.92 -19.29
C ALA A 15 14.29 22.36 -18.20
N ALA A 16 15.11 23.36 -18.50
CA ALA A 16 16.12 23.78 -17.55
C ALA A 16 15.56 24.56 -16.33
N PHE A 17 14.49 25.33 -16.52
CA PHE A 17 14.09 26.31 -15.50
C PHE A 17 12.67 26.20 -15.00
N GLU A 18 11.82 25.40 -15.65
CA GLU A 18 10.49 25.12 -15.13
C GLU A 18 10.49 23.77 -14.41
N ASN A 19 9.36 23.47 -13.77
CA ASN A 19 9.26 22.29 -12.94
C ASN A 19 8.63 21.14 -13.75
N VAL A 20 9.46 20.41 -14.51
CA VAL A 20 8.96 19.34 -15.39
C VAL A 20 9.69 18.00 -15.18
N ASP A 21 10.62 17.95 -14.22
CA ASP A 21 11.37 16.74 -13.94
C ASP A 21 10.55 15.84 -13.03
N GLY A 22 10.04 14.74 -13.55
CA GLY A 22 9.26 13.80 -12.72
C GLY A 22 7.89 14.33 -12.31
N LEU A 23 7.41 15.37 -13.00
CA LEU A 23 6.11 16.01 -12.69
C LEU A 23 4.92 15.07 -12.82
N SER A 24 4.31 14.73 -11.67
CA SER A 24 3.21 13.76 -11.58
C SER A 24 3.53 12.38 -12.21
N SER A 25 4.80 12.05 -12.30
CA SER A 25 5.18 10.82 -12.98
C SER A 25 6.13 10.02 -12.10
N SER A 26 6.47 8.80 -12.51
CA SER A 26 7.33 7.95 -11.67
C SER A 26 8.12 6.96 -12.51
N THR A 27 9.39 6.74 -12.13
CA THR A 27 10.26 5.79 -12.81
C THR A 27 10.00 4.34 -12.36
N PHE A 28 9.35 4.20 -11.20
CA PHE A 28 9.17 2.92 -10.47
C PHE A 28 10.51 2.42 -9.88
N LEU A 29 11.59 3.20 -10.02
CA LEU A 29 12.91 2.78 -9.45
C LEU A 29 12.98 2.64 -7.93
N ASN A 30 12.10 3.32 -7.22
CA ASN A 30 11.90 3.09 -5.78
C ASN A 30 11.42 1.66 -5.44
N ASP A 31 10.89 0.93 -6.45
CA ASP A 31 10.45 -0.46 -6.27
C ASP A 31 11.58 -1.45 -6.55
N VAL A 32 12.76 -0.95 -6.90
CA VAL A 32 13.90 -1.83 -7.14
C VAL A 32 14.91 -1.61 -6.04
N ILE A 33 15.35 -2.71 -5.41
CA ILE A 33 16.37 -2.66 -4.40
C ILE A 33 17.56 -3.57 -4.79
N LEU A 34 18.78 -3.02 -4.69
CA LEU A 34 20.00 -3.79 -4.91
C LEU A 34 20.38 -4.38 -3.55
N VAL A 35 20.57 -5.70 -3.51
CA VAL A 35 20.84 -6.38 -2.26
C VAL A 35 22.27 -6.08 -1.77
N HIS A 36 22.36 -5.53 -0.57
CA HIS A 36 23.63 -5.19 0.06
C HIS A 36 24.41 -6.46 0.43
N GLN A 37 25.71 -6.42 0.13
CA GLN A 37 26.63 -7.48 0.50
C GLN A 37 27.70 -6.97 1.46
N GLY A 38 27.54 -7.29 2.75
CA GLY A 38 28.49 -6.84 3.78
C GLY A 38 29.91 -7.34 3.57
N PHE A 39 30.04 -8.51 2.92
CA PHE A 39 31.33 -8.94 2.44
C PHE A 39 31.41 -8.87 0.91
N PRO A 40 31.84 -7.72 0.38
CA PRO A 40 31.86 -7.58 -1.09
C PRO A 40 32.78 -8.53 -1.85
N GLY A 41 33.92 -8.91 -1.27
CA GLY A 41 34.86 -9.84 -1.96
C GLY A 41 35.80 -9.09 -2.91
N ILE A 42 35.80 -7.77 -2.86
CA ILE A 42 36.59 -6.92 -3.74
C ILE A 42 37.08 -5.70 -2.94
N SER A 43 37.98 -4.92 -3.53
CA SER A 43 38.27 -3.62 -2.99
C SER A 43 37.79 -2.57 -3.98
N PHE A 44 37.55 -1.36 -3.48
CA PHE A 44 37.01 -0.26 -4.27
C PHE A 44 37.88 0.02 -5.49
N SER A 45 39.20 0.01 -5.29
CA SER A 45 40.16 0.38 -6.33
C SER A 45 40.25 -0.61 -7.51
N GLU A 46 39.77 -1.83 -7.31
CA GLU A 46 39.78 -2.82 -8.40
C GLU A 46 38.50 -2.78 -9.25
N ILE A 47 37.51 -1.99 -8.84
CA ILE A 47 36.27 -1.90 -9.61
C ILE A 47 36.56 -1.38 -11.04
N ASN A 48 36.05 -2.10 -12.04
CA ASN A 48 36.28 -1.76 -13.43
C ASN A 48 34.95 -1.38 -14.10
N THR A 49 34.82 -0.12 -14.53
CA THR A 49 33.55 0.36 -15.09
C THR A 49 33.50 0.41 -16.62
N LYS A 50 34.54 -0.14 -17.26
CA LYS A 50 34.61 -0.09 -18.73
C LYS A 50 33.57 -0.99 -19.33
N THR A 51 33.07 -0.63 -20.51
CA THR A 51 32.11 -1.49 -21.22
C THR A 51 32.14 -1.16 -22.73
N LYS A 52 31.46 -1.97 -23.53
CA LYS A 52 31.46 -1.76 -24.96
C LYS A 52 30.26 -0.93 -25.38
N PHE A 53 30.48 -0.08 -26.38
CA PHE A 53 29.43 0.70 -27.02
C PHE A 53 29.65 0.56 -28.53
N PHE A 54 28.95 -0.41 -29.11
CA PHE A 54 29.19 -0.86 -30.48
C PHE A 54 30.68 -1.20 -30.64
N ARG A 55 31.41 -0.52 -31.53
CA ARG A 55 32.81 -0.92 -31.83
C ARG A 55 33.82 -0.20 -30.98
N LYS A 56 33.34 0.65 -30.06
CA LYS A 56 34.24 1.39 -29.18
C LYS A 56 34.15 0.92 -27.74
N GLU A 57 35.18 1.21 -26.97
CA GLU A 57 35.15 0.99 -25.54
C GLU A 57 34.87 2.32 -24.86
N ILE A 58 34.04 2.29 -23.83
CA ILE A 58 33.74 3.51 -23.06
C ILE A 58 34.15 3.30 -21.61
N SER A 59 34.36 4.39 -20.87
CA SER A 59 34.94 4.29 -19.55
C SER A 59 33.97 3.92 -18.43
N VAL A 60 32.69 4.24 -18.66
CA VAL A 60 31.60 4.11 -17.68
C VAL A 60 30.33 3.66 -18.47
N PRO A 61 29.48 2.81 -17.87
CA PRO A 61 28.30 2.38 -18.61
C PRO A 61 27.14 3.40 -18.55
N VAL A 62 27.41 4.61 -19.03
CA VAL A 62 26.50 5.73 -18.93
C VAL A 62 26.67 6.53 -20.23
N MET A 63 25.59 7.12 -20.75
CA MET A 63 25.67 8.02 -21.90
C MET A 63 24.85 9.29 -21.67
N VAL A 64 25.21 10.38 -22.36
CA VAL A 64 24.33 11.53 -22.46
C VAL A 64 23.42 11.33 -23.66
N THR A 65 22.10 11.31 -23.46
CA THR A 65 21.20 11.09 -24.59
C THR A 65 20.88 12.46 -25.25
N GLY A 66 20.40 12.40 -26.50
CA GLY A 66 20.21 13.58 -27.33
C GLY A 66 19.30 14.66 -26.77
N MET A 67 19.71 15.93 -26.96
CA MET A 67 18.91 17.05 -26.44
C MET A 67 18.76 18.21 -27.42
N THR A 68 19.88 18.80 -27.84
CA THR A 68 19.78 20.09 -28.47
C THR A 68 20.75 20.31 -29.64
N GLY A 69 20.74 21.55 -30.16
CA GLY A 69 21.41 21.90 -31.40
C GLY A 69 20.43 22.71 -32.23
N GLY A 70 20.93 23.62 -33.06
CA GLY A 70 20.05 24.37 -33.96
C GLY A 70 20.31 25.86 -34.08
N ARG A 71 20.88 26.44 -33.02
CA ARG A 71 21.35 27.85 -32.99
C ARG A 71 22.68 27.86 -32.25
N ASN A 72 23.40 28.98 -32.34
CA ASN A 72 24.73 29.08 -31.73
C ASN A 72 24.79 28.95 -30.22
N GLU A 73 23.81 29.49 -29.51
CA GLU A 73 23.74 29.34 -28.05
C GLU A 73 23.49 27.89 -27.63
N LEU A 74 22.74 27.16 -28.46
CA LEU A 74 22.53 25.72 -28.27
C LEU A 74 23.80 24.94 -28.58
N GLY A 75 24.55 25.38 -29.58
CA GLY A 75 25.85 24.83 -29.92
C GLY A 75 26.88 24.99 -28.82
N ARG A 76 26.82 26.10 -28.10
CA ARG A 76 27.76 26.29 -27.00
C ARG A 76 27.44 25.34 -25.80
N ILE A 77 26.17 25.01 -25.62
CA ILE A 77 25.77 23.97 -24.66
C ILE A 77 26.30 22.62 -25.14
N ASN A 78 26.03 22.29 -26.41
CA ASN A 78 26.56 21.06 -27.02
C ASN A 78 28.07 20.92 -26.84
N LYS A 79 28.79 22.03 -27.04
CA LYS A 79 30.26 22.06 -26.92
C LYS A 79 30.74 21.69 -25.52
N ILE A 80 30.15 22.33 -24.50
CA ILE A 80 30.46 22.01 -23.10
C ILE A 80 30.22 20.53 -22.75
N ILE A 81 29.06 20.00 -23.17
CA ILE A 81 28.72 18.60 -22.88
C ILE A 81 29.72 17.69 -23.59
N ALA A 82 29.94 17.93 -24.89
CA ALA A 82 30.88 17.12 -25.67
C ALA A 82 32.30 17.11 -25.09
N GLU A 83 32.81 18.27 -24.71
CA GLU A 83 34.18 18.29 -24.20
C GLU A 83 34.32 17.56 -22.84
N VAL A 84 33.29 17.65 -21.99
CA VAL A 84 33.31 16.90 -20.73
C VAL A 84 33.11 15.40 -20.98
N ALA A 85 32.23 15.04 -21.90
CA ALA A 85 32.01 13.64 -22.25
C ALA A 85 33.27 12.99 -22.79
N GLU A 86 33.98 13.72 -23.63
CA GLU A 86 35.27 13.27 -24.18
C GLU A 86 36.27 13.03 -23.06
N LYS A 87 36.37 13.99 -22.16
CA LYS A 87 37.25 13.86 -21.00
C LYS A 87 36.94 12.61 -20.16
N PHE A 88 35.65 12.29 -19.99
CA PHE A 88 35.27 11.17 -19.12
C PHE A 88 35.12 9.83 -19.85
N GLY A 89 35.23 9.84 -21.17
CA GLY A 89 35.11 8.60 -21.96
C GLY A 89 33.67 8.11 -22.06
N ILE A 90 32.74 9.06 -22.15
CA ILE A 90 31.31 8.81 -22.09
C ILE A 90 30.66 9.14 -23.45
N PRO A 91 29.83 8.23 -23.99
CA PRO A 91 29.14 8.54 -25.27
C PRO A 91 28.16 9.72 -25.17
N MET A 92 27.98 10.44 -26.28
CA MET A 92 27.05 11.59 -26.33
C MET A 92 26.17 11.54 -27.57
N GLY A 93 24.84 11.58 -27.35
CA GLY A 93 23.89 11.82 -28.43
C GLY A 93 23.64 13.31 -28.59
N VAL A 94 23.36 13.76 -29.82
CA VAL A 94 22.92 15.13 -30.04
C VAL A 94 21.40 15.19 -30.19
N GLY A 95 20.84 16.39 -30.11
CA GLY A 95 19.41 16.57 -30.37
C GLY A 95 19.03 16.41 -31.82
N SER A 96 17.71 16.45 -32.08
CA SER A 96 17.20 16.30 -33.43
C SER A 96 17.91 17.21 -34.43
N GLN A 97 18.31 16.61 -35.53
CA GLN A 97 19.09 17.28 -36.53
C GLN A 97 18.22 17.77 -37.70
N ARG A 98 16.91 17.58 -37.61
CA ARG A 98 15.98 18.09 -38.60
C ARG A 98 16.35 19.53 -38.98
N VAL A 99 16.42 20.40 -37.96
CA VAL A 99 16.73 21.83 -38.10
C VAL A 99 17.98 22.09 -38.97
N ALA A 100 18.96 21.20 -38.88
CA ALA A 100 20.18 21.33 -39.67
C ALA A 100 20.14 20.63 -41.05
N ILE A 101 19.17 19.76 -41.27
CA ILE A 101 18.97 19.22 -42.62
C ILE A 101 18.35 20.33 -43.48
N GLU A 102 17.39 21.05 -42.89
CA GLU A 102 16.77 22.22 -43.48
C GLU A 102 17.75 23.41 -43.53
N LYS A 103 17.73 24.26 -42.49
CA LYS A 103 18.60 25.44 -42.36
C LYS A 103 20.09 25.06 -42.23
N ALA A 104 20.92 25.41 -43.22
CA ALA A 104 22.36 25.10 -43.21
C ALA A 104 23.20 25.87 -42.16
N GLU A 105 22.67 26.99 -41.67
CA GLU A 105 23.33 27.79 -40.61
C GLU A 105 23.31 27.07 -39.27
N ALA A 106 22.49 26.03 -39.16
CA ALA A 106 22.31 25.27 -37.92
C ALA A 106 23.28 24.10 -37.79
N ARG A 107 24.03 23.81 -38.86
CA ARG A 107 24.96 22.67 -38.91
C ARG A 107 26.13 22.74 -37.92
N GLU A 108 26.71 23.93 -37.78
CA GLU A 108 27.85 24.13 -36.89
C GLU A 108 27.52 23.80 -35.40
N SER A 109 26.30 24.10 -34.97
CA SER A 109 25.88 23.83 -33.59
C SER A 109 25.82 22.30 -33.25
N PHE A 110 25.89 21.46 -34.29
CA PHE A 110 26.02 20.01 -34.13
C PHE A 110 27.45 19.55 -34.36
N ALA A 111 28.07 20.03 -35.44
CA ALA A 111 29.42 19.64 -35.84
C ALA A 111 30.48 19.91 -34.77
N ILE A 112 30.28 20.97 -33.97
CA ILE A 112 31.21 21.34 -32.88
C ILE A 112 31.46 20.18 -31.91
N VAL A 113 30.46 19.32 -31.78
CA VAL A 113 30.50 18.17 -30.89
C VAL A 113 31.68 17.25 -31.25
N ARG A 114 31.82 16.91 -32.53
CA ARG A 114 32.90 16.04 -32.99
C ARG A 114 34.28 16.76 -33.00
N LYS A 115 34.28 18.07 -33.22
CA LYS A 115 35.51 18.85 -33.25
C LYS A 115 36.17 18.73 -31.88
N VAL A 116 35.32 18.79 -30.86
CA VAL A 116 35.76 18.88 -29.47
C VAL A 116 35.83 17.50 -28.77
N ALA A 117 35.17 16.51 -29.36
CA ALA A 117 35.19 15.16 -28.85
C ALA A 117 35.52 14.15 -29.96
N PRO A 118 36.82 14.06 -30.33
CA PRO A 118 37.21 13.21 -31.47
C PRO A 118 37.14 11.70 -31.25
N THR A 119 37.12 11.22 -30.00
CA THR A 119 37.28 9.76 -29.79
C THR A 119 36.03 9.02 -29.29
N ILE A 120 35.18 9.67 -28.49
CA ILE A 120 33.99 8.99 -27.90
C ILE A 120 32.93 8.67 -28.95
N PRO A 121 32.07 7.66 -28.69
CA PRO A 121 30.94 7.49 -29.61
C PRO A 121 30.04 8.76 -29.60
N ILE A 122 29.60 9.17 -30.79
CA ILE A 122 28.71 10.30 -30.93
C ILE A 122 27.50 9.76 -31.68
N ILE A 123 26.30 10.09 -31.22
CA ILE A 123 25.09 9.48 -31.77
C ILE A 123 24.21 10.57 -32.40
N ALA A 124 23.93 10.40 -33.69
CA ALA A 124 23.07 11.34 -34.42
C ALA A 124 21.62 11.16 -33.98
N ASN A 125 20.74 12.01 -34.50
CA ASN A 125 19.36 12.04 -34.06
C ASN A 125 18.43 12.58 -35.15
N LEU A 126 17.40 11.80 -35.49
CA LEU A 126 16.29 12.26 -36.33
C LEU A 126 15.00 11.65 -35.80
N GLY A 127 13.88 12.33 -36.04
CA GLY A 127 12.61 11.86 -35.55
C GLY A 127 11.92 10.88 -36.48
N MET A 128 11.27 9.87 -35.89
CA MET A 128 10.46 8.91 -36.64
C MET A 128 9.41 9.57 -37.57
N PRO A 129 8.71 10.64 -37.13
CA PRO A 129 7.76 11.27 -38.07
C PRO A 129 8.40 11.74 -39.39
N GLN A 130 9.67 12.10 -39.37
CA GLN A 130 10.32 12.60 -40.57
C GLN A 130 10.40 11.51 -41.64
N LEU A 131 10.42 10.25 -41.21
CA LEU A 131 10.40 9.12 -42.14
C LEU A 131 9.11 9.01 -42.94
N VAL A 132 7.98 9.49 -42.41
CA VAL A 132 6.75 9.49 -43.17
C VAL A 132 6.56 10.81 -43.95
N LYS A 133 7.51 11.73 -43.76
CA LYS A 133 7.44 13.06 -44.35
C LYS A 133 8.55 13.28 -45.37
N GLY A 134 9.05 12.20 -45.96
CA GLY A 134 10.02 12.32 -47.02
C GLY A 134 11.50 12.15 -46.72
N TYR A 135 11.88 12.02 -45.46
CA TYR A 135 13.28 11.76 -45.13
C TYR A 135 13.61 10.32 -45.47
N GLY A 136 14.87 10.08 -45.84
CA GLY A 136 15.31 8.75 -46.21
C GLY A 136 16.78 8.57 -46.02
N LEU A 137 17.37 7.68 -46.82
CA LEU A 137 18.78 7.36 -46.74
C LEU A 137 19.68 8.59 -46.70
N LYS A 138 19.48 9.50 -47.65
CA LYS A 138 20.35 10.67 -47.77
C LYS A 138 20.33 11.55 -46.51
N GLU A 139 19.14 11.87 -46.01
CA GLU A 139 19.04 12.62 -44.77
C GLU A 139 19.70 11.90 -43.58
N PHE A 140 19.52 10.59 -43.49
CA PHE A 140 20.19 9.82 -42.45
C PHE A 140 21.72 9.90 -42.59
N GLN A 141 22.22 9.79 -43.82
CA GLN A 141 23.64 9.83 -44.10
C GLN A 141 24.23 11.20 -43.83
N ASP A 142 23.48 12.25 -44.14
CA ASP A 142 23.85 13.63 -43.82
C ASP A 142 23.94 13.88 -42.30
N ALA A 143 22.89 13.48 -41.57
CA ALA A 143 22.90 13.61 -40.10
C ALA A 143 24.14 12.91 -39.52
N ILE A 144 24.41 11.71 -39.99
CA ILE A 144 25.57 10.93 -39.56
C ILE A 144 26.91 11.60 -39.89
N GLN A 145 27.07 12.02 -41.16
CA GLN A 145 28.32 12.58 -41.65
C GLN A 145 28.63 13.93 -40.95
N MET A 146 27.57 14.68 -40.68
CA MET A 146 27.67 16.00 -40.05
C MET A 146 28.50 16.03 -38.75
N ILE A 147 28.46 14.93 -38.01
CA ILE A 147 29.19 14.78 -36.76
C ILE A 147 30.10 13.53 -36.71
N GLU A 148 30.33 12.91 -37.86
CA GLU A 148 30.98 11.59 -37.95
C GLU A 148 30.48 10.65 -36.86
N ALA A 149 29.17 10.45 -36.86
CA ALA A 149 28.47 9.66 -35.86
C ALA A 149 28.86 8.19 -35.89
N ASP A 150 28.80 7.54 -34.73
CA ASP A 150 29.01 6.08 -34.63
C ASP A 150 27.72 5.28 -34.62
N ALA A 151 26.59 6.00 -34.58
CA ALA A 151 25.25 5.42 -34.59
C ALA A 151 24.27 6.56 -34.82
N ILE A 152 23.03 6.23 -35.14
CA ILE A 152 21.98 7.22 -35.21
C ILE A 152 20.78 6.76 -34.38
N ALA A 153 20.28 7.65 -33.52
CA ALA A 153 19.07 7.42 -32.76
C ALA A 153 17.90 7.99 -33.53
N VAL A 154 16.84 7.19 -33.65
CA VAL A 154 15.59 7.62 -34.24
C VAL A 154 14.60 7.71 -33.09
N HIS A 155 14.06 8.90 -32.83
CA HIS A 155 13.21 9.06 -31.65
C HIS A 155 11.73 8.84 -31.90
N LEU A 156 11.06 8.30 -30.89
CA LEU A 156 9.61 8.17 -30.89
C LEU A 156 9.12 9.22 -29.91
N ASN A 157 8.21 10.10 -30.35
CA ASN A 157 7.63 11.12 -29.48
C ASN A 157 6.15 11.41 -29.77
N PRO A 158 5.34 10.35 -29.98
CA PRO A 158 3.96 10.65 -30.32
C PRO A 158 3.23 11.43 -29.22
N ALA A 159 3.56 11.19 -27.94
CA ALA A 159 2.86 11.87 -26.86
C ALA A 159 3.14 13.36 -26.92
N GLN A 160 4.43 13.69 -27.04
CA GLN A 160 4.84 15.07 -27.22
C GLN A 160 4.15 15.73 -28.43
N GLU A 161 4.09 15.03 -29.55
CA GLU A 161 3.44 15.60 -30.74
C GLU A 161 1.93 15.80 -30.59
N VAL A 162 1.25 14.90 -29.90
CA VAL A 162 -0.18 15.05 -29.63
C VAL A 162 -0.50 16.35 -28.88
N PHE A 163 0.30 16.69 -27.86
CA PHE A 163 -0.01 17.87 -27.03
C PHE A 163 0.71 19.17 -27.47
N GLN A 164 1.71 19.04 -28.33
CA GLN A 164 2.46 20.19 -28.80
C GLN A 164 1.58 21.01 -29.73
N PRO A 165 1.52 22.34 -29.51
CA PRO A 165 0.58 23.18 -30.26
C PRO A 165 0.72 23.01 -31.78
N GLU A 166 1.96 23.08 -32.28
CA GLU A 166 2.22 23.00 -33.72
C GLU A 166 2.35 21.58 -34.26
N GLY A 167 1.19 21.02 -34.56
CA GLY A 167 1.12 19.87 -35.45
C GLY A 167 1.62 18.52 -35.00
N GLU A 168 1.62 17.64 -36.01
CA GLU A 168 0.85 16.40 -36.01
C GLU A 168 1.59 15.10 -35.69
N PRO A 169 0.88 14.14 -35.09
CA PRO A 169 1.42 12.82 -34.77
C PRO A 169 1.15 11.83 -35.91
N GLU A 170 2.21 11.44 -36.60
CA GLU A 170 2.13 10.58 -37.77
C GLU A 170 3.10 9.40 -37.69
N TYR A 171 2.55 8.22 -37.50
CA TYR A 171 3.36 7.02 -37.24
C TYR A 171 2.88 5.78 -38.02
N GLN A 172 2.51 5.96 -39.29
CA GLN A 172 2.15 4.83 -40.20
C GLN A 172 3.27 3.80 -40.24
N ILE A 173 2.92 2.52 -40.44
CA ILE A 173 3.94 1.43 -40.51
C ILE A 173 4.96 1.63 -41.62
N TYR A 174 4.60 2.37 -42.65
CA TYR A 174 5.51 2.66 -43.75
C TYR A 174 6.85 3.20 -43.24
N ALA A 175 6.80 3.98 -42.17
CA ALA A 175 8.00 4.52 -41.57
C ALA A 175 9.02 3.42 -41.22
N LEU A 176 8.54 2.33 -40.64
CA LEU A 176 9.36 1.17 -40.26
C LEU A 176 9.89 0.39 -41.46
N GLU A 177 9.06 0.22 -42.49
CA GLU A 177 9.51 -0.30 -43.78
C GLU A 177 10.69 0.50 -44.31
N LYS A 178 10.56 1.82 -44.27
CA LYS A 178 11.62 2.70 -44.72
C LYS A 178 12.84 2.58 -43.85
N LEU A 179 12.64 2.52 -42.54
CA LEU A 179 13.74 2.45 -41.59
C LEU A 179 14.54 1.17 -41.85
N ARG A 180 13.83 0.08 -42.06
CA ARG A 180 14.43 -1.21 -42.35
C ARG A 180 15.27 -1.17 -43.64
N ASP A 181 14.75 -0.54 -44.69
CA ASP A 181 15.52 -0.35 -45.93
C ASP A 181 16.77 0.47 -45.69
N ILE A 182 16.60 1.60 -45.00
CA ILE A 182 17.73 2.48 -44.70
C ILE A 182 18.85 1.72 -43.98
N SER A 183 18.48 0.85 -43.05
CA SER A 183 19.46 0.18 -42.20
C SER A 183 20.36 -0.74 -43.01
N LYS A 184 19.90 -1.11 -44.19
CA LYS A 184 20.68 -1.94 -45.06
C LYS A 184 21.82 -1.19 -45.75
N GLU A 185 21.65 0.11 -45.94
CA GLU A 185 22.61 0.94 -46.67
C GLU A 185 23.52 1.74 -45.74
N LEU A 186 23.14 1.83 -44.47
CA LEU A 186 23.84 2.69 -43.52
C LEU A 186 25.11 2.01 -43.03
N SER A 187 26.16 2.77 -42.74
CA SER A 187 27.38 2.14 -42.23
C SER A 187 27.47 2.08 -40.69
N VAL A 188 26.51 2.71 -40.00
CA VAL A 188 26.45 2.70 -38.53
C VAL A 188 25.12 2.12 -38.02
N PRO A 189 25.06 1.64 -36.77
CA PRO A 189 23.78 1.06 -36.35
C PRO A 189 22.70 2.09 -35.95
N ILE A 190 21.45 1.64 -35.92
CA ILE A 190 20.29 2.44 -35.53
C ILE A 190 19.87 2.08 -34.10
N ILE A 191 19.65 3.12 -33.29
CA ILE A 191 19.01 2.98 -31.98
C ILE A 191 17.63 3.61 -32.06
N VAL A 192 16.60 2.90 -31.58
CA VAL A 192 15.29 3.53 -31.43
C VAL A 192 15.05 3.91 -29.95
N LYS A 193 14.72 5.18 -29.72
CA LYS A 193 14.57 5.71 -28.37
C LYS A 193 13.23 6.39 -28.26
N GLU A 194 12.68 6.38 -27.05
CA GLU A 194 11.48 7.14 -26.79
C GLU A 194 11.93 8.50 -26.28
N SER A 195 11.01 9.24 -25.67
CA SER A 195 11.32 10.60 -25.26
C SER A 195 10.48 10.97 -24.04
N GLY A 196 10.56 10.13 -23.01
CA GLY A 196 9.86 10.40 -21.77
C GLY A 196 8.66 9.55 -21.48
N ASN A 197 8.20 8.74 -22.43
CA ASN A 197 6.98 7.92 -22.20
C ASN A 197 7.17 6.40 -22.28
N GLY A 198 8.38 5.95 -22.59
CA GLY A 198 8.70 4.52 -22.42
C GLY A 198 8.40 3.59 -23.59
N ILE A 199 9.17 2.49 -23.66
CA ILE A 199 8.95 1.45 -24.69
C ILE A 199 8.37 0.22 -24.04
N SER A 200 7.22 -0.21 -24.57
CA SER A 200 6.52 -1.40 -24.12
C SER A 200 7.02 -2.63 -24.88
N MET A 201 6.61 -3.81 -24.42
CA MET A 201 6.94 -5.02 -25.18
C MET A 201 6.31 -5.11 -26.55
N GLU A 202 5.11 -4.57 -26.75
CA GLU A 202 4.49 -4.57 -28.09
C GLU A 202 5.27 -3.71 -29.05
N THR A 203 5.64 -2.52 -28.60
CA THR A 203 6.46 -1.61 -29.43
C THR A 203 7.86 -2.21 -29.67
N ALA A 204 8.50 -2.74 -28.63
CA ALA A 204 9.82 -3.36 -28.80
C ALA A 204 9.83 -4.53 -29.83
N LYS A 205 8.90 -5.47 -29.68
CA LYS A 205 8.70 -6.59 -30.64
C LYS A 205 8.40 -6.13 -32.07
N LEU A 206 7.54 -5.13 -32.24
CA LEU A 206 7.28 -4.58 -33.56
C LEU A 206 8.54 -4.03 -34.20
N LEU A 207 9.27 -3.19 -33.45
CA LEU A 207 10.55 -2.66 -33.95
C LEU A 207 11.56 -3.79 -34.28
N TYR A 208 11.64 -4.78 -33.40
CA TYR A 208 12.53 -5.95 -33.60
C TYR A 208 12.16 -6.72 -34.88
N SER A 209 10.87 -6.82 -35.17
CA SER A 209 10.42 -7.51 -36.36
C SER A 209 10.85 -6.78 -37.65
N TYR A 210 11.21 -5.50 -37.54
CA TYR A 210 11.76 -4.73 -38.67
C TYR A 210 13.27 -4.58 -38.61
N GLY A 211 13.94 -5.39 -37.77
CA GLY A 211 15.41 -5.44 -37.66
C GLY A 211 16.09 -4.55 -36.63
N ILE A 212 15.31 -3.85 -35.81
CA ILE A 212 15.87 -3.00 -34.76
C ILE A 212 16.28 -3.83 -33.54
N LYS A 213 17.52 -3.66 -33.11
CA LYS A 213 18.12 -4.48 -32.05
C LYS A 213 18.64 -3.61 -30.90
N ASN A 214 18.63 -2.29 -31.11
CA ASN A 214 19.15 -1.32 -30.16
C ASN A 214 18.03 -0.39 -29.68
N PHE A 215 17.80 -0.35 -28.38
CA PHE A 215 16.68 0.38 -27.81
C PHE A 215 17.16 1.35 -26.74
N ASP A 216 16.42 2.44 -26.53
CA ASP A 216 16.67 3.34 -25.39
C ASP A 216 15.32 3.71 -24.74
N THR A 217 15.09 3.18 -23.54
CA THR A 217 13.74 3.17 -22.94
C THR A 217 13.09 4.55 -22.79
N SER A 218 13.89 5.52 -22.37
CA SER A 218 13.37 6.88 -22.09
C SER A 218 11.94 6.81 -21.50
N GLY A 219 11.82 6.13 -20.36
CA GLY A 219 10.55 5.93 -19.69
C GLY A 219 10.05 7.18 -18.95
N GLN A 220 8.82 7.13 -18.43
CA GLN A 220 8.30 8.23 -17.60
C GLN A 220 8.99 8.26 -16.24
N GLY A 221 8.93 9.41 -15.60
CA GLY A 221 9.50 9.59 -14.28
C GLY A 221 10.67 10.56 -14.31
N GLY A 222 11.14 10.90 -15.52
CA GLY A 222 12.19 11.90 -15.66
C GLY A 222 11.58 13.09 -16.34
N THR A 223 12.29 13.62 -17.32
CA THR A 223 11.79 14.74 -18.06
C THR A 223 10.40 14.42 -18.60
N ASN A 224 9.46 15.28 -18.31
CA ASN A 224 8.09 15.04 -18.71
C ASN A 224 7.78 15.95 -19.88
N TRP A 225 7.80 15.36 -21.09
CA TRP A 225 7.56 16.07 -22.33
C TRP A 225 6.12 16.48 -22.53
N ILE A 226 5.19 15.72 -21.97
CA ILE A 226 3.79 16.15 -21.95
C ILE A 226 3.67 17.43 -21.10
N ALA A 227 4.34 17.47 -19.95
CA ALA A 227 4.38 18.68 -19.14
C ALA A 227 5.00 19.87 -19.90
N ILE A 228 6.10 19.64 -20.61
CA ILE A 228 6.76 20.72 -21.35
C ILE A 228 5.81 21.31 -22.36
N GLU A 229 5.11 20.46 -23.12
CA GLU A 229 4.16 20.95 -24.10
C GLU A 229 2.92 21.58 -23.45
N MET A 230 2.49 21.00 -22.32
CA MET A 230 1.46 21.64 -21.51
C MET A 230 1.83 23.12 -21.19
N ILE A 231 3.08 23.34 -20.77
CA ILE A 231 3.59 24.67 -20.45
C ILE A 231 3.61 25.58 -21.68
N ARG A 232 4.06 25.08 -22.82
CA ARG A 232 4.00 25.85 -24.06
C ARG A 232 2.55 26.21 -24.41
N ASP A 233 1.63 25.27 -24.16
CA ASP A 233 0.20 25.51 -24.36
C ASP A 233 -0.35 26.60 -23.41
N ILE A 234 -0.06 26.48 -22.12
CA ILE A 234 -0.52 27.46 -21.14
C ILE A 234 -0.05 28.86 -21.53
N ARG A 235 1.22 28.95 -21.93
CA ARG A 235 1.82 30.19 -22.42
C ARG A 235 1.11 30.80 -23.62
N ARG A 236 0.62 29.99 -24.57
CA ARG A 236 -0.10 30.60 -25.70
C ARG A 236 -1.64 30.58 -25.61
N GLY A 237 -2.15 30.39 -24.39
CA GLY A 237 -3.59 30.23 -24.15
C GLY A 237 -4.23 29.12 -24.97
N ASN A 238 -3.49 28.07 -25.29
CA ASN A 238 -4.01 26.97 -26.10
C ASN A 238 -4.80 26.01 -25.19
N TRP A 239 -6.03 25.66 -25.61
CA TRP A 239 -6.92 24.84 -24.74
C TRP A 239 -6.39 23.41 -24.44
N LYS A 240 -5.53 22.88 -25.31
CA LYS A 240 -4.89 21.58 -25.10
C LYS A 240 -4.21 21.43 -23.74
N ALA A 241 -3.87 22.57 -23.12
CA ALA A 241 -3.19 22.58 -21.83
C ALA A 241 -3.89 21.73 -20.77
N GLU A 242 -5.20 21.93 -20.63
CA GLU A 242 -5.97 21.23 -19.63
C GLU A 242 -6.03 19.74 -19.94
N SER A 243 -6.04 19.40 -21.22
CA SER A 243 -5.98 18.00 -21.65
C SER A 243 -4.62 17.37 -21.33
N ALA A 244 -3.54 18.10 -21.61
CA ALA A 244 -2.17 17.61 -21.31
C ALA A 244 -2.07 17.26 -19.85
N LYS A 245 -2.64 18.11 -19.00
CA LYS A 245 -2.65 17.89 -17.57
C LYS A 245 -3.22 16.51 -17.19
N ASN A 246 -4.29 16.08 -17.86
CA ASN A 246 -4.85 14.75 -17.65
C ASN A 246 -3.92 13.60 -18.02
N PHE A 247 -2.92 13.88 -18.84
CA PHE A 247 -2.00 12.85 -19.33
C PHE A 247 -0.62 12.93 -18.70
N LEU A 248 -0.43 13.75 -17.66
CA LEU A 248 0.91 13.92 -17.04
C LEU A 248 1.57 12.62 -16.53
N ASP A 249 0.76 11.63 -16.18
CA ASP A 249 1.30 10.36 -15.70
C ASP A 249 1.16 9.24 -16.74
N TRP A 250 1.01 9.65 -18.02
CA TRP A 250 0.96 8.71 -19.13
C TRP A 250 2.34 8.12 -19.46
N GLY A 251 2.38 6.82 -19.72
CA GLY A 251 3.60 6.18 -20.26
C GLY A 251 4.07 4.98 -19.46
N VAL A 252 5.11 4.30 -19.93
CA VAL A 252 5.66 3.18 -19.22
C VAL A 252 6.78 3.70 -18.33
N PRO A 253 6.71 3.42 -17.01
CA PRO A 253 7.78 3.87 -16.14
C PRO A 253 9.10 3.23 -16.55
N THR A 254 10.19 3.96 -16.39
CA THR A 254 11.51 3.52 -16.81
C THR A 254 11.86 2.10 -16.35
N ALA A 255 11.64 1.83 -15.05
CA ALA A 255 11.96 0.51 -14.50
C ALA A 255 11.16 -0.57 -15.22
N ALA A 256 9.88 -0.32 -15.47
CA ALA A 256 9.01 -1.31 -16.15
C ALA A 256 9.40 -1.46 -17.62
N SER A 257 9.83 -0.38 -18.24
CA SER A 257 10.25 -0.39 -19.65
C SER A 257 11.51 -1.21 -19.84
N ILE A 258 12.48 -1.03 -18.95
CA ILE A 258 13.70 -1.85 -18.95
C ILE A 258 13.35 -3.35 -18.88
N MET A 259 12.50 -3.69 -17.90
CA MET A 259 12.03 -5.07 -17.78
C MET A 259 11.36 -5.54 -19.04
N GLU A 260 10.44 -4.74 -19.57
CA GLU A 260 9.69 -5.12 -20.80
C GLU A 260 10.58 -5.35 -22.01
N VAL A 261 11.54 -4.46 -22.24
CA VAL A 261 12.40 -4.60 -23.41
C VAL A 261 13.38 -5.78 -23.25
N ARG A 262 14.03 -5.87 -22.10
CA ARG A 262 14.94 -6.98 -21.84
C ARG A 262 14.22 -8.34 -21.97
N TYR A 263 12.99 -8.41 -21.45
CA TYR A 263 12.20 -9.64 -21.43
C TYR A 263 11.71 -10.00 -22.81
N SER A 264 11.21 -9.01 -23.55
CA SER A 264 10.58 -9.32 -24.84
C SER A 264 11.60 -9.36 -25.98
N VAL A 265 12.75 -8.70 -25.80
CA VAL A 265 13.89 -8.88 -26.74
C VAL A 265 15.23 -9.12 -26.00
N PRO A 266 15.42 -10.39 -25.56
CA PRO A 266 16.49 -10.78 -24.65
C PRO A 266 17.89 -10.46 -25.15
N ASP A 267 18.08 -10.37 -26.46
CA ASP A 267 19.42 -10.11 -27.02
C ASP A 267 19.61 -8.62 -27.45
N SER A 268 18.69 -7.75 -27.04
CA SER A 268 18.78 -6.34 -27.41
C SER A 268 20.00 -5.70 -26.74
N PHE A 269 20.52 -4.66 -27.35
CA PHE A 269 21.44 -3.78 -26.69
C PHE A 269 20.56 -2.65 -26.13
N LEU A 270 20.61 -2.42 -24.81
CA LEU A 270 19.60 -1.62 -24.11
C LEU A 270 20.12 -0.44 -23.27
N VAL A 271 19.64 0.76 -23.60
CA VAL A 271 19.90 1.94 -22.78
C VAL A 271 18.72 2.11 -21.85
N GLY A 272 19.00 2.17 -20.54
CA GLY A 272 17.95 2.44 -19.56
C GLY A 272 17.98 3.92 -19.25
N SER A 273 16.92 4.65 -19.61
CA SER A 273 16.93 6.11 -19.36
C SER A 273 15.52 6.64 -19.08
N GLY A 274 15.47 7.90 -18.63
CA GLY A 274 14.20 8.54 -18.25
C GLY A 274 14.22 8.58 -16.73
N GLY A 275 14.71 9.70 -16.19
CA GLY A 275 14.77 9.88 -14.76
C GLY A 275 15.97 9.27 -14.07
N ILE A 276 17.04 8.97 -14.81
CA ILE A 276 18.28 8.59 -14.13
C ILE A 276 18.95 9.85 -13.55
N ARG A 277 18.97 9.94 -12.21
CA ARG A 277 19.48 11.16 -11.53
C ARG A 277 20.70 10.95 -10.63
N SER A 278 21.12 9.72 -10.41
CA SER A 278 22.27 9.43 -9.55
C SER A 278 22.91 8.17 -10.08
N GLY A 279 24.15 7.90 -9.66
CA GLY A 279 24.82 6.67 -10.04
C GLY A 279 24.20 5.42 -9.43
N LEU A 280 23.46 5.60 -8.35
CA LEU A 280 22.57 4.57 -7.83
C LEU A 280 21.40 4.24 -8.80
N ASP A 281 20.73 5.24 -9.35
CA ASP A 281 19.68 5.00 -10.35
C ASP A 281 20.27 4.27 -11.55
N ALA A 282 21.45 4.72 -11.97
CA ALA A 282 22.19 4.10 -13.05
C ALA A 282 22.51 2.63 -12.74
N ALA A 283 22.92 2.33 -11.51
CA ALA A 283 23.25 0.97 -11.08
C ALA A 283 22.00 0.08 -11.14
N LYS A 284 20.88 0.63 -10.67
CA LYS A 284 19.60 -0.09 -10.69
C LYS A 284 19.16 -0.40 -12.11
N ALA A 285 19.27 0.59 -13.01
CA ALA A 285 18.87 0.43 -14.40
C ALA A 285 19.63 -0.72 -15.04
N ILE A 286 20.94 -0.74 -14.80
CA ILE A 286 21.79 -1.82 -15.31
C ILE A 286 21.47 -3.18 -14.67
N ALA A 287 21.40 -3.25 -13.33
CA ALA A 287 21.05 -4.50 -12.66
C ALA A 287 19.70 -5.04 -13.20
N LEU A 288 18.77 -4.14 -13.47
CA LEU A 288 17.44 -4.53 -13.96
C LEU A 288 17.44 -5.11 -15.37
N GLY A 289 18.45 -4.79 -16.16
CA GLY A 289 18.52 -5.40 -17.49
C GLY A 289 19.10 -4.49 -18.55
N ALA A 290 19.37 -3.24 -18.23
CA ALA A 290 19.99 -2.35 -19.23
C ALA A 290 21.46 -2.66 -19.38
N ASP A 291 22.02 -2.33 -20.55
CA ASP A 291 23.46 -2.40 -20.77
C ASP A 291 24.18 -1.10 -20.39
N ILE A 292 23.48 0.01 -20.57
CA ILE A 292 23.99 1.26 -20.12
C ILE A 292 22.85 2.17 -19.62
N ALA A 293 23.22 3.12 -18.76
CA ALA A 293 22.24 4.09 -18.26
C ALA A 293 22.38 5.39 -19.01
N GLY A 294 21.26 5.94 -19.49
CA GLY A 294 21.28 7.26 -20.14
C GLY A 294 20.74 8.40 -19.25
N MET A 295 21.27 9.59 -19.47
CA MET A 295 20.82 10.82 -18.80
C MET A 295 20.75 11.96 -19.82
N ALA A 296 19.81 12.86 -19.61
CA ALA A 296 19.74 14.08 -20.41
C ALA A 296 19.59 15.33 -19.50
N LEU A 297 18.41 15.53 -18.91
CA LEU A 297 18.12 16.77 -18.16
C LEU A 297 19.18 17.20 -17.16
N PRO A 298 19.61 16.31 -16.25
CA PRO A 298 20.62 16.81 -15.27
C PRO A 298 21.94 17.23 -15.90
N VAL A 299 22.33 16.61 -17.02
CA VAL A 299 23.50 17.05 -17.78
C VAL A 299 23.27 18.47 -18.38
N LEU A 300 22.07 18.71 -18.91
CA LEU A 300 21.69 20.04 -19.42
C LEU A 300 21.85 21.10 -18.32
N LYS A 301 21.25 20.84 -17.15
CA LYS A 301 21.22 21.82 -16.07
C LYS A 301 22.63 22.16 -15.58
N SER A 302 23.50 21.16 -15.49
CA SER A 302 24.89 21.37 -15.10
C SER A 302 25.69 22.08 -16.16
N ALA A 303 25.47 21.73 -17.42
CA ALA A 303 26.19 22.32 -18.53
C ALA A 303 25.90 23.82 -18.57
N ILE A 304 24.64 24.20 -18.39
CA ILE A 304 24.23 25.58 -18.33
C ILE A 304 25.01 26.32 -17.21
N GLU A 305 25.20 25.66 -16.06
CA GLU A 305 26.00 26.23 -14.99
C GLU A 305 27.47 26.37 -15.39
N GLY A 306 27.96 25.48 -16.25
CA GLY A 306 29.33 25.55 -16.77
C GLY A 306 30.14 24.26 -16.78
N LYS A 307 31.29 24.33 -17.42
CA LYS A 307 32.17 23.19 -17.57
C LYS A 307 32.51 22.50 -16.24
N GLU A 308 32.93 23.28 -15.25
CA GLU A 308 33.38 22.69 -13.99
C GLU A 308 32.21 22.12 -13.19
N SER A 309 31.04 22.72 -13.33
CA SER A 309 29.86 22.15 -12.74
C SER A 309 29.53 20.76 -13.32
N LEU A 310 29.60 20.64 -14.65
CA LEU A 310 29.33 19.38 -15.33
C LEU A 310 30.39 18.31 -15.02
N GLU A 311 31.64 18.72 -14.84
CA GLU A 311 32.71 17.78 -14.46
C GLU A 311 32.45 17.21 -13.06
N GLN A 312 32.08 18.09 -12.14
CA GLN A 312 31.70 17.67 -10.80
C GLN A 312 30.48 16.72 -10.82
N PHE A 313 29.50 17.03 -11.67
CA PHE A 313 28.35 16.16 -11.84
C PHE A 313 28.76 14.72 -12.22
N PHE A 314 29.56 14.58 -13.28
CA PHE A 314 30.02 13.26 -13.68
C PHE A 314 30.86 12.54 -12.63
N ARG A 315 31.70 13.30 -11.94
CA ARG A 315 32.50 12.75 -10.86
C ARG A 315 31.57 12.09 -9.81
N LYS A 316 30.48 12.79 -9.51
CA LYS A 316 29.48 12.34 -8.54
C LYS A 316 28.72 11.07 -9.04
N ILE A 317 28.22 11.11 -10.27
CA ILE A 317 27.54 9.95 -10.89
C ILE A 317 28.45 8.68 -10.83
N ILE A 318 29.71 8.85 -11.21
CA ILE A 318 30.64 7.76 -11.31
C ILE A 318 30.97 7.18 -9.95
N PHE A 319 31.22 8.05 -8.97
CA PHE A 319 31.43 7.58 -7.61
C PHE A 319 30.20 6.81 -7.06
N GLU A 320 29.01 7.34 -7.32
CA GLU A 320 27.79 6.71 -6.85
C GLU A 320 27.59 5.35 -7.53
N LEU A 321 27.90 5.27 -8.81
CA LEU A 321 27.86 3.99 -9.53
C LEU A 321 28.83 3.01 -8.92
N LYS A 322 30.06 3.45 -8.66
CA LYS A 322 31.07 2.57 -8.06
C LYS A 322 30.74 2.15 -6.65
N ALA A 323 30.05 3.04 -5.93
CA ALA A 323 29.64 2.72 -4.58
C ALA A 323 28.64 1.57 -4.64
N ALA A 324 27.65 1.65 -5.55
CA ALA A 324 26.67 0.56 -5.68
C ALA A 324 27.31 -0.77 -6.11
N MET A 325 28.28 -0.71 -7.02
CA MET A 325 29.02 -1.91 -7.42
C MET A 325 29.80 -2.46 -6.22
N MET A 326 30.50 -1.59 -5.49
CA MET A 326 31.25 -1.99 -4.29
C MET A 326 30.32 -2.73 -3.31
N LEU A 327 29.18 -2.11 -3.02
CA LEU A 327 28.29 -2.57 -1.97
C LEU A 327 27.39 -3.77 -2.36
N THR A 328 27.54 -4.17 -3.60
CA THR A 328 26.85 -5.29 -4.22
C THR A 328 27.86 -6.42 -4.55
N GLY A 329 29.14 -6.17 -4.33
CA GLY A 329 30.18 -7.15 -4.65
C GLY A 329 30.38 -7.30 -6.17
N SER A 330 30.12 -6.22 -6.92
CA SER A 330 30.24 -6.27 -8.39
C SER A 330 31.58 -5.67 -8.83
N LYS A 331 32.53 -6.51 -9.24
CA LYS A 331 33.85 -6.02 -9.65
C LYS A 331 33.85 -5.30 -10.99
N ASP A 332 32.86 -5.60 -11.84
CA ASP A 332 32.74 -5.00 -13.17
C ASP A 332 31.28 -4.95 -13.60
N VAL A 333 31.02 -4.36 -14.76
CA VAL A 333 29.65 -4.06 -15.22
C VAL A 333 28.86 -5.37 -15.38
N ASP A 334 29.53 -6.37 -15.92
CA ASP A 334 28.98 -7.68 -16.10
C ASP A 334 28.51 -8.31 -14.80
N ALA A 335 29.32 -8.17 -13.74
CA ALA A 335 28.88 -8.67 -12.44
C ALA A 335 27.65 -7.86 -11.95
N LEU A 336 27.62 -6.55 -12.21
CA LEU A 336 26.48 -5.68 -11.80
C LEU A 336 25.17 -6.13 -12.46
N LYS A 337 25.26 -6.48 -13.75
CA LYS A 337 24.12 -6.98 -14.51
C LYS A 337 23.52 -8.26 -13.91
N LYS A 338 24.30 -9.01 -13.16
CA LYS A 338 23.75 -10.23 -12.56
C LYS A 338 23.60 -10.17 -11.05
N THR A 339 23.78 -8.99 -10.46
CA THR A 339 23.74 -8.90 -9.00
C THR A 339 22.33 -9.13 -8.50
N SER A 340 22.24 -9.52 -7.23
CA SER A 340 20.95 -9.83 -6.60
C SER A 340 20.09 -8.58 -6.38
N ILE A 341 18.80 -8.67 -6.74
CA ILE A 341 17.87 -7.54 -6.53
C ILE A 341 16.57 -7.97 -5.81
N VAL A 342 15.80 -7.00 -5.34
CA VAL A 342 14.46 -7.25 -4.89
C VAL A 342 13.53 -6.32 -5.66
N ILE A 343 12.42 -6.87 -6.17
CA ILE A 343 11.41 -6.06 -6.85
C ILE A 343 10.12 -6.18 -6.02
N LEU A 344 9.56 -5.01 -5.70
CA LEU A 344 8.43 -4.87 -4.80
C LEU A 344 7.32 -4.00 -5.43
N GLY A 345 6.20 -3.90 -4.70
CA GLY A 345 5.20 -2.85 -4.90
C GLY A 345 4.62 -2.78 -6.31
N LYS A 346 4.47 -1.57 -6.86
CA LYS A 346 3.77 -1.42 -8.14
C LYS A 346 4.47 -2.03 -9.33
N LEU A 347 5.79 -1.97 -9.34
CA LEU A 347 6.59 -2.59 -10.41
C LEU A 347 6.36 -4.09 -10.45
N LYS A 348 6.30 -4.70 -9.27
CA LYS A 348 6.02 -6.13 -9.12
C LYS A 348 4.63 -6.42 -9.71
N GLU A 349 3.62 -5.62 -9.34
CA GLU A 349 2.25 -5.84 -9.88
C GLU A 349 2.18 -5.61 -11.39
N TRP A 350 2.90 -4.59 -11.86
CA TRP A 350 3.03 -4.33 -13.30
C TRP A 350 3.53 -5.59 -14.05
N ALA A 351 4.69 -6.09 -13.64
CA ALA A 351 5.31 -7.28 -14.25
C ALA A 351 4.36 -8.51 -14.21
N GLU A 352 3.70 -8.71 -13.07
CA GLU A 352 2.72 -9.81 -12.95
C GLU A 352 1.58 -9.69 -13.93
N TYR A 353 0.95 -8.52 -14.00
CA TYR A 353 -0.17 -8.36 -14.90
C TYR A 353 0.27 -8.54 -16.35
N ARG A 354 1.48 -8.08 -16.66
CA ARG A 354 2.02 -8.14 -18.02
C ARG A 354 2.59 -9.52 -18.40
N GLY A 355 2.50 -10.48 -17.48
CA GLY A 355 2.89 -11.86 -17.76
C GLY A 355 4.40 -12.01 -17.74
N ILE A 356 5.09 -11.09 -17.05
CA ILE A 356 6.53 -11.22 -16.93
C ILE A 356 6.80 -12.22 -15.81
N ASN A 357 7.09 -13.45 -16.22
CA ASN A 357 7.45 -14.52 -15.30
C ASN A 357 8.79 -14.13 -14.68
N LEU A 358 8.79 -13.93 -13.36
CA LEU A 358 9.96 -13.43 -12.67
C LEU A 358 11.13 -14.41 -12.75
N SER A 359 10.81 -15.69 -12.62
CA SER A 359 11.76 -16.76 -12.81
C SER A 359 12.45 -16.69 -14.16
N ILE A 360 11.72 -16.62 -15.27
CA ILE A 360 12.45 -16.49 -16.52
C ILE A 360 13.11 -15.10 -16.70
N TYR A 361 12.48 -14.05 -16.15
CA TYR A 361 13.10 -12.71 -16.11
C TYR A 361 14.52 -12.70 -15.55
N GLU A 362 14.68 -13.26 -14.35
CA GLU A 362 15.96 -13.39 -13.68
C GLU A 362 17.02 -14.02 -14.60
N LYS A 363 16.70 -15.17 -15.17
CA LYS A 363 17.55 -15.84 -16.14
C LYS A 363 17.97 -14.91 -17.29
N VAL A 364 17.00 -14.25 -17.91
CA VAL A 364 17.28 -13.38 -19.07
C VAL A 364 18.14 -12.15 -18.73
N ARG A 365 17.88 -11.49 -17.59
CA ARG A 365 18.62 -10.26 -17.24
C ARG A 365 20.06 -10.58 -16.84
N LYS A 366 20.29 -11.85 -16.48
CA LYS A 366 21.61 -12.32 -16.08
C LYS A 366 22.49 -12.88 -17.22
N ARG A 367 21.88 -13.60 -18.17
CA ARG A 367 22.67 -14.35 -19.18
C ARG A 367 22.80 -13.53 -20.46
N ILE B 4 -40.93 17.36 -4.47
CA ILE B 4 -42.15 17.13 -5.31
C ILE B 4 -41.71 17.27 -6.79
N VAL B 5 -41.73 18.51 -7.27
CA VAL B 5 -41.10 18.94 -8.51
C VAL B 5 -39.87 19.75 -8.08
N ASN B 6 -39.92 20.34 -6.88
CA ASN B 6 -38.74 21.05 -6.34
C ASN B 6 -37.64 20.14 -5.72
N ARG B 7 -37.97 18.87 -5.46
CA ARG B 7 -36.93 17.87 -5.22
C ARG B 7 -36.06 17.78 -6.48
N LYS B 8 -36.70 17.76 -7.63
CA LYS B 8 -36.01 17.82 -8.94
C LYS B 8 -35.06 19.01 -9.03
N VAL B 9 -35.52 20.22 -8.68
CA VAL B 9 -34.58 21.36 -8.69
C VAL B 9 -33.52 21.30 -7.57
N GLU B 10 -33.90 20.81 -6.40
CA GLU B 10 -32.93 20.66 -5.29
C GLU B 10 -31.78 19.70 -5.64
N HIS B 11 -32.11 18.60 -6.30
CA HIS B 11 -31.12 17.66 -6.83
C HIS B 11 -30.08 18.32 -7.74
N VAL B 12 -30.56 19.07 -8.72
CA VAL B 12 -29.70 19.77 -9.68
C VAL B 12 -28.81 20.78 -8.94
N GLU B 13 -29.39 21.50 -8.00
CA GLU B 13 -28.70 22.55 -7.25
C GLU B 13 -27.58 22.00 -6.34
N ILE B 14 -27.89 20.92 -5.63
CA ILE B 14 -26.89 20.26 -4.81
C ILE B 14 -25.79 19.62 -5.69
N ALA B 15 -26.20 18.89 -6.73
CA ALA B 15 -25.23 18.25 -7.63
C ALA B 15 -24.33 19.31 -8.26
N ALA B 16 -24.94 20.40 -8.74
CA ALA B 16 -24.16 21.41 -9.47
C ALA B 16 -23.24 22.24 -8.55
N PHE B 17 -23.69 22.54 -7.32
CA PHE B 17 -23.04 23.58 -6.49
C PHE B 17 -22.51 23.13 -5.14
N GLU B 18 -22.84 21.91 -4.72
CA GLU B 18 -22.26 21.39 -3.49
C GLU B 18 -21.13 20.43 -3.81
N ASN B 19 -20.42 19.98 -2.78
CA ASN B 19 -19.28 19.13 -2.96
C ASN B 19 -19.67 17.64 -2.85
N VAL B 20 -20.16 17.05 -3.95
CA VAL B 20 -20.68 15.68 -3.93
C VAL B 20 -20.08 14.79 -5.02
N ASP B 21 -19.20 15.34 -5.85
CA ASP B 21 -18.50 14.57 -6.90
C ASP B 21 -17.32 13.77 -6.31
N GLY B 22 -17.46 12.45 -6.25
CA GLY B 22 -16.40 11.60 -5.71
C GLY B 22 -16.19 11.75 -4.19
N LEU B 23 -17.18 12.30 -3.48
CA LEU B 23 -17.04 12.51 -2.05
C LEU B 23 -16.88 11.21 -1.28
N SER B 24 -15.69 11.04 -0.68
CA SER B 24 -15.30 9.84 0.08
C SER B 24 -15.44 8.54 -0.73
N SER B 25 -15.41 8.63 -2.04
CA SER B 25 -15.66 7.47 -2.86
C SER B 25 -14.59 7.37 -3.94
N SER B 26 -14.57 6.28 -4.70
CA SER B 26 -13.51 6.06 -5.65
C SER B 26 -14.00 5.21 -6.82
N THR B 27 -13.55 5.54 -8.05
CA THR B 27 -13.90 4.78 -9.24
C THR B 27 -13.02 3.54 -9.41
N PHE B 28 -11.89 3.51 -8.72
CA PHE B 28 -10.81 2.53 -8.92
C PHE B 28 -10.11 2.68 -10.29
N LEU B 29 -10.45 3.74 -11.04
CA LEU B 29 -9.83 3.95 -12.35
C LEU B 29 -8.34 4.31 -12.31
N ASN B 30 -7.88 4.84 -11.18
CA ASN B 30 -6.45 5.01 -10.91
C ASN B 30 -5.68 3.69 -10.90
N ASP B 31 -6.38 2.57 -10.71
CA ASP B 31 -5.76 1.22 -10.74
C ASP B 31 -5.69 0.60 -12.16
N VAL B 32 -6.19 1.34 -13.14
CA VAL B 32 -6.14 0.89 -14.52
C VAL B 32 -5.18 1.78 -15.30
N ILE B 33 -4.19 1.16 -15.94
CA ILE B 33 -3.25 1.88 -16.80
C ILE B 33 -3.34 1.34 -18.24
N LEU B 34 -3.50 2.24 -19.21
CA LEU B 34 -3.43 1.91 -20.64
C LEU B 34 -1.96 1.93 -21.05
N VAL B 35 -1.49 0.86 -21.69
CA VAL B 35 -0.06 0.70 -21.98
C VAL B 35 0.32 1.61 -23.15
N HIS B 36 1.34 2.45 -22.94
CA HIS B 36 1.79 3.41 -23.97
C HIS B 36 2.52 2.69 -25.12
N GLN B 37 2.20 3.06 -26.36
CA GLN B 37 2.86 2.50 -27.52
C GLN B 37 3.64 3.58 -28.23
N GLY B 38 4.96 3.58 -28.07
CA GLY B 38 5.83 4.63 -28.65
C GLY B 38 5.83 4.62 -30.17
N PHE B 39 5.49 3.48 -30.75
CA PHE B 39 5.21 3.40 -32.19
C PHE B 39 3.76 3.00 -32.41
N PRO B 40 2.86 3.99 -32.53
CA PRO B 40 1.43 3.70 -32.64
C PRO B 40 1.01 2.94 -33.89
N GLY B 41 1.70 3.15 -35.03
CA GLY B 41 1.31 2.46 -36.25
C GLY B 41 0.17 3.13 -36.99
N ILE B 42 -0.19 4.35 -36.56
CA ILE B 42 -1.29 5.10 -37.17
C ILE B 42 -0.92 6.58 -37.13
N SER B 43 -1.74 7.40 -37.77
CA SER B 43 -1.65 8.83 -37.58
C SER B 43 -2.93 9.31 -36.91
N PHE B 44 -2.85 10.46 -36.24
CA PHE B 44 -3.96 11.00 -35.45
C PHE B 44 -5.20 11.20 -36.32
N SER B 45 -4.99 11.72 -37.54
CA SER B 45 -6.09 12.05 -38.44
C SER B 45 -6.90 10.86 -38.95
N GLU B 46 -6.33 9.65 -38.88
CA GLU B 46 -7.05 8.45 -39.31
C GLU B 46 -7.88 7.78 -38.20
N ILE B 47 -7.74 8.25 -36.97
CA ILE B 47 -8.50 7.71 -35.84
C ILE B 47 -9.99 7.85 -36.10
N ASN B 48 -10.71 6.75 -35.98
CA ASN B 48 -12.15 6.72 -36.23
C ASN B 48 -12.88 6.43 -34.91
N THR B 49 -13.71 7.37 -34.45
CA THR B 49 -14.38 7.21 -33.16
C THR B 49 -15.82 6.75 -33.28
N LYS B 50 -16.24 6.41 -34.48
CA LYS B 50 -17.65 6.04 -34.69
C LYS B 50 -17.93 4.72 -34.05
N THR B 51 -19.16 4.51 -33.60
CA THR B 51 -19.59 3.22 -33.06
C THR B 51 -21.11 3.09 -33.17
N LYS B 52 -21.63 1.91 -32.86
CA LYS B 52 -23.07 1.63 -32.94
C LYS B 52 -23.74 1.85 -31.60
N PHE B 53 -24.94 2.41 -31.65
CA PHE B 53 -25.80 2.51 -30.47
C PHE B 53 -27.17 2.02 -30.86
N PHE B 54 -27.44 0.75 -30.55
CA PHE B 54 -28.58 0.02 -31.09
C PHE B 54 -28.65 0.12 -32.61
N ARG B 55 -29.72 0.69 -33.18
CA ARG B 55 -29.86 0.75 -34.65
C ARG B 55 -29.27 2.00 -35.28
N LYS B 56 -28.67 2.87 -34.46
CA LYS B 56 -28.08 4.10 -34.98
C LYS B 56 -26.56 4.07 -34.89
N GLU B 57 -25.92 4.92 -35.68
CA GLU B 57 -24.50 5.16 -35.57
C GLU B 57 -24.31 6.44 -34.79
N ILE B 58 -23.29 6.46 -33.94
CA ILE B 58 -22.92 7.65 -33.17
C ILE B 58 -21.46 8.04 -33.46
N SER B 59 -21.12 9.30 -33.24
CA SER B 59 -19.85 9.82 -33.68
C SER B 59 -18.68 9.52 -32.74
N VAL B 60 -19.00 9.24 -31.48
CA VAL B 60 -18.06 9.07 -30.39
C VAL B 60 -18.62 8.01 -29.43
N PRO B 61 -17.76 7.14 -28.85
CA PRO B 61 -18.33 6.14 -27.93
C PRO B 61 -18.62 6.69 -26.52
N VAL B 62 -19.46 7.72 -26.46
CA VAL B 62 -19.73 8.41 -25.21
C VAL B 62 -21.20 8.74 -25.25
N MET B 63 -21.87 8.74 -24.09
CA MET B 63 -23.25 9.27 -24.01
C MET B 63 -23.41 10.19 -22.81
N VAL B 64 -24.41 11.08 -22.87
CA VAL B 64 -24.88 11.76 -21.69
C VAL B 64 -25.97 10.88 -21.04
N THR B 65 -25.79 10.51 -19.77
CA THR B 65 -26.78 9.71 -19.07
C THR B 65 -27.87 10.60 -18.44
N GLY B 66 -29.01 10.00 -18.12
CA GLY B 66 -30.19 10.78 -17.67
C GLY B 66 -30.01 11.59 -16.39
N MET B 67 -30.59 12.80 -16.36
CA MET B 67 -30.45 13.68 -15.22
C MET B 67 -31.77 14.36 -14.80
N THR B 68 -32.35 15.15 -15.70
CA THR B 68 -33.35 16.09 -15.27
C THR B 68 -34.54 16.24 -16.24
N GLY B 69 -35.42 17.17 -15.90
CA GLY B 69 -36.71 17.35 -16.54
C GLY B 69 -37.74 17.52 -15.42
N GLY B 70 -38.85 18.21 -15.70
CA GLY B 70 -39.93 18.34 -14.73
C GLY B 70 -40.52 19.72 -14.54
N ARG B 71 -39.68 20.74 -14.71
CA ARG B 71 -40.08 22.16 -14.72
C ARG B 71 -39.41 22.84 -15.90
N ASN B 72 -39.87 24.04 -16.26
CA ASN B 72 -39.30 24.76 -17.39
C ASN B 72 -37.80 25.11 -17.32
N GLU B 73 -37.31 25.48 -16.15
CA GLU B 73 -35.89 25.80 -15.97
C GLU B 73 -35.02 24.56 -16.15
N LEU B 74 -35.57 23.40 -15.79
CA LEU B 74 -34.94 22.11 -16.02
C LEU B 74 -35.00 21.74 -17.51
N GLY B 75 -36.13 22.05 -18.15
CA GLY B 75 -36.28 21.91 -19.60
C GLY B 75 -35.25 22.69 -20.40
N ARG B 76 -34.92 23.89 -19.94
CA ARG B 76 -33.95 24.69 -20.66
C ARG B 76 -32.50 24.16 -20.53
N ILE B 77 -32.20 23.48 -19.41
CA ILE B 77 -30.96 22.72 -19.27
C ILE B 77 -30.97 21.51 -20.25
N ASN B 78 -32.09 20.78 -20.26
CA ASN B 78 -32.26 19.67 -21.19
C ASN B 78 -32.10 20.12 -22.64
N LYS B 79 -32.62 21.30 -22.97
CA LYS B 79 -32.52 21.88 -24.32
C LYS B 79 -31.07 22.12 -24.73
N ILE B 80 -30.29 22.73 -23.84
CA ILE B 80 -28.87 23.00 -24.10
C ILE B 80 -28.08 21.72 -24.32
N ILE B 81 -28.27 20.74 -23.44
CA ILE B 81 -27.57 19.46 -23.55
C ILE B 81 -27.94 18.74 -24.84
N ALA B 82 -29.24 18.70 -25.16
CA ALA B 82 -29.71 18.04 -26.37
C ALA B 82 -29.19 18.70 -27.64
N GLU B 83 -29.21 20.03 -27.71
CA GLU B 83 -28.71 20.64 -28.96
C GLU B 83 -27.19 20.44 -29.18
N VAL B 84 -26.42 20.42 -28.10
CA VAL B 84 -25.00 20.14 -28.22
C VAL B 84 -24.76 18.66 -28.50
N ALA B 85 -25.50 17.77 -27.83
CA ALA B 85 -25.37 16.33 -28.12
C ALA B 85 -25.68 16.01 -29.60
N GLU B 86 -26.75 16.63 -30.12
CA GLU B 86 -27.12 16.52 -31.55
C GLU B 86 -25.94 16.99 -32.44
N LYS B 87 -25.41 18.17 -32.14
CA LYS B 87 -24.29 18.70 -32.89
C LYS B 87 -23.10 17.74 -32.92
N PHE B 88 -22.83 17.07 -31.80
CA PHE B 88 -21.66 16.17 -31.72
C PHE B 88 -21.93 14.71 -32.07
N GLY B 89 -23.18 14.37 -32.32
CA GLY B 89 -23.53 12.98 -32.67
C GLY B 89 -23.41 12.04 -31.48
N ILE B 90 -23.79 12.57 -30.31
CA ILE B 90 -23.70 11.87 -29.03
C ILE B 90 -25.10 11.55 -28.47
N PRO B 91 -25.34 10.28 -28.07
CA PRO B 91 -26.66 9.93 -27.46
C PRO B 91 -26.89 10.64 -26.13
N MET B 92 -28.17 10.90 -25.84
CA MET B 92 -28.59 11.60 -24.61
C MET B 92 -29.76 10.89 -23.92
N GLY B 93 -29.57 10.55 -22.65
CA GLY B 93 -30.68 10.13 -21.77
C GLY B 93 -31.28 11.34 -21.10
N VAL B 94 -32.59 11.29 -20.84
CA VAL B 94 -33.22 12.30 -19.99
C VAL B 94 -33.37 11.76 -18.57
N GLY B 95 -33.73 12.64 -17.63
CA GLY B 95 -34.00 12.27 -16.25
C GLY B 95 -35.33 11.54 -16.11
N SER B 96 -35.62 11.10 -14.88
CA SER B 96 -36.82 10.35 -14.58
C SER B 96 -38.07 11.09 -15.04
N GLN B 97 -38.90 10.38 -15.79
CA GLN B 97 -40.09 10.94 -16.39
C GLN B 97 -41.36 10.71 -15.57
N ARG B 98 -41.21 10.13 -14.38
CA ARG B 98 -42.32 9.96 -13.45
C ARG B 98 -43.12 11.26 -13.36
N VAL B 99 -42.44 12.35 -13.02
CA VAL B 99 -43.05 13.69 -12.89
C VAL B 99 -43.95 14.08 -14.08
N ALA B 100 -43.61 13.59 -15.27
CA ALA B 100 -44.37 13.92 -16.48
C ALA B 100 -45.44 12.89 -16.83
N ILE B 101 -45.36 11.69 -16.25
CA ILE B 101 -46.47 10.76 -16.32
C ILE B 101 -47.62 11.28 -15.46
N GLU B 102 -47.28 11.80 -14.28
CA GLU B 102 -48.22 12.47 -13.38
C GLU B 102 -48.65 13.86 -13.93
N LYS B 103 -47.96 14.92 -13.49
CA LYS B 103 -48.21 16.31 -13.92
C LYS B 103 -47.95 16.52 -15.43
N ALA B 104 -49.00 16.79 -16.20
CA ALA B 104 -48.89 17.01 -17.66
C ALA B 104 -48.16 18.29 -18.08
N GLU B 105 -48.07 19.27 -17.18
CA GLU B 105 -47.30 20.51 -17.43
C GLU B 105 -45.79 20.26 -17.50
N ALA B 106 -45.36 19.07 -17.08
CA ALA B 106 -43.95 18.72 -16.99
C ALA B 106 -43.44 18.06 -18.26
N ARG B 107 -44.35 17.75 -19.19
CA ARG B 107 -44.05 17.03 -20.41
C ARG B 107 -43.12 17.79 -21.37
N GLU B 108 -43.38 19.08 -21.55
CA GLU B 108 -42.58 19.93 -22.44
C GLU B 108 -41.07 19.96 -22.07
N SER B 109 -40.75 19.96 -20.79
CA SER B 109 -39.36 19.97 -20.33
C SER B 109 -38.58 18.69 -20.73
N PHE B 110 -39.28 17.66 -21.19
CA PHE B 110 -38.67 16.48 -21.77
C PHE B 110 -38.75 16.50 -23.29
N ALA B 111 -39.94 16.82 -23.81
CA ALA B 111 -40.19 16.76 -25.27
C ALA B 111 -39.23 17.67 -26.07
N ILE B 112 -38.86 18.80 -25.47
CA ILE B 112 -37.92 19.75 -26.07
C ILE B 112 -36.62 19.08 -26.57
N VAL B 113 -36.26 17.99 -25.91
CA VAL B 113 -35.02 17.29 -26.21
C VAL B 113 -35.05 16.76 -27.66
N ARG B 114 -36.17 16.16 -28.06
CA ARG B 114 -36.33 15.60 -29.39
C ARG B 114 -36.59 16.68 -30.45
N LYS B 115 -37.25 17.77 -30.06
CA LYS B 115 -37.49 18.89 -30.97
C LYS B 115 -36.16 19.41 -31.49
N VAL B 116 -35.19 19.51 -30.59
CA VAL B 116 -33.91 20.16 -30.84
C VAL B 116 -32.82 19.14 -31.24
N ALA B 117 -33.09 17.85 -30.99
CA ALA B 117 -32.17 16.77 -31.38
C ALA B 117 -32.91 15.67 -32.13
N PRO B 118 -33.25 15.92 -33.42
CA PRO B 118 -34.06 14.97 -34.19
C PRO B 118 -33.37 13.68 -34.58
N THR B 119 -32.04 13.61 -34.57
CA THR B 119 -31.34 12.44 -35.15
C THR B 119 -30.61 11.49 -34.18
N ILE B 120 -30.03 12.01 -33.10
CA ILE B 120 -29.25 11.16 -32.17
C ILE B 120 -30.15 10.21 -31.37
N PRO B 121 -29.57 9.12 -30.82
CA PRO B 121 -30.36 8.29 -29.92
C PRO B 121 -30.76 9.11 -28.69
N ILE B 122 -32.03 9.00 -28.29
CA ILE B 122 -32.52 9.65 -27.09
C ILE B 122 -33.05 8.54 -26.19
N ILE B 123 -32.74 8.59 -24.89
CA ILE B 123 -33.08 7.46 -24.03
C ILE B 123 -34.02 7.96 -22.95
N ALA B 124 -35.22 7.39 -22.92
CA ALA B 124 -36.19 7.65 -21.87
C ALA B 124 -35.72 7.10 -20.50
N ASN B 125 -36.47 7.45 -19.46
CA ASN B 125 -36.08 7.09 -18.11
C ASN B 125 -37.27 6.92 -17.16
N LEU B 126 -37.34 5.74 -16.51
CA LEU B 126 -38.28 5.51 -15.40
C LEU B 126 -37.59 4.71 -14.30
N GLY B 127 -38.05 4.85 -13.07
CA GLY B 127 -37.46 4.16 -11.93
C GLY B 127 -37.99 2.76 -11.74
N MET B 128 -37.12 1.84 -11.39
CA MET B 128 -37.53 0.51 -10.95
C MET B 128 -38.62 0.54 -9.86
N PRO B 129 -38.52 1.43 -8.85
CA PRO B 129 -39.61 1.40 -7.82
C PRO B 129 -41.02 1.59 -8.38
N GLN B 130 -41.12 2.31 -9.50
CA GLN B 130 -42.40 2.61 -10.11
C GLN B 130 -43.03 1.36 -10.70
N LEU B 131 -42.21 0.37 -11.04
CA LEU B 131 -42.73 -0.95 -11.44
C LEU B 131 -43.42 -1.73 -10.31
N VAL B 132 -43.01 -1.53 -9.06
CA VAL B 132 -43.73 -2.19 -7.98
C VAL B 132 -44.92 -1.37 -7.51
N LYS B 133 -44.98 -0.12 -7.98
CA LYS B 133 -46.02 0.84 -7.60
C LYS B 133 -47.07 1.02 -8.70
N GLY B 134 -47.20 0.01 -9.57
CA GLY B 134 -48.27 0.03 -10.56
C GLY B 134 -48.03 0.59 -11.94
N TYR B 135 -46.80 1.03 -12.23
CA TYR B 135 -46.46 1.42 -13.60
C TYR B 135 -46.43 0.15 -14.41
N GLY B 136 -46.78 0.24 -15.69
CA GLY B 136 -46.70 -0.91 -16.58
C GLY B 136 -46.42 -0.49 -18.01
N LEU B 137 -46.91 -1.29 -18.95
CA LEU B 137 -46.67 -1.08 -20.37
C LEU B 137 -46.98 0.34 -20.85
N LYS B 138 -48.17 0.82 -20.51
CA LYS B 138 -48.64 2.11 -20.96
C LYS B 138 -47.76 3.26 -20.51
N GLU B 139 -47.38 3.27 -19.23
CA GLU B 139 -46.45 4.28 -18.71
C GLU B 139 -45.11 4.24 -19.45
N PHE B 140 -44.57 3.05 -19.69
CA PHE B 140 -43.35 2.89 -20.47
C PHE B 140 -43.49 3.43 -21.92
N GLN B 141 -44.63 3.15 -22.54
CA GLN B 141 -44.87 3.61 -23.92
C GLN B 141 -45.07 5.10 -23.96
N ASP B 142 -45.71 5.67 -22.94
CA ASP B 142 -45.84 7.13 -22.83
C ASP B 142 -44.49 7.85 -22.63
N ALA B 143 -43.65 7.33 -21.73
CA ALA B 143 -42.29 7.84 -21.53
C ALA B 143 -41.53 7.84 -22.85
N ILE B 144 -41.58 6.72 -23.56
CA ILE B 144 -40.93 6.54 -24.86
C ILE B 144 -41.46 7.47 -25.96
N GLN B 145 -42.79 7.50 -26.12
CA GLN B 145 -43.43 8.31 -27.14
C GLN B 145 -43.19 9.83 -26.95
N MET B 146 -43.17 10.26 -25.69
CA MET B 146 -43.05 11.66 -25.32
C MET B 146 -41.79 12.35 -25.91
N ILE B 147 -40.74 11.57 -26.15
CA ILE B 147 -39.50 12.08 -26.70
C ILE B 147 -39.06 11.26 -27.92
N GLU B 148 -39.97 10.46 -28.49
CA GLU B 148 -39.65 9.48 -29.54
C GLU B 148 -38.31 8.77 -29.26
N ALA B 149 -38.25 8.14 -28.09
CA ALA B 149 -37.04 7.49 -27.59
C ALA B 149 -36.60 6.31 -28.44
N ASP B 150 -35.30 6.07 -28.48
CA ASP B 150 -34.75 4.89 -29.15
C ASP B 150 -34.48 3.76 -28.17
N ALA B 151 -34.65 4.06 -26.88
CA ALA B 151 -34.51 3.08 -25.81
C ALA B 151 -35.07 3.69 -24.52
N ILE B 152 -35.28 2.87 -23.49
CA ILE B 152 -35.68 3.39 -22.17
C ILE B 152 -34.74 2.82 -21.11
N ALA B 153 -34.21 3.67 -20.24
CA ALA B 153 -33.40 3.25 -19.13
C ALA B 153 -34.29 3.11 -17.90
N VAL B 154 -34.12 2.00 -17.19
CA VAL B 154 -34.81 1.80 -15.93
C VAL B 154 -33.75 1.90 -14.85
N HIS B 155 -33.91 2.82 -13.93
CA HIS B 155 -32.83 3.05 -12.97
C HIS B 155 -33.01 2.30 -11.66
N LEU B 156 -31.89 1.83 -11.12
CA LEU B 156 -31.79 1.22 -9.80
C LEU B 156 -31.22 2.29 -8.90
N ASN B 157 -31.94 2.64 -7.83
CA ASN B 157 -31.44 3.61 -6.84
C ASN B 157 -31.83 3.27 -5.39
N PRO B 158 -31.71 2.00 -4.98
CA PRO B 158 -32.09 1.70 -3.58
C PRO B 158 -31.26 2.49 -2.51
N ALA B 159 -29.97 2.73 -2.77
CA ALA B 159 -29.13 3.48 -1.83
C ALA B 159 -29.67 4.90 -1.62
N GLN B 160 -29.98 5.56 -2.72
CA GLN B 160 -30.55 6.87 -2.67
C GLN B 160 -31.86 6.88 -1.91
N GLU B 161 -32.72 5.92 -2.18
CA GLU B 161 -34.03 5.87 -1.56
C GLU B 161 -33.95 5.62 -0.05
N VAL B 162 -32.98 4.81 0.37
CA VAL B 162 -32.79 4.49 1.76
C VAL B 162 -32.48 5.73 2.58
N PHE B 163 -31.66 6.63 2.03
CA PHE B 163 -31.23 7.81 2.79
C PHE B 163 -32.08 9.07 2.51
N GLN B 164 -32.86 9.04 1.44
CA GLN B 164 -33.67 10.20 1.05
C GLN B 164 -34.81 10.36 2.05
N PRO B 165 -35.02 11.60 2.54
CA PRO B 165 -36.00 11.81 3.61
C PRO B 165 -37.40 11.26 3.24
N GLU B 166 -37.89 11.60 2.06
CA GLU B 166 -39.23 11.18 1.63
C GLU B 166 -39.29 9.79 1.00
N GLY B 167 -39.39 8.79 1.86
CA GLY B 167 -39.89 7.48 1.44
C GLY B 167 -39.01 6.56 0.63
N GLU B 168 -39.67 5.49 0.23
CA GLU B 168 -39.28 4.12 0.55
C GLU B 168 -38.56 3.32 -0.53
N PRO B 169 -37.72 2.36 -0.09
CA PRO B 169 -37.00 1.45 -0.97
C PRO B 169 -37.77 0.16 -1.13
N GLU B 170 -38.31 -0.07 -2.33
CA GLU B 170 -39.12 -1.24 -2.64
C GLU B 170 -38.63 -1.89 -3.92
N TYR B 171 -38.09 -3.10 -3.77
CA TYR B 171 -37.47 -3.81 -4.87
C TYR B 171 -37.81 -5.30 -4.90
N GLN B 172 -39.10 -5.63 -4.74
CA GLN B 172 -39.60 -7.04 -4.86
C GLN B 172 -39.34 -7.61 -6.25
N ILE B 173 -39.12 -8.93 -6.34
CA ILE B 173 -38.84 -9.59 -7.65
C ILE B 173 -39.96 -9.47 -8.67
N TYR B 174 -41.17 -9.23 -8.18
CA TYR B 174 -42.32 -8.98 -9.05
C TYR B 174 -42.04 -7.91 -10.13
N ALA B 175 -41.31 -6.86 -9.75
CA ALA B 175 -40.92 -5.79 -10.65
C ALA B 175 -40.20 -6.36 -11.89
N LEU B 176 -39.32 -7.33 -11.69
CA LEU B 176 -38.54 -7.93 -12.78
C LEU B 176 -39.43 -8.78 -13.70
N GLU B 177 -40.35 -9.54 -13.10
CA GLU B 177 -41.39 -10.23 -13.89
C GLU B 177 -42.15 -9.23 -14.78
N LYS B 178 -42.58 -8.12 -14.19
CA LYS B 178 -43.27 -7.08 -14.93
C LYS B 178 -42.35 -6.50 -16.02
N LEU B 179 -41.08 -6.23 -15.68
CA LEU B 179 -40.16 -5.61 -16.63
C LEU B 179 -40.00 -6.52 -17.86
N ARG B 180 -39.87 -7.83 -17.58
CA ARG B 180 -39.71 -8.85 -18.60
C ARG B 180 -40.94 -8.89 -19.53
N ASP B 181 -42.14 -8.78 -18.96
CA ASP B 181 -43.39 -8.77 -19.75
C ASP B 181 -43.45 -7.52 -20.61
N ILE B 182 -43.18 -6.38 -19.99
CA ILE B 182 -43.14 -5.10 -20.70
C ILE B 182 -42.18 -5.12 -21.90
N SER B 183 -41.03 -5.76 -21.75
CA SER B 183 -40.02 -5.78 -22.81
C SER B 183 -40.49 -6.54 -24.04
N LYS B 184 -41.52 -7.37 -23.87
CA LYS B 184 -42.01 -8.15 -24.99
C LYS B 184 -42.91 -7.31 -25.88
N GLU B 185 -43.54 -6.30 -25.29
CA GLU B 185 -44.50 -5.47 -26.01
C GLU B 185 -43.89 -4.17 -26.50
N LEU B 186 -42.69 -3.84 -26.03
CA LEU B 186 -42.08 -2.55 -26.30
C LEU B 186 -41.37 -2.58 -27.66
N SER B 187 -41.39 -1.49 -28.41
CA SER B 187 -40.68 -1.49 -29.70
C SER B 187 -39.19 -1.05 -29.61
N VAL B 188 -38.74 -0.60 -28.43
CA VAL B 188 -37.34 -0.19 -28.21
C VAL B 188 -36.67 -0.97 -27.05
N PRO B 189 -35.33 -1.06 -27.03
CA PRO B 189 -34.74 -1.87 -25.96
C PRO B 189 -34.69 -1.18 -24.57
N ILE B 190 -34.57 -2.01 -23.54
CA ILE B 190 -34.43 -1.56 -22.17
C ILE B 190 -32.97 -1.63 -21.74
N ILE B 191 -32.48 -0.54 -21.15
CA ILE B 191 -31.20 -0.50 -20.42
C ILE B 191 -31.50 -0.41 -18.93
N VAL B 192 -30.83 -1.24 -18.14
CA VAL B 192 -30.88 -1.09 -16.68
C VAL B 192 -29.60 -0.41 -16.18
N LYS B 193 -29.78 0.72 -15.49
CA LYS B 193 -28.66 1.52 -15.03
C LYS B 193 -28.75 1.69 -13.53
N GLU B 194 -27.60 1.82 -12.89
CA GLU B 194 -27.58 2.21 -11.51
C GLU B 194 -27.56 3.73 -11.41
N SER B 195 -27.22 4.25 -10.24
CA SER B 195 -27.29 5.68 -10.01
C SER B 195 -26.25 6.11 -8.96
N GLY B 196 -25.01 5.68 -9.18
CA GLY B 196 -23.88 6.07 -8.34
C GLY B 196 -23.32 4.99 -7.43
N ASN B 197 -23.97 3.84 -7.37
CA ASN B 197 -23.52 2.77 -6.48
C ASN B 197 -23.09 1.47 -7.17
N GLY B 198 -23.31 1.39 -8.50
CA GLY B 198 -22.70 0.30 -9.30
C GLY B 198 -23.49 -1.01 -9.36
N ILE B 199 -23.20 -1.78 -10.41
CA ILE B 199 -23.87 -3.07 -10.67
C ILE B 199 -22.86 -4.19 -10.44
N SER B 200 -23.23 -5.13 -9.59
CA SER B 200 -22.40 -6.29 -9.27
C SER B 200 -22.74 -7.44 -10.19
N MET B 201 -21.92 -8.48 -10.16
CA MET B 201 -22.26 -9.68 -10.92
C MET B 201 -23.54 -10.38 -10.53
N GLU B 202 -23.91 -10.40 -9.24
CA GLU B 202 -25.19 -11.01 -8.80
C GLU B 202 -26.38 -10.23 -9.35
N THR B 203 -26.33 -8.90 -9.25
CA THR B 203 -27.37 -8.08 -9.83
C THR B 203 -27.43 -8.19 -11.37
N ALA B 204 -26.29 -8.19 -12.04
CA ALA B 204 -26.24 -8.32 -13.52
C ALA B 204 -26.79 -9.68 -14.01
N LYS B 205 -26.44 -10.78 -13.34
CA LYS B 205 -26.93 -12.12 -13.67
C LYS B 205 -28.43 -12.24 -13.40
N LEU B 206 -28.92 -11.63 -12.32
CA LEU B 206 -30.34 -11.68 -12.02
C LEU B 206 -31.10 -10.96 -13.13
N LEU B 207 -30.66 -9.75 -13.46
CA LEU B 207 -31.31 -9.00 -14.55
C LEU B 207 -31.23 -9.76 -15.90
N TYR B 208 -30.09 -10.36 -16.19
CA TYR B 208 -29.93 -11.13 -17.42
C TYR B 208 -30.91 -12.33 -17.48
N SER B 209 -31.12 -12.99 -16.34
CA SER B 209 -32.06 -14.09 -16.25
C SER B 209 -33.50 -13.65 -16.56
N TYR B 210 -33.79 -12.34 -16.50
CA TYR B 210 -35.12 -11.82 -16.84
C TYR B 210 -35.13 -11.16 -18.22
N GLY B 211 -34.07 -11.40 -18.99
CA GLY B 211 -33.98 -10.91 -20.38
C GLY B 211 -33.23 -9.61 -20.59
N ILE B 212 -32.67 -9.02 -19.52
CA ILE B 212 -31.95 -7.74 -19.67
C ILE B 212 -30.53 -7.97 -20.21
N LYS B 213 -30.20 -7.28 -21.29
CA LYS B 213 -28.91 -7.49 -21.98
C LYS B 213 -28.11 -6.18 -22.03
N ASN B 214 -28.76 -5.06 -21.72
CA ASN B 214 -28.14 -3.74 -21.76
C ASN B 214 -28.00 -3.15 -20.34
N PHE B 215 -26.78 -2.79 -19.97
CA PHE B 215 -26.43 -2.34 -18.61
C PHE B 215 -25.68 -1.01 -18.64
N ASP B 216 -25.90 -0.19 -17.62
CA ASP B 216 -25.10 1.03 -17.44
C ASP B 216 -24.60 1.07 -15.99
N THR B 217 -23.28 0.90 -15.79
CA THR B 217 -22.71 0.60 -14.46
C THR B 217 -23.04 1.65 -13.41
N SER B 218 -22.96 2.92 -13.78
CA SER B 218 -23.10 4.01 -12.79
C SER B 218 -22.48 3.65 -11.41
N GLY B 219 -21.17 3.36 -11.43
CA GLY B 219 -20.47 2.94 -10.21
C GLY B 219 -20.21 4.11 -9.26
N GLN B 220 -19.70 3.78 -8.07
CA GLN B 220 -19.27 4.83 -7.14
C GLN B 220 -18.00 5.51 -7.62
N GLY B 221 -17.74 6.72 -7.08
CA GLY B 221 -16.55 7.47 -7.44
C GLY B 221 -16.91 8.73 -8.21
N GLY B 222 -18.11 8.80 -8.75
CA GLY B 222 -18.55 10.02 -9.41
C GLY B 222 -19.60 10.65 -8.52
N THR B 223 -20.71 11.08 -9.12
CA THR B 223 -21.78 11.70 -8.36
C THR B 223 -22.20 10.79 -7.20
N ASN B 224 -22.15 11.35 -5.99
CA ASN B 224 -22.43 10.54 -4.82
C ASN B 224 -23.84 10.83 -4.36
N TRP B 225 -24.76 9.93 -4.72
CA TRP B 225 -26.19 10.14 -4.42
C TRP B 225 -26.53 9.96 -2.96
N ILE B 226 -25.78 9.12 -2.27
CA ILE B 226 -25.93 9.05 -0.80
C ILE B 226 -25.55 10.42 -0.20
N ALA B 227 -24.50 11.07 -0.72
CA ALA B 227 -24.06 12.39 -0.25
C ALA B 227 -25.11 13.45 -0.54
N ILE B 228 -25.72 13.39 -1.73
CA ILE B 228 -26.76 14.34 -2.08
C ILE B 228 -27.92 14.26 -1.07
N GLU B 229 -28.35 13.04 -0.77
CA GLU B 229 -29.45 12.88 0.18
C GLU B 229 -29.00 13.23 1.61
N MET B 230 -27.77 12.88 1.96
CA MET B 230 -27.22 13.33 3.22
C MET B 230 -27.41 14.87 3.37
N ILE B 231 -27.08 15.61 2.31
CA ILE B 231 -27.18 17.07 2.32
C ILE B 231 -28.62 17.53 2.47
N ARG B 232 -29.54 16.85 1.78
CA ARG B 232 -30.96 17.13 1.92
C ARG B 232 -31.41 16.87 3.35
N ASP B 233 -30.90 15.78 3.94
CA ASP B 233 -31.14 15.47 5.35
C ASP B 233 -30.58 16.55 6.31
N ILE B 234 -29.34 16.99 6.09
CA ILE B 234 -28.71 17.98 6.96
C ILE B 234 -29.55 19.25 6.93
N ARG B 235 -29.94 19.64 5.73
CA ARG B 235 -30.80 20.79 5.51
C ARG B 235 -32.13 20.76 6.24
N ARG B 236 -32.76 19.59 6.41
CA ARG B 236 -34.03 19.57 7.15
C ARG B 236 -33.94 19.05 8.59
N GLY B 237 -32.71 19.04 9.13
CA GLY B 237 -32.43 18.49 10.43
C GLY B 237 -32.89 17.05 10.61
N ASN B 238 -32.88 16.26 9.52
CA ASN B 238 -33.25 14.86 9.57
C ASN B 238 -32.09 14.02 10.13
N TRP B 239 -32.36 13.17 11.12
CA TRP B 239 -31.29 12.39 11.79
C TRP B 239 -30.56 11.38 10.86
N LYS B 240 -31.22 10.96 9.79
CA LYS B 240 -30.60 10.05 8.80
C LYS B 240 -29.25 10.57 8.25
N ALA B 241 -29.02 11.87 8.36
CA ALA B 241 -27.79 12.51 7.85
C ALA B 241 -26.52 11.83 8.37
N GLU B 242 -26.48 11.57 9.66
CA GLU B 242 -25.29 10.98 10.27
C GLU B 242 -25.11 9.53 9.81
N SER B 243 -26.23 8.84 9.60
CA SER B 243 -26.19 7.49 9.06
C SER B 243 -25.72 7.49 7.60
N ALA B 244 -26.25 8.40 6.78
CA ALA B 244 -25.76 8.56 5.39
C ALA B 244 -24.24 8.74 5.33
N LYS B 245 -23.70 9.51 6.26
CA LYS B 245 -22.27 9.77 6.29
C LYS B 245 -21.48 8.47 6.46
N ASN B 246 -22.00 7.51 7.21
CA ASN B 246 -21.34 6.20 7.35
C ASN B 246 -21.35 5.34 6.08
N PHE B 247 -22.20 5.70 5.12
CA PHE B 247 -22.35 4.95 3.85
C PHE B 247 -21.79 5.68 2.64
N LEU B 248 -21.02 6.75 2.86
CA LEU B 248 -20.53 7.56 1.71
C LEU B 248 -19.66 6.77 0.73
N ASP B 249 -18.95 5.76 1.22
CA ASP B 249 -18.13 4.92 0.35
C ASP B 249 -18.78 3.57 0.03
N TRP B 250 -20.10 3.48 0.21
CA TRP B 250 -20.85 2.28 -0.20
C TRP B 250 -20.98 2.17 -1.74
N GLY B 251 -20.81 0.96 -2.23
CA GLY B 251 -21.11 0.65 -3.65
C GLY B 251 -19.98 -0.05 -4.38
N VAL B 252 -20.24 -0.45 -5.61
CA VAL B 252 -19.20 -1.04 -6.44
C VAL B 252 -18.53 0.09 -7.20
N PRO B 253 -17.19 0.23 -7.08
CA PRO B 253 -16.49 1.23 -7.88
C PRO B 253 -16.70 1.02 -9.37
N THR B 254 -16.77 2.10 -10.12
CA THR B 254 -17.00 2.02 -11.57
C THR B 254 -16.12 0.98 -12.30
N ALA B 255 -14.82 1.01 -12.06
CA ALA B 255 -13.92 0.14 -12.76
C ALA B 255 -14.26 -1.31 -12.42
N ALA B 256 -14.58 -1.56 -11.15
CA ALA B 256 -14.91 -2.94 -10.71
C ALA B 256 -16.26 -3.39 -11.29
N SER B 257 -17.17 -2.45 -11.45
CA SER B 257 -18.49 -2.74 -11.96
C SER B 257 -18.42 -3.09 -13.43
N ILE B 258 -17.61 -2.36 -14.19
CA ILE B 258 -17.32 -2.71 -15.58
C ILE B 258 -16.77 -4.13 -15.68
N MET B 259 -15.78 -4.45 -14.88
CA MET B 259 -15.22 -5.81 -14.88
C MET B 259 -16.28 -6.84 -14.53
N GLU B 260 -17.07 -6.57 -13.50
CA GLU B 260 -18.07 -7.54 -13.06
C GLU B 260 -19.16 -7.80 -14.09
N VAL B 261 -19.66 -6.76 -14.76
CA VAL B 261 -20.74 -6.94 -15.74
C VAL B 261 -20.20 -7.62 -17.00
N ARG B 262 -19.07 -7.14 -17.52
CA ARG B 262 -18.44 -7.76 -18.70
C ARG B 262 -18.13 -9.24 -18.45
N TYR B 263 -17.59 -9.55 -17.27
CA TYR B 263 -17.22 -10.92 -16.92
C TYR B 263 -18.42 -11.83 -16.73
N SER B 264 -19.46 -11.33 -16.06
CA SER B 264 -20.59 -12.17 -15.73
C SER B 264 -21.66 -12.22 -16.82
N VAL B 265 -21.72 -11.17 -17.65
CA VAL B 265 -22.52 -11.25 -18.88
C VAL B 265 -21.73 -10.81 -20.14
N PRO B 266 -20.90 -11.74 -20.64
CA PRO B 266 -19.92 -11.43 -21.70
C PRO B 266 -20.51 -10.84 -22.97
N ASP B 267 -21.79 -11.04 -23.22
CA ASP B 267 -22.39 -10.52 -24.45
C ASP B 267 -23.25 -9.27 -24.22
N SER B 268 -23.16 -8.70 -23.01
CA SER B 268 -23.96 -7.50 -22.71
C SER B 268 -23.53 -6.30 -23.55
N PHE B 269 -24.45 -5.40 -23.80
CA PHE B 269 -24.07 -4.11 -24.33
C PHE B 269 -23.92 -3.24 -23.07
N LEU B 270 -22.73 -2.65 -22.87
CA LEU B 270 -22.35 -2.07 -21.59
C LEU B 270 -21.91 -0.61 -21.65
N VAL B 271 -22.59 0.24 -20.86
CA VAL B 271 -22.16 1.63 -20.65
C VAL B 271 -21.33 1.65 -19.36
N GLY B 272 -20.14 2.23 -19.42
CA GLY B 272 -19.30 2.38 -18.25
C GLY B 272 -19.43 3.82 -17.75
N SER B 273 -19.97 4.02 -16.56
CA SER B 273 -20.24 5.39 -16.08
C SER B 273 -20.17 5.45 -14.56
N GLY B 274 -20.19 6.67 -14.03
CA GLY B 274 -19.95 6.90 -12.60
C GLY B 274 -18.54 7.46 -12.47
N GLY B 275 -18.42 8.78 -12.53
CA GLY B 275 -17.11 9.43 -12.39
C GLY B 275 -16.22 9.47 -13.62
N ILE B 276 -16.83 9.43 -14.80
CA ILE B 276 -16.07 9.65 -16.03
C ILE B 276 -15.92 11.15 -16.19
N ARG B 277 -14.69 11.65 -16.06
CA ARG B 277 -14.43 13.11 -16.06
C ARG B 277 -13.51 13.62 -17.19
N SER B 278 -12.91 12.72 -17.97
CA SER B 278 -12.02 13.11 -19.05
C SER B 278 -12.16 12.05 -20.12
N GLY B 279 -11.65 12.34 -21.32
CA GLY B 279 -11.60 11.34 -22.39
C GLY B 279 -10.65 10.19 -22.05
N LEU B 280 -9.72 10.44 -21.16
CA LEU B 280 -8.83 9.37 -20.67
C LEU B 280 -9.59 8.37 -19.79
N ASP B 281 -10.43 8.85 -18.86
CA ASP B 281 -11.37 8.01 -18.10
C ASP B 281 -12.29 7.20 -19.03
N ALA B 282 -12.82 7.86 -20.05
CA ALA B 282 -13.65 7.24 -21.07
C ALA B 282 -12.87 6.15 -21.79
N ALA B 283 -11.62 6.45 -22.20
CA ALA B 283 -10.77 5.44 -22.87
C ALA B 283 -10.53 4.23 -21.96
N LYS B 284 -10.21 4.48 -20.69
CA LYS B 284 -10.03 3.41 -19.71
C LYS B 284 -11.27 2.55 -19.53
N ALA B 285 -12.44 3.19 -19.36
CA ALA B 285 -13.71 2.46 -19.21
C ALA B 285 -13.95 1.51 -20.38
N ILE B 286 -13.70 2.00 -21.60
CA ILE B 286 -13.87 1.17 -22.80
C ILE B 286 -12.84 0.04 -22.86
N ALA B 287 -11.55 0.36 -22.69
CA ALA B 287 -10.51 -0.68 -22.72
C ALA B 287 -10.81 -1.79 -21.69
N LEU B 288 -11.36 -1.40 -20.53
CA LEU B 288 -11.71 -2.36 -19.47
C LEU B 288 -12.87 -3.29 -19.81
N GLY B 289 -13.74 -2.89 -20.71
CA GLY B 289 -14.80 -3.78 -21.12
C GLY B 289 -16.09 -3.12 -21.45
N ALA B 290 -16.19 -1.80 -21.28
CA ALA B 290 -17.44 -1.15 -21.69
C ALA B 290 -17.50 -0.93 -23.21
N ASP B 291 -18.71 -0.81 -23.76
CA ASP B 291 -18.88 -0.44 -25.16
C ASP B 291 -18.91 1.06 -25.35
N ILE B 292 -19.46 1.77 -24.36
CA ILE B 292 -19.45 3.21 -24.39
C ILE B 292 -19.23 3.79 -22.97
N ALA B 293 -18.68 5.01 -22.91
CA ALA B 293 -18.51 5.71 -21.65
C ALA B 293 -19.67 6.67 -21.39
N GLY B 294 -20.24 6.64 -20.19
CA GLY B 294 -21.35 7.56 -19.84
C GLY B 294 -20.90 8.68 -18.90
N MET B 295 -21.51 9.86 -19.04
CA MET B 295 -21.23 11.04 -18.20
C MET B 295 -22.50 11.77 -17.88
N ALA B 296 -22.61 12.32 -16.67
CA ALA B 296 -23.75 13.15 -16.30
C ALA B 296 -23.29 14.45 -15.67
N LEU B 297 -22.81 14.41 -14.41
CA LEU B 297 -22.52 15.64 -13.65
C LEU B 297 -21.68 16.69 -14.40
N PRO B 298 -20.54 16.31 -15.01
CA PRO B 298 -19.79 17.38 -15.68
C PRO B 298 -20.56 18.02 -16.83
N VAL B 299 -21.42 17.25 -17.48
CA VAL B 299 -22.23 17.80 -18.57
C VAL B 299 -23.24 18.80 -17.99
N LEU B 300 -23.84 18.47 -16.84
CA LEU B 300 -24.75 19.39 -16.11
C LEU B 300 -24.04 20.70 -15.81
N LYS B 301 -22.87 20.62 -15.20
CA LYS B 301 -22.14 21.81 -14.76
C LYS B 301 -21.78 22.76 -15.90
N SER B 302 -21.35 22.20 -17.04
CA SER B 302 -21.06 22.99 -18.25
C SER B 302 -22.30 23.55 -18.90
N ALA B 303 -23.38 22.76 -18.95
CA ALA B 303 -24.64 23.21 -19.51
C ALA B 303 -25.17 24.45 -18.79
N ILE B 304 -25.07 24.44 -17.46
CA ILE B 304 -25.48 25.55 -16.63
C ILE B 304 -24.64 26.79 -16.99
N GLU B 305 -23.35 26.59 -17.25
CA GLU B 305 -22.51 27.68 -17.72
C GLU B 305 -22.96 28.19 -19.08
N GLY B 306 -23.47 27.29 -19.94
CA GLY B 306 -24.04 27.67 -21.22
C GLY B 306 -23.62 26.80 -22.40
N LYS B 307 -24.18 27.12 -23.56
CA LYS B 307 -23.99 26.33 -24.76
C LYS B 307 -22.51 26.23 -25.17
N GLU B 308 -21.81 27.36 -25.19
CA GLU B 308 -20.44 27.34 -25.66
C GLU B 308 -19.49 26.67 -24.66
N SER B 309 -19.81 26.75 -23.38
CA SER B 309 -19.03 26.03 -22.41
C SER B 309 -19.17 24.50 -22.62
N LEU B 310 -20.41 24.05 -22.88
CA LEU B 310 -20.67 22.63 -23.12
C LEU B 310 -20.01 22.11 -24.40
N GLU B 311 -19.96 22.96 -25.42
CA GLU B 311 -19.33 22.59 -26.68
C GLU B 311 -17.82 22.42 -26.48
N GLN B 312 -17.22 23.36 -25.75
CA GLN B 312 -15.83 23.25 -25.39
C GLN B 312 -15.58 21.97 -24.57
N PHE B 313 -16.50 21.65 -23.66
CA PHE B 313 -16.35 20.46 -22.84
C PHE B 313 -16.23 19.21 -23.70
N PHE B 314 -17.17 19.04 -24.62
CA PHE B 314 -17.13 17.86 -25.51
C PHE B 314 -15.91 17.85 -26.44
N ARG B 315 -15.51 19.01 -26.91
CA ARG B 315 -14.31 19.14 -27.72
C ARG B 315 -13.10 18.57 -26.95
N LYS B 316 -13.04 18.87 -25.66
CA LYS B 316 -11.97 18.45 -24.79
C LYS B 316 -12.04 16.92 -24.53
N ILE B 317 -13.24 16.42 -24.19
CA ILE B 317 -13.45 14.96 -23.97
C ILE B 317 -12.99 14.17 -25.19
N ILE B 318 -13.41 14.62 -26.37
CA ILE B 318 -13.15 13.91 -27.62
C ILE B 318 -11.66 13.92 -27.96
N PHE B 319 -11.02 15.08 -27.80
CA PHE B 319 -9.58 15.17 -28.00
C PHE B 319 -8.81 14.22 -27.07
N GLU B 320 -9.16 14.26 -25.78
CA GLU B 320 -8.56 13.37 -24.80
C GLU B 320 -8.77 11.88 -25.14
N LEU B 321 -9.97 11.54 -25.62
CA LEU B 321 -10.24 10.15 -26.03
C LEU B 321 -9.32 9.75 -27.20
N LYS B 322 -9.19 10.64 -28.18
CA LYS B 322 -8.38 10.34 -29.35
C LYS B 322 -6.90 10.30 -29.01
N ALA B 323 -6.51 11.12 -28.03
CA ALA B 323 -5.14 11.10 -27.60
C ALA B 323 -4.84 9.70 -27.00
N ALA B 324 -5.74 9.19 -26.16
CA ALA B 324 -5.55 7.83 -25.60
C ALA B 324 -5.52 6.74 -26.67
N MET B 325 -6.41 6.86 -27.66
CA MET B 325 -6.39 5.91 -28.77
C MET B 325 -5.07 6.04 -29.53
N MET B 326 -4.66 7.27 -29.83
CA MET B 326 -3.39 7.51 -30.55
C MET B 326 -2.24 6.83 -29.83
N LEU B 327 -2.13 7.10 -28.54
CA LEU B 327 -0.97 6.71 -27.77
C LEU B 327 -1.00 5.24 -27.36
N THR B 328 -2.04 4.55 -27.78
CA THR B 328 -2.26 3.14 -27.51
C THR B 328 -2.20 2.38 -28.88
N GLY B 329 -2.05 3.14 -29.95
CA GLY B 329 -2.10 2.54 -31.30
C GLY B 329 -3.47 1.96 -31.65
N SER B 330 -4.54 2.60 -31.16
CA SER B 330 -5.93 2.18 -31.44
C SER B 330 -6.53 3.03 -32.53
N LYS B 331 -6.71 2.45 -33.72
CA LYS B 331 -7.21 3.22 -34.86
C LYS B 331 -8.71 3.46 -34.79
N ASP B 332 -9.40 2.62 -34.04
CA ASP B 332 -10.85 2.71 -33.89
C ASP B 332 -11.30 2.16 -32.53
N VAL B 333 -12.59 2.24 -32.25
CA VAL B 333 -13.13 1.87 -30.94
C VAL B 333 -12.89 0.38 -30.64
N ASP B 334 -13.06 -0.43 -31.68
CA ASP B 334 -12.80 -1.84 -31.59
C ASP B 334 -11.36 -2.16 -31.18
N ALA B 335 -10.39 -1.48 -31.77
CA ALA B 335 -9.00 -1.68 -31.37
C ALA B 335 -8.78 -1.22 -29.91
N LEU B 336 -9.39 -0.11 -29.50
CA LEU B 336 -9.33 0.38 -28.09
C LEU B 336 -9.81 -0.70 -27.09
N LYS B 337 -10.92 -1.38 -27.45
CA LYS B 337 -11.51 -2.44 -26.60
C LYS B 337 -10.52 -3.59 -26.35
N LYS B 338 -9.56 -3.78 -27.25
CA LYS B 338 -8.58 -4.83 -27.08
C LYS B 338 -7.16 -4.36 -26.80
N THR B 339 -6.98 -3.08 -26.52
CA THR B 339 -5.64 -2.59 -26.28
C THR B 339 -5.10 -3.12 -24.95
N SER B 340 -3.78 -3.17 -24.83
CA SER B 340 -3.08 -3.69 -23.64
C SER B 340 -3.26 -2.78 -22.41
N ILE B 341 -3.56 -3.37 -21.26
CA ILE B 341 -3.75 -2.60 -20.02
C ILE B 341 -2.95 -3.21 -18.88
N VAL B 342 -2.87 -2.49 -17.76
CA VAL B 342 -2.34 -3.05 -16.53
C VAL B 342 -3.37 -2.81 -15.44
N ILE B 343 -3.68 -3.85 -14.66
CA ILE B 343 -4.55 -3.66 -13.50
C ILE B 343 -3.74 -3.89 -12.23
N LEU B 344 -3.82 -2.93 -11.31
CA LEU B 344 -3.00 -2.92 -10.10
C LEU B 344 -3.85 -2.71 -8.86
N GLY B 345 -3.20 -2.82 -7.71
CA GLY B 345 -3.77 -2.26 -6.46
C GLY B 345 -5.09 -2.85 -6.02
N LYS B 346 -5.99 -1.97 -5.55
CA LYS B 346 -7.26 -2.44 -4.97
C LYS B 346 -8.18 -3.07 -5.96
N LEU B 347 -8.20 -2.57 -7.21
CA LEU B 347 -8.97 -3.21 -8.27
C LEU B 347 -8.51 -4.66 -8.50
N LYS B 348 -7.19 -4.87 -8.53
CA LYS B 348 -6.63 -6.21 -8.70
C LYS B 348 -7.11 -7.13 -7.56
N GLU B 349 -7.02 -6.66 -6.30
CA GLU B 349 -7.49 -7.45 -5.13
C GLU B 349 -8.99 -7.70 -5.15
N TRP B 350 -9.76 -6.71 -5.58
CA TRP B 350 -11.18 -6.86 -5.77
C TRP B 350 -11.51 -7.98 -6.76
N ALA B 351 -10.94 -7.91 -7.97
CA ALA B 351 -11.15 -8.98 -8.98
C ALA B 351 -10.75 -10.37 -8.47
N GLU B 352 -9.60 -10.45 -7.80
CA GLU B 352 -9.14 -11.72 -7.24
C GLU B 352 -10.13 -12.30 -6.22
N TYR B 353 -10.55 -11.48 -5.25
CA TYR B 353 -11.45 -12.01 -4.22
C TYR B 353 -12.77 -12.46 -4.87
N ARG B 354 -13.19 -11.77 -5.92
CA ARG B 354 -14.48 -12.05 -6.54
C ARG B 354 -14.43 -13.18 -7.58
N GLY B 355 -13.28 -13.82 -7.66
CA GLY B 355 -13.04 -14.97 -8.55
C GLY B 355 -13.00 -14.54 -10.01
N ILE B 356 -12.62 -13.27 -10.26
CA ILE B 356 -12.46 -12.85 -11.65
C ILE B 356 -11.07 -13.32 -12.09
N ASN B 357 -11.07 -14.45 -12.79
CA ASN B 357 -9.86 -15.01 -13.38
C ASN B 357 -9.40 -14.04 -14.48
N LEU B 358 -8.24 -13.44 -14.25
CA LEU B 358 -7.71 -12.39 -15.13
C LEU B 358 -7.45 -12.91 -16.54
N SER B 359 -6.93 -14.12 -16.63
CA SER B 359 -6.75 -14.81 -17.90
C SER B 359 -8.06 -14.89 -18.70
N ILE B 360 -9.11 -15.49 -18.13
CA ILE B 360 -10.38 -15.49 -18.88
C ILE B 360 -10.95 -14.06 -19.03
N TYR B 361 -10.63 -13.18 -18.08
CA TYR B 361 -11.03 -11.76 -18.19
C TYR B 361 -10.52 -11.03 -19.45
N GLU B 362 -9.19 -11.04 -19.65
CA GLU B 362 -8.55 -10.55 -20.87
C GLU B 362 -9.25 -11.05 -22.16
N LYS B 363 -9.59 -12.34 -22.20
CA LYS B 363 -10.26 -12.95 -23.35
C LYS B 363 -11.63 -12.33 -23.61
N VAL B 364 -12.46 -12.28 -22.57
CA VAL B 364 -13.82 -11.73 -22.64
C VAL B 364 -13.92 -10.23 -23.04
N ARG B 365 -13.05 -9.38 -22.50
CA ARG B 365 -13.06 -7.94 -22.83
C ARG B 365 -12.54 -7.68 -24.27
N LYS B 366 -11.75 -8.62 -24.78
CA LYS B 366 -11.17 -8.47 -26.11
C LYS B 366 -11.98 -9.15 -27.22
N ARG B 367 -12.92 -10.03 -26.86
CA ARG B 367 -13.67 -10.80 -27.89
C ARG B 367 -15.14 -10.35 -27.98
N ILE C 4 -10.33 -0.70 44.72
CA ILE C 4 -10.97 -1.39 43.55
C ILE C 4 -12.19 -0.60 43.08
N VAL C 5 -12.93 -0.04 44.04
CA VAL C 5 -14.09 0.80 43.75
C VAL C 5 -13.71 2.07 42.97
N ASN C 6 -12.65 2.74 43.42
CA ASN C 6 -12.08 3.88 42.72
C ASN C 6 -11.66 3.55 41.29
N ARG C 7 -10.98 2.40 41.10
CA ARG C 7 -10.62 1.91 39.77
C ARG C 7 -11.83 1.74 38.82
N LYS C 8 -12.94 1.20 39.32
CA LYS C 8 -14.19 1.12 38.55
C LYS C 8 -14.67 2.50 38.05
N VAL C 9 -14.65 3.51 38.92
CA VAL C 9 -14.96 4.87 38.45
C VAL C 9 -13.89 5.46 37.51
N GLU C 10 -12.60 5.27 37.84
CA GLU C 10 -11.53 5.80 36.98
C GLU C 10 -11.57 5.20 35.57
N HIS C 11 -11.88 3.92 35.49
CA HIS C 11 -12.07 3.24 34.21
C HIS C 11 -13.12 3.90 33.33
N VAL C 12 -14.29 4.15 33.91
CA VAL C 12 -15.43 4.76 33.21
C VAL C 12 -15.07 6.17 32.78
N GLU C 13 -14.40 6.91 33.67
CA GLU C 13 -14.03 8.32 33.41
C GLU C 13 -13.01 8.45 32.28
N ILE C 14 -11.98 7.59 32.30
CA ILE C 14 -10.99 7.59 31.23
C ILE C 14 -11.60 7.14 29.88
N ALA C 15 -12.37 6.04 29.91
CA ALA C 15 -13.03 5.53 28.70
C ALA C 15 -13.99 6.58 28.13
N ALA C 16 -14.77 7.20 29.02
CA ALA C 16 -15.78 8.16 28.59
C ALA C 16 -15.19 9.48 28.07
N PHE C 17 -14.11 9.96 28.71
CA PHE C 17 -13.67 11.35 28.50
C PHE C 17 -12.26 11.55 27.99
N GLU C 18 -11.45 10.49 27.94
CA GLU C 18 -10.12 10.56 27.38
C GLU C 18 -10.11 9.97 25.96
N ASN C 19 -8.99 10.11 25.28
CA ASN C 19 -8.87 9.69 23.90
C ASN C 19 -8.29 8.26 23.79
N VAL C 20 -9.16 7.26 23.91
CA VAL C 20 -8.71 5.86 23.99
C VAL C 20 -9.48 4.93 23.05
N ASP C 21 -10.42 5.47 22.29
CA ASP C 21 -11.18 4.71 21.29
C ASP C 21 -10.39 4.58 19.98
N GLY C 22 -9.89 3.37 19.71
CA GLY C 22 -9.10 3.11 18.50
C GLY C 22 -7.73 3.78 18.49
N LEU C 23 -7.21 4.15 19.66
CA LEU C 23 -5.89 4.81 19.79
C LEU C 23 -4.75 3.95 19.26
N SER C 24 -4.16 4.37 18.14
CA SER C 24 -3.05 3.65 17.50
C SER C 24 -3.39 2.21 17.16
N SER C 25 -4.66 1.92 17.01
CA SER C 25 -5.07 0.55 16.79
C SER C 25 -6.10 0.51 15.65
N SER C 26 -6.45 -0.68 15.20
CA SER C 26 -7.29 -0.84 14.01
C SER C 26 -8.10 -2.13 14.08
N THR C 27 -9.38 -2.04 13.70
CA THR C 27 -10.26 -3.22 13.62
C THR C 27 -10.02 -4.06 12.38
N PHE C 28 -9.37 -3.48 11.36
CA PHE C 28 -9.23 -4.08 10.01
C PHE C 28 -10.56 -4.13 9.27
N LEU C 29 -11.61 -3.52 9.80
CA LEU C 29 -12.94 -3.54 9.15
C LEU C 29 -13.04 -2.72 7.89
N ASN C 30 -12.17 -1.71 7.75
CA ASN C 30 -11.98 -1.00 6.47
C ASN C 30 -11.55 -1.94 5.32
N ASP C 31 -11.04 -3.12 5.67
CA ASP C 31 -10.59 -4.10 4.68
C ASP C 31 -11.73 -5.06 4.26
N VAL C 32 -12.92 -4.84 4.82
CA VAL C 32 -14.09 -5.67 4.51
C VAL C 32 -15.09 -4.81 3.80
N ILE C 33 -15.50 -5.26 2.60
CA ILE C 33 -16.53 -4.58 1.84
C ILE C 33 -17.74 -5.50 1.60
N LEU C 34 -18.93 -5.01 1.89
CA LEU C 34 -20.17 -5.70 1.60
C LEU C 34 -20.62 -5.32 0.20
N VAL C 35 -20.91 -6.31 -0.65
CA VAL C 35 -21.13 -6.07 -2.10
C VAL C 35 -22.52 -5.47 -2.28
N HIS C 36 -22.57 -4.30 -2.92
CA HIS C 36 -23.83 -3.62 -3.13
C HIS C 36 -24.66 -4.33 -4.22
N GLN C 37 -25.96 -4.49 -3.95
CA GLN C 37 -26.91 -5.12 -4.86
C GLN C 37 -27.92 -4.08 -5.29
N GLY C 38 -27.73 -3.55 -6.50
CA GLY C 38 -28.66 -2.55 -7.05
C GLY C 38 -30.08 -3.03 -7.25
N PHE C 39 -30.26 -4.35 -7.36
CA PHE C 39 -31.60 -4.94 -7.24
C PHE C 39 -31.65 -5.85 -6.00
N PRO C 40 -32.04 -5.28 -4.84
CA PRO C 40 -32.05 -6.07 -3.58
C PRO C 40 -33.02 -7.27 -3.55
N GLY C 41 -34.17 -7.18 -4.23
CA GLY C 41 -35.14 -8.29 -4.26
C GLY C 41 -36.06 -8.30 -3.04
N ILE C 42 -36.03 -7.24 -2.26
CA ILE C 42 -36.81 -7.15 -1.03
C ILE C 42 -37.26 -5.73 -0.88
N SER C 43 -38.10 -5.47 0.11
CA SER C 43 -38.39 -4.09 0.46
C SER C 43 -37.94 -3.88 1.90
N PHE C 44 -37.65 -2.64 2.24
CA PHE C 44 -37.11 -2.27 3.54
C PHE C 44 -38.00 -2.78 4.67
N SER C 45 -39.32 -2.62 4.51
CA SER C 45 -40.26 -2.93 5.57
C SER C 45 -40.35 -4.43 5.88
N GLU C 46 -39.90 -5.28 4.96
CA GLU C 46 -39.93 -6.73 5.21
C GLU C 46 -38.66 -7.27 5.90
N ILE C 47 -37.65 -6.42 6.03
CA ILE C 47 -36.41 -6.83 6.68
C ILE C 47 -36.66 -7.29 8.12
N ASN C 48 -36.22 -8.50 8.43
CA ASN C 48 -36.43 -9.07 9.75
C ASN C 48 -35.07 -9.17 10.50
N THR C 49 -34.94 -8.47 11.62
CA THR C 49 -33.70 -8.45 12.37
C THR C 49 -33.63 -9.36 13.60
N LYS C 50 -34.66 -10.19 13.79
CA LYS C 50 -34.74 -11.04 14.98
C LYS C 50 -33.72 -12.13 14.87
N THR C 51 -33.21 -12.58 16.02
CA THR C 51 -32.30 -13.72 16.06
C THR C 51 -32.33 -14.39 17.44
N LYS C 52 -31.65 -15.52 17.58
CA LYS C 52 -31.65 -16.25 18.83
C LYS C 52 -30.43 -15.85 19.66
N PHE C 53 -30.65 -15.79 20.96
CA PHE C 53 -29.58 -15.64 21.92
C PHE C 53 -29.80 -16.68 23.02
N PHE C 54 -29.14 -17.81 22.86
CA PHE C 54 -29.35 -19.03 23.66
C PHE C 54 -30.84 -19.41 23.59
N ARG C 55 -31.55 -19.46 24.71
CA ARG C 55 -32.95 -19.87 24.70
C ARG C 55 -33.94 -18.73 24.44
N LYS C 56 -33.44 -17.49 24.33
CA LYS C 56 -34.34 -16.36 24.11
C LYS C 56 -34.27 -15.86 22.67
N GLU C 57 -35.32 -15.17 22.25
CA GLU C 57 -35.28 -14.42 21.01
C GLU C 57 -34.93 -12.97 21.32
N ILE C 58 -34.12 -12.36 20.45
CA ILE C 58 -33.79 -10.93 20.55
C ILE C 58 -34.20 -10.18 19.27
N SER C 59 -34.39 -8.86 19.38
CA SER C 59 -34.99 -8.09 18.30
C SER C 59 -34.00 -7.71 17.20
N VAL C 60 -32.73 -7.64 17.56
CA VAL C 60 -31.65 -7.15 16.71
C VAL C 60 -30.42 -8.03 17.02
N PRO C 61 -29.58 -8.34 16.02
CA PRO C 61 -28.40 -9.15 16.34
C PRO C 61 -27.22 -8.35 16.90
N VAL C 62 -27.44 -7.70 18.02
CA VAL C 62 -26.52 -6.77 18.63
C VAL C 62 -26.65 -6.94 20.14
N MET C 63 -25.56 -6.79 20.88
CA MET C 63 -25.63 -6.80 22.34
C MET C 63 -24.78 -5.68 22.96
N VAL C 64 -25.09 -5.29 24.19
CA VAL C 64 -24.22 -4.44 24.95
C VAL C 64 -23.32 -5.36 25.79
N THR C 65 -22.01 -5.24 25.64
CA THR C 65 -21.11 -6.12 26.36
C THR C 65 -20.74 -5.48 27.71
N GLY C 66 -20.23 -6.30 28.63
CA GLY C 66 -20.04 -5.88 30.01
C GLY C 66 -19.13 -4.66 30.20
N MET C 67 -19.52 -3.78 31.12
CA MET C 67 -18.72 -2.59 31.41
C MET C 67 -18.55 -2.29 32.89
N THR C 68 -19.65 -2.08 33.60
CA THR C 68 -19.54 -1.45 34.91
C THR C 68 -20.50 -1.98 35.98
N GLY C 69 -20.49 -1.31 37.14
CA GLY C 69 -21.13 -1.80 38.36
C GLY C 69 -20.12 -1.70 39.48
N GLY C 70 -20.59 -1.51 40.71
CA GLY C 70 -19.70 -1.44 41.87
C GLY C 70 -19.95 -0.34 42.89
N ARG C 71 -20.50 0.78 42.42
CA ARG C 71 -20.94 1.90 43.27
C ARG C 71 -22.27 2.38 42.71
N ASN C 72 -22.97 3.20 43.48
CA ASN C 72 -24.28 3.68 43.07
C ASN C 72 -24.35 4.50 41.77
N GLU C 73 -23.37 5.39 41.55
CA GLU C 73 -23.29 6.18 40.31
C GLU C 73 -23.06 5.28 39.09
N LEU C 74 -22.34 4.19 39.28
CA LEU C 74 -22.15 3.17 38.26
C LEU C 74 -23.45 2.39 38.04
N GLY C 75 -24.17 2.13 39.12
CA GLY C 75 -25.48 1.47 39.07
C GLY C 75 -26.51 2.27 38.29
N ARG C 76 -26.43 3.59 38.38
CA ARG C 76 -27.37 4.42 37.66
C ARG C 76 -27.08 4.45 36.13
N ILE C 77 -25.82 4.27 35.76
CA ILE C 77 -25.42 4.03 34.36
C ILE C 77 -25.96 2.67 33.90
N ASN C 78 -25.77 1.65 34.72
CA ASN C 78 -26.32 0.32 34.43
C ASN C 78 -27.82 0.33 34.24
N LYS C 79 -28.51 1.13 35.07
CA LYS C 79 -29.95 1.27 35.04
C LYS C 79 -30.44 1.84 33.69
N ILE C 80 -29.79 2.92 33.23
CA ILE C 80 -30.14 3.54 31.96
C ILE C 80 -29.93 2.57 30.77
N ILE C 81 -28.77 1.91 30.75
CA ILE C 81 -28.47 0.97 29.68
C ILE C 81 -29.49 -0.17 29.70
N ALA C 82 -29.74 -0.73 30.87
CA ALA C 82 -30.69 -1.83 31.00
C ALA C 82 -32.10 -1.47 30.57
N GLU C 83 -32.61 -0.33 31.01
CA GLU C 83 -33.96 0.03 30.59
C GLU C 83 -34.09 0.26 29.09
N VAL C 84 -33.06 0.81 28.46
CA VAL C 84 -33.11 1.04 27.03
C VAL C 84 -32.94 -0.29 26.30
N ALA C 85 -32.04 -1.14 26.78
CA ALA C 85 -31.83 -2.45 26.16
C ALA C 85 -33.12 -3.28 26.20
N GLU C 86 -33.82 -3.23 27.34
CA GLU C 86 -35.10 -3.90 27.50
C GLU C 86 -36.10 -3.37 26.46
N LYS C 87 -36.21 -2.05 26.37
CA LYS C 87 -37.07 -1.41 25.38
C LYS C 87 -36.80 -1.91 23.95
N PHE C 88 -35.53 -2.09 23.61
CA PHE C 88 -35.17 -2.44 22.22
C PHE C 88 -35.06 -3.94 21.96
N GLY C 89 -35.15 -4.75 23.02
CA GLY C 89 -35.06 -6.22 22.90
C GLY C 89 -33.63 -6.68 22.63
N ILE C 90 -32.69 -5.98 23.25
CA ILE C 90 -31.26 -6.18 23.05
C ILE C 90 -30.61 -6.75 24.33
N PRO C 91 -29.79 -7.83 24.21
CA PRO C 91 -29.11 -8.37 25.39
C PRO C 91 -28.09 -7.43 26.00
N MET C 92 -27.85 -7.60 27.29
CA MET C 92 -26.94 -6.72 28.04
C MET C 92 -26.06 -7.51 28.99
N GLY C 93 -24.75 -7.40 28.80
CA GLY C 93 -23.77 -7.87 29.81
C GLY C 93 -23.48 -6.78 30.84
N VAL C 94 -23.21 -7.17 32.08
CA VAL C 94 -22.76 -6.24 33.11
C VAL C 94 -21.25 -6.32 33.25
N GLY C 95 -20.66 -5.33 33.92
CA GLY C 95 -19.23 -5.35 34.24
C GLY C 95 -18.85 -6.37 35.31
N SER C 96 -17.54 -6.51 35.53
CA SER C 96 -17.00 -7.49 36.46
C SER C 96 -17.69 -7.39 37.80
N GLN C 97 -18.15 -8.53 38.28
CA GLN C 97 -18.91 -8.64 39.51
C GLN C 97 -18.04 -9.04 40.72
N ARG C 98 -16.73 -9.11 40.50
CA ARG C 98 -15.78 -9.31 41.58
C ARG C 98 -16.10 -8.41 42.77
N VAL C 99 -16.12 -7.10 42.52
CA VAL C 99 -16.43 -6.08 43.52
C VAL C 99 -17.67 -6.37 44.37
N ALA C 100 -18.65 -7.05 43.78
CA ALA C 100 -19.89 -7.39 44.49
C ALA C 100 -19.86 -8.77 45.14
N ILE C 101 -18.92 -9.62 44.74
CA ILE C 101 -18.73 -10.89 45.46
C ILE C 101 -18.08 -10.59 46.81
N GLU C 102 -17.15 -9.62 46.79
CA GLU C 102 -16.50 -9.07 47.96
C GLU C 102 -17.48 -8.15 48.73
N LYS C 103 -17.40 -6.84 48.47
CA LYS C 103 -18.25 -5.81 49.10
C LYS C 103 -19.74 -5.99 48.77
N ALA C 104 -20.55 -6.35 49.77
CA ALA C 104 -22.00 -6.55 49.59
C ALA C 104 -22.80 -5.26 49.26
N GLU C 105 -22.25 -4.10 49.59
CA GLU C 105 -22.88 -2.81 49.25
C GLU C 105 -22.87 -2.54 47.74
N ALA C 106 -22.10 -3.34 47.00
CA ALA C 106 -21.93 -3.18 45.56
C ALA C 106 -22.92 -4.00 44.73
N ARG C 107 -23.71 -4.84 45.41
CA ARG C 107 -24.65 -5.75 44.76
C ARG C 107 -25.81 -5.04 44.04
N GLU C 108 -26.39 -4.03 44.69
CA GLU C 108 -27.51 -3.29 44.10
C GLU C 108 -27.18 -2.66 42.73
N SER C 109 -25.95 -2.16 42.56
CA SER C 109 -25.54 -1.54 41.31
C SER C 109 -25.53 -2.52 40.11
N PHE C 110 -25.62 -3.81 40.41
CA PHE C 110 -25.78 -4.86 39.40
C PHE C 110 -27.22 -5.35 39.30
N ALA C 111 -27.82 -5.62 40.46
CA ALA C 111 -29.18 -6.18 40.54
C ALA C 111 -30.22 -5.30 39.86
N ILE C 112 -29.98 -3.99 39.86
CA ILE C 112 -30.89 -3.00 39.27
C ILE C 112 -31.18 -3.32 37.80
N VAL C 113 -30.19 -3.93 37.15
CA VAL C 113 -30.26 -4.28 35.73
C VAL C 113 -31.47 -5.19 35.47
N ARG C 114 -31.64 -6.23 36.29
CA ARG C 114 -32.74 -7.17 36.13
C ARG C 114 -34.10 -6.65 36.62
N LYS C 115 -34.09 -5.77 37.62
CA LYS C 115 -35.30 -5.09 38.07
C LYS C 115 -35.96 -4.33 36.92
N VAL C 116 -35.13 -3.66 36.14
CA VAL C 116 -35.56 -2.73 35.13
C VAL C 116 -35.62 -3.41 33.74
N ALA C 117 -34.98 -4.57 33.61
CA ALA C 117 -35.01 -5.33 32.37
C ALA C 117 -35.36 -6.79 32.63
N PRO C 118 -36.67 -7.07 32.86
CA PRO C 118 -37.07 -8.43 33.26
C PRO C 118 -37.06 -9.48 32.15
N THR C 119 -37.00 -9.07 30.88
CA THR C 119 -37.19 -10.05 29.78
C THR C 119 -35.97 -10.38 28.93
N ILE C 120 -35.14 -9.38 28.63
CA ILE C 120 -33.96 -9.59 27.78
C ILE C 120 -32.90 -10.53 28.40
N PRO C 121 -32.04 -11.14 27.56
CA PRO C 121 -30.90 -11.87 28.13
C PRO C 121 -30.00 -10.91 28.88
N ILE C 122 -29.57 -11.32 30.07
CA ILE C 122 -28.66 -10.54 30.88
C ILE C 122 -27.44 -11.42 31.10
N ILE C 123 -26.26 -10.86 30.94
CA ILE C 123 -25.07 -11.71 31.02
C ILE C 123 -24.19 -11.26 32.17
N ALA C 124 -23.94 -12.18 33.11
CA ALA C 124 -23.04 -11.92 34.25
C ALA C 124 -21.59 -11.83 33.77
N ASN C 125 -20.70 -11.49 34.70
CA ASN C 125 -19.31 -11.23 34.35
C ASN C 125 -18.35 -11.50 35.50
N LEU C 126 -17.39 -12.38 35.28
CA LEU C 126 -16.23 -12.56 36.20
C LEU C 126 -14.94 -12.69 35.39
N GLY C 127 -13.81 -12.34 35.96
CA GLY C 127 -12.52 -12.42 35.26
C GLY C 127 -11.84 -13.77 35.39
N MET C 128 -11.16 -14.18 34.32
CA MET C 128 -10.33 -15.38 34.36
C MET C 128 -9.34 -15.41 35.54
N PRO C 129 -8.66 -14.29 35.83
CA PRO C 129 -7.71 -14.36 36.95
C PRO C 129 -8.29 -14.76 38.30
N GLN C 130 -9.58 -14.49 38.51
CA GLN C 130 -10.25 -14.87 39.74
C GLN C 130 -10.40 -16.40 39.85
N LEU C 131 -10.43 -17.10 38.71
CA LEU C 131 -10.40 -18.56 38.72
C LEU C 131 -9.10 -19.15 39.25
N VAL C 132 -7.98 -18.46 39.07
CA VAL C 132 -6.72 -18.98 39.67
C VAL C 132 -6.52 -18.49 41.10
N LYS C 133 -7.32 -17.51 41.50
CA LYS C 133 -7.31 -16.93 42.85
C LYS C 133 -8.41 -17.47 43.79
N GLY C 134 -8.93 -18.66 43.51
CA GLY C 134 -9.89 -19.24 44.44
C GLY C 134 -11.38 -19.01 44.24
N TYR C 135 -11.77 -18.36 43.15
CA TYR C 135 -13.20 -18.38 42.77
C TYR C 135 -13.55 -19.77 42.27
N GLY C 136 -14.79 -20.21 42.52
CA GLY C 136 -15.27 -21.48 41.99
C GLY C 136 -16.77 -21.42 41.74
N LEU C 137 -17.40 -22.58 41.83
CA LEU C 137 -18.79 -22.76 41.48
C LEU C 137 -19.69 -21.75 42.19
N LYS C 138 -19.49 -21.59 43.50
CA LYS C 138 -20.36 -20.76 44.31
C LYS C 138 -20.31 -19.31 43.86
N GLU C 139 -19.09 -18.78 43.66
CA GLU C 139 -18.93 -17.41 43.19
C GLU C 139 -19.61 -17.20 41.84
N PHE C 140 -19.49 -18.18 40.95
CA PHE C 140 -20.16 -18.13 39.64
C PHE C 140 -21.69 -18.12 39.80
N GLN C 141 -22.20 -19.04 40.63
CA GLN C 141 -23.64 -19.08 40.92
C GLN C 141 -24.15 -17.80 41.57
N ASP C 142 -23.35 -17.19 42.44
CA ASP C 142 -23.69 -15.92 43.08
C ASP C 142 -23.75 -14.75 42.07
N ALA C 143 -22.73 -14.64 41.22
CA ALA C 143 -22.75 -13.69 40.10
C ALA C 143 -24.01 -13.86 39.24
N ILE C 144 -24.31 -15.11 38.85
CA ILE C 144 -25.49 -15.42 38.05
C ILE C 144 -26.82 -15.05 38.72
N GLN C 145 -27.02 -15.54 39.96
CA GLN C 145 -28.25 -15.35 40.72
C GLN C 145 -28.55 -13.86 41.01
N MET C 146 -27.49 -13.12 41.30
CA MET C 146 -27.54 -11.68 41.61
C MET C 146 -28.35 -10.85 40.60
N ILE C 147 -28.34 -11.29 39.33
CA ILE C 147 -29.04 -10.59 38.27
C ILE C 147 -29.96 -11.54 37.47
N GLU C 148 -30.22 -12.73 38.03
CA GLU C 148 -30.92 -13.81 37.28
C GLU C 148 -30.43 -13.93 35.83
N ALA C 149 -29.11 -14.01 35.69
CA ALA C 149 -28.41 -14.05 34.40
C ALA C 149 -28.81 -15.22 33.51
N ASP C 150 -28.80 -15.00 32.20
CA ASP C 150 -29.04 -16.09 31.25
C ASP C 150 -27.74 -16.73 30.75
N ALA C 151 -26.62 -16.09 31.09
CA ALA C 151 -25.32 -16.60 30.75
C ALA C 151 -24.31 -15.88 31.62
N ILE C 152 -23.08 -16.39 31.69
CA ILE C 152 -21.99 -15.68 32.34
C ILE C 152 -20.78 -15.54 31.39
N ALA C 153 -20.26 -14.31 31.30
CA ALA C 153 -19.08 -14.05 30.52
C ALA C 153 -17.87 -14.15 31.42
N VAL C 154 -16.87 -14.90 30.99
CA VAL C 154 -15.57 -14.90 31.69
C VAL C 154 -14.58 -14.13 30.84
N HIS C 155 -13.99 -13.06 31.40
CA HIS C 155 -13.14 -12.20 30.54
C HIS C 155 -11.67 -12.54 30.57
N LEU C 156 -11.04 -12.40 29.41
CA LEU C 156 -9.59 -12.52 29.30
C LEU C 156 -9.08 -11.09 29.17
N ASN C 157 -8.16 -10.71 30.06
CA ASN C 157 -7.57 -9.38 30.01
C ASN C 157 -6.08 -9.37 30.41
N PRO C 158 -5.28 -10.31 29.88
CA PRO C 158 -3.88 -10.30 30.32
C PRO C 158 -3.12 -9.01 29.92
N ALA C 159 -3.42 -8.46 28.74
CA ALA C 159 -2.78 -7.21 28.30
C ALA C 159 -3.01 -6.09 29.30
N GLN C 160 -4.27 -5.93 29.69
CA GLN C 160 -4.66 -4.92 30.65
C GLN C 160 -3.97 -5.13 31.98
N GLU C 161 -3.90 -6.39 32.43
CA GLU C 161 -3.28 -6.67 33.72
C GLU C 161 -1.80 -6.37 33.75
N VAL C 162 -1.10 -6.67 32.64
CA VAL C 162 0.33 -6.46 32.52
C VAL C 162 0.68 -4.98 32.73
N PHE C 163 -0.11 -4.08 32.16
CA PHE C 163 0.23 -2.66 32.20
C PHE C 163 -0.45 -1.90 33.34
N GLN C 164 -1.47 -2.52 33.94
CA GLN C 164 -2.18 -1.88 35.03
C GLN C 164 -1.28 -1.81 36.26
N PRO C 165 -1.24 -0.62 36.93
CA PRO C 165 -0.27 -0.42 38.02
C PRO C 165 -0.43 -1.48 39.12
N GLU C 166 -1.67 -1.73 39.55
CA GLU C 166 -1.92 -2.69 40.64
C GLU C 166 -2.05 -4.15 40.18
N GLY C 167 -0.88 -4.82 40.08
CA GLY C 167 -0.72 -6.29 39.89
C GLY C 167 -1.64 -6.98 38.88
N GLU C 168 -1.72 -8.31 38.85
CA GLU C 168 -0.69 -9.26 38.38
C GLU C 168 -1.43 -10.10 37.31
N PRO C 169 -0.71 -10.51 36.28
CA PRO C 169 -1.28 -11.33 35.22
C PRO C 169 -1.02 -12.80 35.51
N GLU C 170 -2.08 -13.53 35.81
CA GLU C 170 -2.01 -14.94 36.15
C GLU C 170 -3.00 -15.74 35.33
N TYR C 171 -2.48 -16.61 34.46
CA TYR C 171 -3.29 -17.39 33.53
C TYR C 171 -2.86 -18.85 33.41
N GLN C 172 -2.53 -19.50 34.52
CA GLN C 172 -2.19 -20.97 34.53
C GLN C 172 -3.34 -21.81 33.96
N ILE C 173 -3.03 -22.93 33.32
CA ILE C 173 -4.07 -23.80 32.70
C ILE C 173 -5.05 -24.40 33.70
N TYR C 174 -4.66 -24.43 34.98
CA TYR C 174 -5.56 -24.89 36.05
C TYR C 174 -6.89 -24.14 36.03
N ALA C 175 -6.85 -22.85 35.68
CA ALA C 175 -8.06 -22.03 35.59
C ALA C 175 -9.06 -22.64 34.60
N LEU C 176 -8.58 -23.18 33.48
CA LEU C 176 -9.44 -23.79 32.47
C LEU C 176 -10.05 -25.12 32.94
N GLU C 177 -9.23 -25.93 33.62
CA GLU C 177 -9.73 -27.16 34.29
C GLU C 177 -10.88 -26.78 35.20
N LYS C 178 -10.67 -25.76 36.03
CA LYS C 178 -11.72 -25.28 36.93
C LYS C 178 -12.95 -24.77 36.17
N LEU C 179 -12.71 -24.02 35.08
CA LEU C 179 -13.82 -23.48 34.30
C LEU C 179 -14.66 -24.61 33.74
N ARG C 180 -13.97 -25.65 33.23
CA ARG C 180 -14.61 -26.83 32.66
C ARG C 180 -15.48 -27.55 33.71
N ASP C 181 -14.96 -27.66 34.93
CA ASP C 181 -15.69 -28.29 36.01
C ASP C 181 -16.93 -27.45 36.38
N ILE C 182 -16.72 -26.15 36.54
CA ILE C 182 -17.81 -25.25 36.85
C ILE C 182 -18.93 -25.33 35.84
N SER C 183 -18.59 -25.42 34.56
CA SER C 183 -19.60 -25.44 33.49
C SER C 183 -20.53 -26.64 33.58
N LYS C 184 -20.10 -27.68 34.29
CA LYS C 184 -20.90 -28.89 34.39
C LYS C 184 -22.00 -28.75 35.45
N GLU C 185 -21.78 -27.86 36.41
CA GLU C 185 -22.71 -27.64 37.50
C GLU C 185 -23.61 -26.41 37.31
N LEU C 186 -23.24 -25.56 36.36
CA LEU C 186 -23.95 -24.31 36.11
C LEU C 186 -25.22 -24.53 35.29
N SER C 187 -26.27 -23.77 35.54
CA SER C 187 -27.49 -23.96 34.74
C SER C 187 -27.56 -23.05 33.50
N VAL C 188 -26.59 -22.15 33.35
CA VAL C 188 -26.53 -21.25 32.17
C VAL C 188 -25.19 -21.37 31.42
N PRO C 189 -25.15 -20.98 30.12
CA PRO C 189 -23.89 -21.18 29.43
C PRO C 189 -22.82 -20.14 29.75
N ILE C 190 -21.57 -20.51 29.52
CA ILE C 190 -20.40 -19.64 29.63
C ILE C 190 -19.99 -19.06 28.27
N ILE C 191 -19.74 -17.75 28.26
CA ILE C 191 -19.10 -17.08 27.12
C ILE C 191 -17.72 -16.65 27.58
N VAL C 192 -16.72 -16.93 26.76
CA VAL C 192 -15.38 -16.37 26.99
C VAL C 192 -15.16 -15.18 26.05
N LYS C 193 -14.84 -14.02 26.65
CA LYS C 193 -14.65 -12.79 25.90
C LYS C 193 -13.28 -12.19 26.19
N GLU C 194 -12.73 -11.50 25.22
CA GLU C 194 -11.50 -10.75 25.47
C GLU C 194 -11.91 -9.34 25.93
N SER C 195 -10.94 -8.43 25.93
CA SER C 195 -11.19 -7.09 26.44
C SER C 195 -10.35 -6.04 25.71
N GLY C 196 -10.45 -6.08 24.38
CA GLY C 196 -9.79 -5.10 23.52
C GLY C 196 -8.58 -5.59 22.75
N ASN C 197 -8.12 -6.82 23.03
CA ASN C 197 -6.97 -7.38 22.34
C ASN C 197 -7.19 -8.62 21.47
N GLY C 198 -8.42 -9.18 21.47
CA GLY C 198 -8.79 -10.15 20.45
C GLY C 198 -8.48 -11.60 20.75
N ILE C 199 -9.27 -12.51 20.17
CA ILE C 199 -9.08 -13.96 20.32
C ILE C 199 -8.51 -14.55 19.05
N SER C 200 -7.41 -15.27 19.19
CA SER C 200 -6.72 -15.94 18.10
C SER C 200 -7.21 -17.34 17.93
N MET C 201 -6.83 -18.00 16.85
CA MET C 201 -7.19 -19.40 16.72
C MET C 201 -6.56 -20.31 17.75
N GLU C 202 -5.35 -20.03 18.23
CA GLU C 202 -4.73 -20.93 19.24
C GLU C 202 -5.52 -20.83 20.55
N THR C 203 -5.88 -19.61 20.94
CA THR C 203 -6.67 -19.37 22.15
C THR C 203 -8.08 -19.97 22.02
N ALA C 204 -8.73 -19.77 20.87
CA ALA C 204 -10.05 -20.31 20.64
C ALA C 204 -10.10 -21.84 20.70
N LYS C 205 -9.16 -22.51 20.02
CA LYS C 205 -9.01 -23.97 20.06
C LYS C 205 -8.70 -24.53 21.45
N LEU C 206 -7.86 -23.83 22.22
CA LEU C 206 -7.56 -24.23 23.58
C LEU C 206 -8.83 -24.17 24.42
N LEU C 207 -9.53 -23.04 24.35
CA LEU C 207 -10.79 -22.89 25.06
C LEU C 207 -11.83 -23.94 24.65
N TYR C 208 -11.97 -24.16 23.36
CA TYR C 208 -12.87 -25.18 22.85
C TYR C 208 -12.52 -26.59 23.42
N SER C 209 -11.21 -26.90 23.53
CA SER C 209 -10.78 -28.21 24.00
C SER C 209 -11.19 -28.42 25.47
N TYR C 210 -11.47 -27.33 26.19
CA TYR C 210 -12.01 -27.37 27.53
C TYR C 210 -13.55 -27.20 27.60
N GLY C 211 -14.24 -27.34 26.47
CA GLY C 211 -15.72 -27.27 26.40
C GLY C 211 -16.36 -25.90 26.11
N ILE C 212 -15.53 -24.88 25.85
CA ILE C 212 -16.07 -23.55 25.57
C ILE C 212 -16.54 -23.50 24.14
N LYS C 213 -17.78 -23.06 23.95
CA LYS C 213 -18.40 -23.03 22.62
C LYS C 213 -18.89 -21.64 22.24
N ASN C 214 -18.86 -20.70 23.21
CA ASN C 214 -19.35 -19.33 23.03
C ASN C 214 -18.23 -18.32 23.22
N PHE C 215 -18.03 -17.47 22.20
CA PHE C 215 -16.84 -16.58 22.18
C PHE C 215 -17.25 -15.15 21.87
N ASP C 216 -16.52 -14.17 22.39
CA ASP C 216 -16.76 -12.77 22.09
C ASP C 216 -15.39 -12.15 21.78
N THR C 217 -15.16 -11.81 20.51
CA THR C 217 -13.81 -11.45 20.03
C THR C 217 -13.14 -10.31 20.81
N SER C 218 -13.91 -9.25 21.08
CA SER C 218 -13.35 -8.02 21.67
C SER C 218 -11.93 -7.74 21.12
N GLY C 219 -11.84 -7.55 19.80
CA GLY C 219 -10.56 -7.37 19.16
C GLY C 219 -10.04 -5.95 19.32
N GLN C 220 -8.81 -5.69 18.86
CA GLN C 220 -8.27 -4.32 18.89
C GLN C 220 -8.94 -3.43 17.84
N GLY C 221 -8.86 -2.11 18.03
CA GLY C 221 -9.44 -1.14 17.12
C GLY C 221 -10.59 -0.38 17.76
N GLY C 222 -11.08 -0.89 18.89
CA GLY C 222 -12.09 -0.15 19.66
C GLY C 222 -11.43 0.36 20.92
N THR C 223 -12.14 0.23 22.05
CA THR C 223 -11.63 0.70 23.32
C THR C 223 -10.26 0.05 23.53
N ASN C 224 -9.27 0.89 23.79
CA ASN C 224 -7.90 0.40 23.93
C ASN C 224 -7.57 0.33 25.41
N TRP C 225 -7.59 -0.89 25.96
CA TRP C 225 -7.38 -1.08 27.38
C TRP C 225 -5.93 -0.89 27.82
N ILE C 226 -5.00 -1.19 26.92
CA ILE C 226 -3.61 -0.86 27.17
C ILE C 226 -3.46 0.68 27.32
N ALA C 227 -4.17 1.44 26.48
CA ALA C 227 -4.17 2.91 26.58
C ALA C 227 -4.76 3.40 27.89
N ILE C 228 -5.87 2.79 28.29
CA ILE C 228 -6.52 3.21 29.54
C ILE C 228 -5.57 3.02 30.72
N GLU C 229 -4.88 1.88 30.76
CA GLU C 229 -3.93 1.64 31.84
C GLU C 229 -2.68 2.51 31.70
N MET C 230 -2.27 2.78 30.47
CA MET C 230 -1.21 3.73 30.20
C MET C 230 -1.53 5.07 30.87
N ILE C 231 -2.78 5.52 30.72
CA ILE C 231 -3.22 6.81 31.24
C ILE C 231 -3.23 6.77 32.76
N ARG C 232 -3.72 5.67 33.34
CA ARG C 232 -3.64 5.47 34.77
C ARG C 232 -2.17 5.49 35.26
N ASP C 233 -1.26 4.84 34.51
CA ASP C 233 0.19 4.93 34.80
C ASP C 233 0.75 6.38 34.72
N ILE C 234 0.41 7.12 33.66
CA ILE C 234 0.90 8.49 33.46
C ILE C 234 0.50 9.31 34.67
N ARG C 235 -0.79 9.19 35.04
CA ARG C 235 -1.37 9.86 36.19
C ARG C 235 -0.69 9.58 37.50
N ARG C 236 -0.17 8.38 37.72
CA ARG C 236 0.56 8.16 38.95
C ARG C 236 2.10 8.22 38.86
N GLY C 237 2.61 8.78 37.77
CA GLY C 237 4.05 8.77 37.48
C GLY C 237 4.69 7.39 37.49
N ASN C 238 3.92 6.36 37.13
CA ASN C 238 4.42 4.98 37.04
C ASN C 238 5.17 4.78 35.71
N TRP C 239 6.41 4.26 35.78
CA TRP C 239 7.28 4.13 34.57
C TRP C 239 6.75 3.20 33.46
N LYS C 240 5.92 2.23 33.84
CA LYS C 240 5.21 1.35 32.88
C LYS C 240 4.48 2.08 31.75
N ALA C 241 4.18 3.36 31.96
CA ALA C 241 3.49 4.20 30.96
C ALA C 241 4.19 4.17 29.62
N GLU C 242 5.51 4.33 29.62
CA GLU C 242 6.27 4.41 28.35
C GLU C 242 6.29 3.06 27.68
N SER C 243 6.31 1.99 28.49
CA SER C 243 6.23 0.64 27.96
C SER C 243 4.83 0.33 27.39
N ALA C 244 3.78 0.79 28.06
CA ALA C 244 2.40 0.64 27.54
C ALA C 244 2.29 1.27 26.16
N LYS C 245 2.90 2.44 26.00
CA LYS C 245 2.88 3.15 24.72
C LYS C 245 3.44 2.29 23.57
N ASN C 246 4.47 1.49 23.83
CA ASN C 246 5.01 0.58 22.82
C ASN C 246 4.08 -0.57 22.43
N PHE C 247 3.06 -0.82 23.25
CA PHE C 247 2.12 -1.90 23.02
C PHE C 247 0.74 -1.43 22.59
N LEU C 248 0.58 -0.14 22.26
CA LEU C 248 -0.73 0.39 21.89
C LEU C 248 -1.40 -0.32 20.70
N ASP C 249 -0.59 -0.82 19.77
CA ASP C 249 -1.16 -1.55 18.63
C ASP C 249 -1.09 -3.08 18.78
N TRP C 250 -0.97 -3.56 20.01
CA TRP C 250 -0.90 -5.00 20.30
C TRP C 250 -2.30 -5.61 20.21
N GLY C 251 -2.39 -6.81 19.62
CA GLY C 251 -3.64 -7.57 19.65
C GLY C 251 -4.12 -8.07 18.30
N VAL C 252 -5.17 -8.90 18.30
CA VAL C 252 -5.76 -9.33 17.05
C VAL C 252 -6.84 -8.33 16.68
N PRO C 253 -6.76 -7.74 15.47
CA PRO C 253 -7.82 -6.82 15.05
C PRO C 253 -9.18 -7.54 15.00
N THR C 254 -10.23 -6.82 15.35
CA THR C 254 -11.57 -7.42 15.41
C THR C 254 -11.91 -8.25 14.17
N ALA C 255 -11.74 -7.66 12.99
CA ALA C 255 -12.10 -8.36 11.76
C ALA C 255 -11.33 -9.70 11.66
N ALA C 256 -10.03 -9.69 11.93
CA ALA C 256 -9.19 -10.91 11.91
C ALA C 256 -9.57 -11.94 12.99
N SER C 257 -9.97 -11.46 14.16
CA SER C 257 -10.39 -12.30 15.27
C SER C 257 -11.68 -13.05 14.90
N ILE C 258 -12.64 -12.33 14.31
CA ILE C 258 -13.86 -12.95 13.83
C ILE C 258 -13.54 -14.09 12.82
N MET C 259 -12.71 -13.79 11.84
CA MET C 259 -12.28 -14.82 10.89
C MET C 259 -11.59 -15.96 11.62
N GLU C 260 -10.65 -15.67 12.52
CA GLU C 260 -9.93 -16.75 13.24
C GLU C 260 -10.81 -17.67 14.08
N VAL C 261 -11.77 -17.10 14.81
CA VAL C 261 -12.64 -17.91 15.66
C VAL C 261 -13.63 -18.74 14.83
N ARG C 262 -14.32 -18.11 13.89
CA ARG C 262 -15.22 -18.80 12.98
C ARG C 262 -14.52 -19.94 12.22
N TYR C 263 -13.30 -19.71 11.76
CA TYR C 263 -12.53 -20.68 10.98
C TYR C 263 -12.00 -21.84 11.83
N SER C 264 -11.51 -21.53 13.02
CA SER C 264 -10.93 -22.56 13.85
C SER C 264 -11.96 -23.28 14.74
N VAL C 265 -13.09 -22.61 15.04
CA VAL C 265 -14.22 -23.31 15.66
C VAL C 265 -15.57 -23.05 14.95
N PRO C 266 -15.80 -23.77 13.83
CA PRO C 266 -16.85 -23.43 12.87
C PRO C 266 -18.24 -23.49 13.46
N ASP C 267 -18.45 -24.21 14.56
CA ASP C 267 -19.78 -24.31 15.16
C ASP C 267 -19.94 -23.42 16.41
N SER C 268 -18.97 -22.54 16.65
CA SER C 268 -19.06 -21.63 17.78
C SER C 268 -20.27 -20.67 17.63
N PHE C 269 -20.79 -20.24 18.76
CA PHE C 269 -21.69 -19.09 18.78
C PHE C 269 -20.76 -17.87 19.02
N LEU C 270 -20.82 -16.87 18.14
CA LEU C 270 -19.77 -15.84 18.10
C LEU C 270 -20.28 -14.41 18.17
N VAL C 271 -19.77 -13.66 19.14
CA VAL C 271 -20.04 -12.24 19.21
C VAL C 271 -18.81 -11.55 18.60
N GLY C 272 -19.04 -10.66 17.63
CA GLY C 272 -17.96 -9.92 17.00
C GLY C 272 -17.99 -8.53 17.61
N SER C 273 -16.94 -8.18 18.35
CA SER C 273 -16.93 -6.91 19.05
C SER C 273 -15.52 -6.34 19.14
N GLY C 274 -15.42 -5.08 19.58
CA GLY C 274 -14.15 -4.35 19.61
C GLY C 274 -14.21 -3.34 18.48
N GLY C 275 -14.69 -2.13 18.80
CA GLY C 275 -14.73 -1.07 17.81
C GLY C 275 -15.90 -1.11 16.86
N ILE C 276 -17.00 -1.73 17.26
CA ILE C 276 -18.23 -1.62 16.48
C ILE C 276 -18.88 -0.29 16.83
N ARG C 277 -18.94 0.62 15.86
CA ARG C 277 -19.40 1.99 16.10
C ARG C 277 -20.61 2.41 15.23
N SER C 278 -21.05 1.56 14.31
CA SER C 278 -22.20 1.89 13.46
C SER C 278 -22.92 0.58 13.12
N GLY C 279 -24.17 0.66 12.68
CA GLY C 279 -24.86 -0.54 12.14
C GLY C 279 -24.20 -1.16 10.92
N LEU C 280 -23.42 -0.37 10.18
CA LEU C 280 -22.60 -0.91 9.10
C LEU C 280 -21.43 -1.78 9.62
N ASP C 281 -20.67 -1.30 10.61
CA ASP C 281 -19.69 -2.16 11.32
C ASP C 281 -20.32 -3.45 11.80
N ALA C 282 -21.50 -3.34 12.41
CA ALA C 282 -22.23 -4.50 12.92
C ALA C 282 -22.56 -5.44 11.76
N ALA C 283 -23.03 -4.88 10.63
CA ALA C 283 -23.36 -5.70 9.46
C ALA C 283 -22.13 -6.43 8.94
N LYS C 284 -20.99 -5.74 8.93
CA LYS C 284 -19.75 -6.31 8.47
C LYS C 284 -19.30 -7.44 9.38
N ALA C 285 -19.41 -7.24 10.68
CA ALA C 285 -19.01 -8.25 11.67
C ALA C 285 -19.79 -9.56 11.45
N ILE C 286 -21.10 -9.43 11.25
CA ILE C 286 -21.97 -10.56 11.02
C ILE C 286 -21.66 -11.23 9.69
N ALA C 287 -21.62 -10.46 8.59
CA ALA C 287 -21.29 -11.05 7.26
C ALA C 287 -19.96 -11.81 7.29
N LEU C 288 -18.98 -11.28 8.02
CA LEU C 288 -17.70 -11.91 8.19
C LEU C 288 -17.72 -13.23 8.94
N GLY C 289 -18.68 -13.43 9.82
CA GLY C 289 -18.76 -14.74 10.49
C GLY C 289 -19.26 -14.69 11.90
N ALA C 290 -19.54 -13.49 12.44
CA ALA C 290 -20.15 -13.41 13.78
C ALA C 290 -21.64 -13.71 13.74
N ASP C 291 -22.18 -14.18 14.86
CA ASP C 291 -23.63 -14.34 15.00
C ASP C 291 -24.29 -13.08 15.49
N ILE C 292 -23.58 -12.32 16.32
CA ILE C 292 -24.07 -11.03 16.75
C ILE C 292 -22.91 -10.04 16.86
N ALA C 293 -23.24 -8.76 16.80
CA ALA C 293 -22.25 -7.71 16.97
C ALA C 293 -22.36 -7.14 18.37
N GLY C 294 -21.25 -6.97 19.07
CA GLY C 294 -21.25 -6.38 20.41
C GLY C 294 -20.68 -4.96 20.44
N MET C 295 -21.18 -4.16 21.38
CA MET C 295 -20.74 -2.78 21.58
C MET C 295 -20.66 -2.49 23.08
N ALA C 296 -19.72 -1.63 23.46
CA ALA C 296 -19.63 -1.17 24.84
C ALA C 296 -19.43 0.37 24.89
N LEU C 297 -18.24 0.85 24.53
CA LEU C 297 -17.91 2.28 24.71
C LEU C 297 -18.98 3.25 24.20
N PRO C 298 -19.41 3.12 22.94
CA PRO C 298 -20.39 4.11 22.48
C PRO C 298 -21.73 4.07 23.24
N VAL C 299 -22.12 2.90 23.76
CA VAL C 299 -23.27 2.79 24.66
C VAL C 299 -23.03 3.54 25.98
N LEU C 300 -21.86 3.38 26.58
CA LEU C 300 -21.46 4.12 27.77
C LEU C 300 -21.62 5.63 27.54
N LYS C 301 -20.98 6.15 26.48
CA LYS C 301 -20.94 7.58 26.20
C LYS C 301 -22.32 8.17 26.03
N SER C 302 -23.22 7.43 25.36
CA SER C 302 -24.61 7.89 25.19
C SER C 302 -25.38 7.81 26.49
N ALA C 303 -25.15 6.74 27.24
CA ALA C 303 -25.87 6.55 28.50
C ALA C 303 -25.56 7.67 29.48
N ILE C 304 -24.30 8.10 29.50
CA ILE C 304 -23.87 9.22 30.35
C ILE C 304 -24.63 10.49 29.94
N GLU C 305 -24.81 10.68 28.63
CA GLU C 305 -25.60 11.80 28.13
C GLU C 305 -27.06 11.67 28.55
N GLY C 306 -27.56 10.44 28.70
CA GLY C 306 -28.92 10.23 29.18
C GLY C 306 -29.75 9.25 28.37
N LYS C 307 -30.93 8.94 28.90
CA LYS C 307 -31.80 7.92 28.36
C LYS C 307 -32.16 8.18 26.90
N GLU C 308 -32.61 9.40 26.61
CA GLU C 308 -33.08 9.71 25.26
C GLU C 308 -31.91 9.74 24.26
N SER C 309 -30.73 10.12 24.71
CA SER C 309 -29.56 10.02 23.85
C SER C 309 -29.26 8.54 23.46
N LEU C 310 -29.35 7.66 24.45
CA LEU C 310 -29.10 6.23 24.24
C LEU C 310 -30.16 5.60 23.32
N GLU C 311 -31.42 6.01 23.47
CA GLU C 311 -32.49 5.56 22.59
C GLU C 311 -32.23 5.99 21.16
N GLN C 312 -31.83 7.26 20.98
CA GLN C 312 -31.46 7.74 19.66
C GLN C 312 -30.30 6.94 19.08
N PHE C 313 -29.31 6.61 19.91
CA PHE C 313 -28.15 5.86 19.48
C PHE C 313 -28.57 4.51 18.88
N PHE C 314 -29.37 3.75 19.62
CA PHE C 314 -29.86 2.46 19.13
C PHE C 314 -30.71 2.58 17.86
N ARG C 315 -31.57 3.60 17.80
CA ARG C 315 -32.36 3.87 16.60
C ARG C 315 -31.46 3.99 15.36
N LYS C 316 -30.35 4.70 15.53
CA LYS C 316 -29.37 4.93 14.50
C LYS C 316 -28.62 3.64 14.14
N ILE C 317 -28.12 2.89 15.13
CA ILE C 317 -27.48 1.58 14.89
C ILE C 317 -28.40 0.66 14.07
N ILE C 318 -29.65 0.55 14.51
CA ILE C 318 -30.62 -0.37 13.91
C ILE C 318 -30.91 0.03 12.45
N PHE C 319 -31.14 1.33 12.22
CA PHE C 319 -31.34 1.82 10.88
C PHE C 319 -30.15 1.54 9.95
N GLU C 320 -28.96 1.81 10.44
CA GLU C 320 -27.76 1.56 9.67
C GLU C 320 -27.59 0.07 9.37
N LEU C 321 -27.93 -0.78 10.35
CA LEU C 321 -27.86 -2.24 10.12
C LEU C 321 -28.86 -2.64 9.02
N LYS C 322 -30.06 -2.10 9.10
CA LYS C 322 -31.10 -2.45 8.16
C LYS C 322 -30.76 -1.94 6.80
N ALA C 323 -30.11 -0.76 6.74
CA ALA C 323 -29.72 -0.21 5.46
C ALA C 323 -28.71 -1.14 4.79
N ALA C 324 -27.74 -1.66 5.56
CA ALA C 324 -26.76 -2.60 4.99
C ALA C 324 -27.42 -3.92 4.51
N MET C 325 -28.38 -4.41 5.27
CA MET C 325 -29.17 -5.59 4.87
C MET C 325 -29.95 -5.27 3.58
N MET C 326 -30.60 -4.12 3.53
CA MET C 326 -31.37 -3.70 2.36
C MET C 326 -30.49 -3.68 1.11
N LEU C 327 -29.33 -3.04 1.25
CA LEU C 327 -28.47 -2.79 0.12
C LEU C 327 -27.62 -3.99 -0.25
N THR C 328 -27.69 -5.07 0.53
CA THR C 328 -27.10 -6.36 0.13
C THR C 328 -28.14 -7.39 -0.31
N GLY C 329 -29.42 -7.02 -0.27
CA GLY C 329 -30.49 -7.97 -0.54
C GLY C 329 -30.67 -9.04 0.54
N SER C 330 -30.34 -8.71 1.80
CA SER C 330 -30.46 -9.61 2.95
C SER C 330 -31.77 -9.39 3.69
N LYS C 331 -32.75 -10.29 3.50
CA LYS C 331 -34.07 -10.12 4.12
C LYS C 331 -34.05 -10.37 5.62
N ASP C 332 -33.06 -11.13 6.09
CA ASP C 332 -32.96 -11.49 7.49
C ASP C 332 -31.49 -11.73 7.86
N VAL C 333 -31.24 -11.99 9.14
CA VAL C 333 -29.88 -12.10 9.69
C VAL C 333 -29.11 -13.25 9.02
N ASP C 334 -29.85 -14.32 8.77
CA ASP C 334 -29.32 -15.50 8.12
C ASP C 334 -28.83 -15.20 6.73
N ALA C 335 -29.60 -14.40 6.01
CA ALA C 335 -29.17 -14.00 4.67
C ALA C 335 -27.92 -13.10 4.76
N LEU C 336 -27.86 -12.20 5.74
CA LEU C 336 -26.68 -11.32 5.94
C LEU C 336 -25.40 -12.14 6.14
N LYS C 337 -25.49 -13.19 6.96
CA LYS C 337 -24.38 -14.09 7.25
C LYS C 337 -23.79 -14.73 5.97
N LYS C 338 -24.59 -14.83 4.92
CA LYS C 338 -24.07 -15.42 3.69
C LYS C 338 -23.95 -14.45 2.53
N THR C 339 -24.09 -13.15 2.80
CA THR C 339 -24.04 -12.16 1.72
C THR C 339 -22.64 -12.02 1.15
N SER C 340 -22.56 -11.55 -0.09
CA SER C 340 -21.28 -11.44 -0.81
C SER C 340 -20.40 -10.34 -0.21
N ILE C 341 -19.13 -10.64 0.03
CA ILE C 341 -18.18 -9.67 0.57
C ILE C 341 -16.91 -9.61 -0.30
N VAL C 342 -16.08 -8.61 -0.04
CA VAL C 342 -14.75 -8.56 -0.59
C VAL C 342 -13.82 -8.31 0.57
N ILE C 343 -12.71 -9.05 0.60
CA ILE C 343 -11.66 -8.83 1.61
C ILE C 343 -10.39 -8.39 0.90
N LEU C 344 -9.77 -7.35 1.44
CA LEU C 344 -8.65 -6.70 0.79
C LEU C 344 -7.54 -6.45 1.79
N GLY C 345 -6.41 -5.95 1.27
CA GLY C 345 -5.41 -5.25 2.08
C GLY C 345 -4.83 -6.08 3.21
N LYS C 346 -4.64 -5.46 4.38
CA LYS C 346 -3.92 -6.13 5.46
C LYS C 346 -4.66 -7.33 6.02
N LEU C 347 -6.00 -7.26 6.06
CA LEU C 347 -6.81 -8.40 6.53
C LEU C 347 -6.58 -9.62 5.64
N LYS C 348 -6.53 -9.40 4.33
CA LYS C 348 -6.24 -10.44 3.36
C LYS C 348 -4.86 -11.06 3.63
N GLU C 349 -3.86 -10.20 3.81
CA GLU C 349 -2.50 -10.68 4.08
C GLU C 349 -2.41 -11.44 5.42
N TRP C 350 -3.13 -10.94 6.42
CA TRP C 350 -3.27 -11.64 7.70
C TRP C 350 -3.84 -13.06 7.53
N ALA C 351 -5.01 -13.19 6.92
CA ALA C 351 -5.62 -14.50 6.64
C ALA C 351 -4.70 -15.45 5.87
N GLU C 352 -4.04 -14.94 4.82
CA GLU C 352 -3.08 -15.73 4.05
C GLU C 352 -1.92 -16.26 4.88
N TYR C 353 -1.27 -15.40 5.66
CA TYR C 353 -0.14 -15.85 6.45
C TYR C 353 -0.58 -16.89 7.49
N ARG C 354 -1.79 -16.70 8.04
CA ARG C 354 -2.29 -17.56 9.08
C ARG C 354 -2.90 -18.87 8.53
N GLY C 355 -2.82 -19.08 7.22
CA GLY C 355 -3.31 -20.31 6.58
C GLY C 355 -4.82 -20.37 6.51
N ILE C 356 -5.47 -19.21 6.51
CA ILE C 356 -6.93 -19.20 6.38
C ILE C 356 -7.24 -19.30 4.88
N ASN C 357 -7.54 -20.52 4.46
CA ASN C 357 -7.89 -20.77 3.08
C ASN C 357 -9.22 -20.06 2.86
N LEU C 358 -9.22 -19.07 1.97
CA LEU C 358 -10.38 -18.24 1.72
C LEU C 358 -11.55 -19.03 1.17
N SER C 359 -11.24 -19.99 0.30
CA SER C 359 -12.23 -20.90 -0.24
C SER C 359 -12.95 -21.64 0.90
N ILE C 360 -12.21 -22.32 1.78
CA ILE C 360 -12.92 -22.99 2.86
C ILE C 360 -13.56 -21.98 3.84
N TYR C 361 -12.97 -20.79 3.98
CA TYR C 361 -13.53 -19.72 4.82
C TYR C 361 -14.95 -19.31 4.39
N GLU C 362 -15.10 -19.07 3.09
CA GLU C 362 -16.38 -18.78 2.46
C GLU C 362 -17.45 -19.80 2.80
N LYS C 363 -17.10 -21.08 2.69
CA LYS C 363 -18.04 -22.16 3.00
C LYS C 363 -18.39 -22.19 4.49
N VAL C 364 -17.38 -22.06 5.34
CA VAL C 364 -17.61 -22.04 6.79
C VAL C 364 -18.46 -20.85 7.28
N ARG C 365 -18.14 -19.63 6.81
CA ARG C 365 -18.88 -18.44 7.23
C ARG C 365 -20.35 -18.48 6.78
N LYS C 366 -20.62 -19.18 5.68
CA LYS C 366 -21.99 -19.20 5.19
C LYS C 366 -22.83 -20.50 5.25
N ARG C 367 -22.34 -21.55 5.90
CA ARG C 367 -23.20 -22.74 6.09
C ARG C 367 -23.48 -22.91 7.57
N ILE D 4 42.78 9.59 14.33
CA ILE D 4 41.90 8.36 14.31
C ILE D 4 41.23 8.13 15.70
N VAL D 5 41.93 8.55 16.77
CA VAL D 5 41.36 8.67 18.13
C VAL D 5 40.18 9.66 18.15
N ASN D 6 40.33 10.79 17.47
CA ASN D 6 39.29 11.80 17.51
C ASN D 6 38.10 11.49 16.57
N ARG D 7 38.33 10.61 15.58
CA ARG D 7 37.23 10.01 14.84
C ARG D 7 36.31 9.19 15.80
N LYS D 8 36.92 8.42 16.68
CA LYS D 8 36.20 7.74 17.77
C LYS D 8 35.29 8.70 18.58
N VAL D 9 35.85 9.84 19.00
CA VAL D 9 35.06 10.85 19.70
C VAL D 9 33.92 11.40 18.84
N GLU D 10 34.24 11.78 17.61
CA GLU D 10 33.27 12.33 16.68
C GLU D 10 32.12 11.35 16.40
N HIS D 11 32.44 10.07 16.25
CA HIS D 11 31.42 9.02 16.04
C HIS D 11 30.36 8.98 17.16
N VAL D 12 30.86 8.93 18.40
CA VAL D 12 30.03 8.92 19.60
C VAL D 12 29.16 10.19 19.66
N GLU D 13 29.77 11.34 19.42
CA GLU D 13 29.06 12.64 19.47
C GLU D 13 27.96 12.78 18.41
N ILE D 14 28.23 12.34 17.18
CA ILE D 14 27.25 12.40 16.12
C ILE D 14 26.13 11.40 16.39
N ALA D 15 26.50 10.17 16.75
CA ALA D 15 25.52 9.13 17.08
C ALA D 15 24.65 9.56 18.26
N ALA D 16 25.28 10.09 19.29
CA ALA D 16 24.54 10.50 20.50
C ALA D 16 23.66 11.72 20.31
N PHE D 17 24.09 12.69 19.51
CA PHE D 17 23.47 14.02 19.51
C PHE D 17 22.95 14.54 18.19
N GLU D 18 23.23 13.83 17.10
CA GLU D 18 22.67 14.21 15.83
C GLU D 18 21.52 13.24 15.49
N ASN D 19 20.77 13.57 14.44
CA ASN D 19 19.61 12.80 14.05
C ASN D 19 20.02 11.69 13.03
N VAL D 20 20.45 10.53 13.52
CA VAL D 20 20.95 9.48 12.63
C VAL D 20 20.34 8.10 12.95
N ASP D 21 19.46 8.05 13.95
CA ASP D 21 18.73 6.83 14.29
C ASP D 21 17.57 6.61 13.33
N GLY D 22 17.68 5.61 12.46
CA GLY D 22 16.56 5.29 11.56
C GLY D 22 16.36 6.33 10.45
N LEU D 23 17.36 7.20 10.23
CA LEU D 23 17.26 8.27 9.21
C LEU D 23 17.06 7.74 7.79
N SER D 24 15.87 8.02 7.24
CA SER D 24 15.46 7.53 5.89
C SER D 24 15.57 6.02 5.72
N SER D 25 15.57 5.30 6.83
CA SER D 25 15.77 3.86 6.75
C SER D 25 14.68 3.14 7.55
N SER D 26 14.63 1.81 7.45
CA SER D 26 13.56 1.05 8.08
C SER D 26 14.04 -0.34 8.45
N THR D 27 13.58 -0.87 9.60
CA THR D 27 13.92 -2.23 10.05
C THR D 27 13.02 -3.29 9.40
N PHE D 28 11.86 -2.86 8.87
CA PHE D 28 10.76 -3.72 8.45
C PHE D 28 10.07 -4.42 9.62
N LEU D 29 10.40 -4.06 10.86
CA LEU D 29 9.77 -4.70 12.03
C LEU D 29 8.28 -4.38 12.23
N ASN D 30 7.83 -3.28 11.65
CA ASN D 30 6.42 -2.91 11.60
C ASN D 30 5.60 -3.93 10.79
N ASP D 31 6.29 -4.70 9.94
CA ASP D 31 5.66 -5.75 9.13
C ASP D 31 5.60 -7.09 9.87
N VAL D 32 6.16 -7.16 11.08
CA VAL D 32 6.09 -8.39 11.89
C VAL D 32 5.12 -8.16 13.01
N ILE D 33 4.13 -9.04 13.14
CA ILE D 33 3.19 -9.01 14.27
C ILE D 33 3.29 -10.33 15.08
N LEU D 34 3.45 -10.21 16.39
CA LEU D 34 3.32 -11.34 17.31
C LEU D 34 1.84 -11.57 17.65
N VAL D 35 1.37 -12.81 17.48
CA VAL D 35 -0.06 -13.11 17.67
C VAL D 35 -0.42 -13.11 19.16
N HIS D 36 -1.41 -12.31 19.50
CA HIS D 36 -1.86 -12.17 20.89
C HIS D 36 -2.62 -13.43 21.32
N GLN D 37 -2.29 -13.92 22.51
CA GLN D 37 -3.00 -15.05 23.12
C GLN D 37 -3.73 -14.61 24.36
N GLY D 38 -5.06 -14.44 24.26
CA GLY D 38 -5.86 -13.99 25.39
C GLY D 38 -5.85 -14.95 26.57
N PHE D 39 -5.59 -16.23 26.30
CA PHE D 39 -5.25 -17.18 27.37
C PHE D 39 -3.79 -17.65 27.29
N PRO D 40 -2.89 -16.92 27.96
CA PRO D 40 -1.46 -17.26 27.89
C PRO D 40 -1.05 -18.66 28.42
N GLY D 41 -1.72 -19.14 29.46
CA GLY D 41 -1.41 -20.49 30.00
C GLY D 41 -0.26 -20.44 31.00
N ILE D 42 0.10 -19.23 31.40
CA ILE D 42 1.25 -19.03 32.26
C ILE D 42 0.96 -17.88 33.16
N SER D 43 1.83 -17.65 34.13
CA SER D 43 1.73 -16.40 34.88
C SER D 43 3.01 -15.61 34.63
N PHE D 44 2.93 -14.30 34.79
CA PHE D 44 4.03 -13.40 34.54
C PHE D 44 5.30 -13.78 35.34
N SER D 45 5.11 -14.16 36.61
CA SER D 45 6.23 -14.46 37.52
C SER D 45 6.99 -15.73 37.16
N GLU D 46 6.38 -16.63 36.39
CA GLU D 46 7.07 -17.87 36.01
C GLU D 46 7.88 -17.70 34.71
N ILE D 47 7.77 -16.55 34.06
CA ILE D 47 8.50 -16.35 32.80
C ILE D 47 10.01 -16.42 33.03
N ASN D 48 10.68 -17.26 32.26
CA ASN D 48 12.11 -17.46 32.40
C ASN D 48 12.86 -16.88 31.19
N THR D 49 13.67 -15.86 31.40
CA THR D 49 14.37 -15.21 30.28
C THR D 49 15.81 -15.69 30.06
N LYS D 50 16.25 -16.70 30.83
CA LYS D 50 17.64 -17.15 30.73
C LYS D 50 17.92 -17.80 29.41
N THR D 51 19.14 -17.62 28.91
CA THR D 51 19.53 -18.32 27.68
C THR D 51 21.05 -18.53 27.63
N LYS D 52 21.52 -19.32 26.68
CA LYS D 52 22.93 -19.61 26.58
C LYS D 52 23.60 -18.62 25.64
N PHE D 53 24.84 -18.26 25.97
CA PHE D 53 25.69 -17.44 25.13
C PHE D 53 27.06 -18.10 25.13
N PHE D 54 27.31 -18.91 24.11
CA PHE D 54 28.43 -19.84 24.05
C PHE D 54 28.47 -20.71 25.32
N ARG D 55 29.56 -20.67 26.09
CA ARG D 55 29.68 -21.52 27.28
C ARG D 55 29.08 -20.91 28.55
N LYS D 56 28.55 -19.70 28.47
CA LYS D 56 28.02 -19.05 29.67
C LYS D 56 26.52 -18.97 29.61
N GLU D 57 25.92 -18.76 30.78
CA GLU D 57 24.47 -18.49 30.85
C GLU D 57 24.27 -16.99 31.02
N ILE D 58 23.28 -16.45 30.33
CA ILE D 58 22.92 -15.03 30.48
C ILE D 58 21.49 -14.88 30.96
N SER D 59 21.18 -13.75 31.60
CA SER D 59 19.89 -13.59 32.28
C SER D 59 18.72 -13.24 31.37
N VAL D 60 19.04 -12.61 30.23
CA VAL D 60 18.06 -12.07 29.27
C VAL D 60 18.65 -12.32 27.86
N PRO D 61 17.80 -12.64 26.85
CA PRO D 61 18.35 -12.88 25.53
C PRO D 61 18.63 -11.61 24.74
N VAL D 62 19.49 -10.76 25.29
CA VAL D 62 19.78 -9.42 24.79
C VAL D 62 21.26 -9.19 25.02
N MET D 63 21.93 -8.51 24.08
CA MET D 63 23.32 -8.07 24.31
C MET D 63 23.52 -6.59 23.92
N VAL D 64 24.52 -5.96 24.50
CA VAL D 64 25.00 -4.65 24.03
C VAL D 64 26.06 -4.95 22.97
N THR D 65 25.87 -4.49 21.73
CA THR D 65 26.88 -4.73 20.68
C THR D 65 27.99 -3.66 20.73
N GLY D 66 29.13 -3.96 20.11
CA GLY D 66 30.32 -3.10 20.17
C GLY D 66 30.15 -1.64 19.72
N MET D 67 30.78 -0.71 20.45
CA MET D 67 30.65 0.71 20.12
C MET D 67 31.96 1.49 20.20
N THR D 68 32.56 1.53 21.39
CA THR D 68 33.58 2.52 21.64
C THR D 68 34.77 2.00 22.48
N GLY D 69 35.66 2.94 22.82
CA GLY D 69 36.97 2.63 23.38
C GLY D 69 38.02 3.41 22.59
N GLY D 70 39.13 3.78 23.24
CA GLY D 70 40.21 4.48 22.53
C GLY D 70 40.81 5.71 23.21
N ARG D 71 40.00 6.39 24.03
CA ARG D 71 40.44 7.48 24.90
C ARG D 71 39.78 7.30 26.25
N ASN D 72 40.21 8.07 27.24
CA ASN D 72 39.69 7.90 28.60
C ASN D 72 38.22 8.23 28.79
N GLU D 73 37.74 9.28 28.12
CA GLU D 73 36.32 9.64 28.18
C GLU D 73 35.43 8.55 27.56
N LEU D 74 35.93 7.88 26.53
CA LEU D 74 35.27 6.73 25.93
C LEU D 74 35.30 5.54 26.86
N GLY D 75 36.42 5.37 27.58
CA GLY D 75 36.58 4.32 28.59
C GLY D 75 35.61 4.48 29.75
N ARG D 76 35.31 5.72 30.11
CA ARG D 76 34.33 5.93 31.16
C ARG D 76 32.87 5.60 30.73
N ILE D 77 32.56 5.78 29.44
CA ILE D 77 31.33 5.28 28.86
C ILE D 77 31.31 3.73 28.90
N ASN D 78 32.41 3.12 28.47
CA ASN D 78 32.56 1.67 28.52
C ASN D 78 32.39 1.11 29.92
N LYS D 79 32.92 1.83 30.91
CA LYS D 79 32.84 1.45 32.32
C LYS D 79 31.40 1.37 32.83
N ILE D 80 30.63 2.43 32.59
CA ILE D 80 29.21 2.50 32.94
C ILE D 80 28.38 1.38 32.29
N ILE D 81 28.58 1.16 30.99
CA ILE D 81 27.85 0.12 30.28
C ILE D 81 28.22 -1.24 30.86
N ALA D 82 29.53 -1.49 31.02
CA ALA D 82 29.97 -2.78 31.56
C ALA D 82 29.44 -3.05 32.98
N GLU D 83 29.49 -2.07 33.86
CA GLU D 83 28.99 -2.33 35.21
C GLU D 83 27.50 -2.59 35.27
N VAL D 84 26.73 -1.95 34.40
CA VAL D 84 25.31 -2.20 34.36
C VAL D 84 25.04 -3.54 33.68
N ALA D 85 25.77 -3.84 32.62
CA ALA D 85 25.57 -5.12 31.94
C ALA D 85 25.90 -6.27 32.89
N GLU D 86 26.97 -6.14 33.68
CA GLU D 86 27.32 -7.13 34.72
C GLU D 86 26.17 -7.29 35.70
N LYS D 87 25.65 -6.17 36.19
CA LYS D 87 24.55 -6.21 37.14
C LYS D 87 23.35 -7.00 36.60
N PHE D 88 23.03 -6.82 35.32
CA PHE D 88 21.84 -7.43 34.72
C PHE D 88 22.07 -8.79 34.10
N GLY D 89 23.33 -9.23 34.01
CA GLY D 89 23.63 -10.55 33.43
C GLY D 89 23.52 -10.56 31.91
N ILE D 90 23.94 -9.44 31.31
CA ILE D 90 23.81 -9.19 29.87
C ILE D 90 25.20 -9.12 29.19
N PRO D 91 25.40 -9.85 28.07
CA PRO D 91 26.70 -9.75 27.37
C PRO D 91 26.99 -8.35 26.81
N MET D 92 28.28 -8.02 26.71
CA MET D 92 28.72 -6.74 26.19
C MET D 92 29.88 -6.89 25.22
N GLY D 93 29.68 -6.37 24.00
CA GLY D 93 30.77 -6.15 23.06
C GLY D 93 31.40 -4.78 23.26
N VAL D 94 32.70 -4.70 22.97
CA VAL D 94 33.37 -3.40 22.96
C VAL D 94 33.53 -2.90 21.52
N GLY D 95 33.86 -1.62 21.35
CA GLY D 95 34.15 -1.09 20.02
C GLY D 95 35.47 -1.57 19.43
N SER D 96 35.71 -1.21 18.17
CA SER D 96 36.92 -1.63 17.48
C SER D 96 38.17 -1.35 18.28
N GLN D 97 39.01 -2.36 18.37
CA GLN D 97 40.19 -2.34 19.20
C GLN D 97 41.44 -2.01 18.40
N ARG D 98 41.28 -1.70 17.10
CA ARG D 98 42.40 -1.28 16.26
C ARG D 98 43.25 -0.23 16.99
N VAL D 99 42.60 0.85 17.41
CA VAL D 99 43.23 1.97 18.14
C VAL D 99 44.14 1.51 19.28
N ALA D 100 43.76 0.41 19.95
CA ALA D 100 44.53 -0.10 21.08
C ALA D 100 45.58 -1.13 20.69
N ILE D 101 45.51 -1.66 19.46
CA ILE D 101 46.58 -2.52 18.95
C ILE D 101 47.78 -1.59 18.61
N GLU D 102 47.46 -0.45 18.00
CA GLU D 102 48.42 0.61 17.70
C GLU D 102 48.88 1.34 18.98
N LYS D 103 48.20 2.44 19.30
CA LYS D 103 48.47 3.24 20.53
C LYS D 103 48.20 2.49 21.86
N ALA D 104 49.25 2.20 22.63
CA ALA D 104 49.13 1.46 23.90
C ALA D 104 48.43 2.24 25.02
N GLU D 105 48.35 3.56 24.91
CA GLU D 105 47.63 4.38 25.87
C GLU D 105 46.11 4.15 25.81
N ALA D 106 45.66 3.50 24.73
CA ALA D 106 44.24 3.31 24.48
C ALA D 106 43.70 2.00 25.06
N ARG D 107 44.60 1.18 25.58
CA ARG D 107 44.28 -0.15 26.11
C ARG D 107 43.36 -0.13 27.35
N GLU D 108 43.65 0.76 28.29
CA GLU D 108 42.85 0.89 29.51
C GLU D 108 41.35 1.16 29.27
N SER D 109 41.04 1.95 28.24
CA SER D 109 39.65 2.27 27.92
C SER D 109 38.85 1.05 27.44
N PHE D 110 39.54 -0.06 27.14
CA PHE D 110 38.90 -1.35 26.87
C PHE D 110 38.96 -2.28 28.06
N ALA D 111 40.15 -2.39 28.67
CA ALA D 111 40.38 -3.30 29.80
C ALA D 111 39.48 -3.06 31.00
N ILE D 112 39.08 -1.80 31.19
CA ILE D 112 38.20 -1.41 32.31
C ILE D 112 36.89 -2.22 32.30
N VAL D 113 36.51 -2.68 31.12
CA VAL D 113 35.27 -3.43 30.92
C VAL D 113 35.28 -4.74 31.72
N ARG D 114 36.39 -5.48 31.62
CA ARG D 114 36.51 -6.73 32.34
C ARG D 114 36.81 -6.52 33.85
N LYS D 115 37.46 -5.42 34.21
CA LYS D 115 37.74 -5.12 35.61
C LYS D 115 36.43 -5.00 36.38
N VAL D 116 35.46 -4.37 35.74
CA VAL D 116 34.20 -3.99 36.33
C VAL D 116 33.09 -5.01 36.02
N ALA D 117 33.33 -5.87 35.04
CA ALA D 117 32.37 -6.94 34.70
C ALA D 117 33.06 -8.29 34.57
N PRO D 118 33.35 -8.94 35.72
CA PRO D 118 34.18 -10.16 35.72
C PRO D 118 33.46 -11.44 35.28
N THR D 119 32.12 -11.44 35.23
CA THR D 119 31.41 -12.70 34.94
C THR D 119 30.68 -12.82 33.59
N ILE D 120 30.12 -11.73 33.08
CA ILE D 120 29.36 -11.77 31.82
C ILE D 120 30.23 -12.04 30.59
N PRO D 121 29.63 -12.56 29.50
CA PRO D 121 30.42 -12.65 28.27
C PRO D 121 30.84 -11.24 27.83
N ILE D 122 32.09 -11.09 27.42
CA ILE D 122 32.58 -9.83 26.87
C ILE D 122 33.09 -10.16 25.47
N ILE D 123 32.74 -9.34 24.50
CA ILE D 123 33.07 -9.67 23.12
C ILE D 123 34.04 -8.62 22.56
N ALA D 124 35.21 -9.09 22.11
CA ALA D 124 36.21 -8.27 21.45
C ALA D 124 35.75 -7.83 20.06
N ASN D 125 36.53 -6.97 19.41
CA ASN D 125 36.11 -6.33 18.18
C ASN D 125 37.29 -5.87 17.32
N LEU D 126 37.36 -6.39 16.10
CA LEU D 126 38.29 -5.91 15.07
C LEU D 126 37.55 -5.83 13.73
N GLY D 127 38.04 -4.99 12.83
CA GLY D 127 37.42 -4.83 11.53
C GLY D 127 37.94 -5.76 10.46
N MET D 128 37.04 -6.24 9.63
CA MET D 128 37.42 -7.07 8.48
C MET D 128 38.53 -6.44 7.61
N PRO D 129 38.46 -5.12 7.31
CA PRO D 129 39.57 -4.55 6.49
C PRO D 129 40.98 -4.74 7.08
N GLN D 130 41.09 -4.80 8.41
CA GLN D 130 42.39 -4.99 9.04
C GLN D 130 43.01 -6.35 8.69
N LEU D 131 42.17 -7.33 8.36
CA LEU D 131 42.67 -8.62 7.90
C LEU D 131 43.40 -8.56 6.54
N VAL D 132 43.04 -7.60 5.69
CA VAL D 132 43.75 -7.46 4.42
C VAL D 132 44.92 -6.48 4.56
N LYS D 133 45.00 -5.85 5.73
CA LYS D 133 46.03 -4.86 6.03
C LYS D 133 47.09 -5.38 7.01
N GLY D 134 47.25 -6.68 7.12
CA GLY D 134 48.33 -7.22 7.92
C GLY D 134 48.02 -7.69 9.33
N TYR D 135 46.78 -7.53 9.80
CA TYR D 135 46.39 -8.15 11.08
C TYR D 135 46.23 -9.65 10.93
N GLY D 136 46.49 -10.38 12.01
CA GLY D 136 46.42 -11.82 11.97
C GLY D 136 46.19 -12.37 13.35
N LEU D 137 46.64 -13.61 13.57
CA LEU D 137 46.46 -14.33 14.81
C LEU D 137 46.83 -13.51 16.03
N LYS D 138 48.01 -12.89 15.97
CA LYS D 138 48.55 -12.21 17.14
C LYS D 138 47.68 -11.03 17.55
N GLU D 139 47.28 -10.22 16.56
CA GLU D 139 46.39 -9.10 16.83
C GLU D 139 45.03 -9.55 17.39
N PHE D 140 44.49 -10.65 16.87
CA PHE D 140 43.22 -11.18 17.37
C PHE D 140 43.39 -11.65 18.83
N GLN D 141 44.47 -12.38 19.11
CA GLN D 141 44.76 -12.87 20.47
C GLN D 141 45.01 -11.72 21.44
N ASP D 142 45.68 -10.66 20.99
CA ASP D 142 45.85 -9.44 21.79
C ASP D 142 44.53 -8.74 22.10
N ALA D 143 43.69 -8.55 21.08
CA ALA D 143 42.34 -8.01 21.27
C ALA D 143 41.56 -8.81 22.31
N ILE D 144 41.60 -10.14 22.18
CA ILE D 144 40.91 -11.04 23.10
C ILE D 144 41.48 -10.97 24.54
N GLN D 145 42.80 -11.13 24.68
CA GLN D 145 43.46 -11.16 25.98
C GLN D 145 43.27 -9.85 26.76
N MET D 146 43.23 -8.73 26.03
CA MET D 146 43.12 -7.38 26.59
C MET D 146 41.91 -7.18 27.50
N ILE D 147 40.85 -7.92 27.21
CA ILE D 147 39.61 -7.87 27.99
C ILE D 147 39.16 -9.26 28.44
N GLU D 148 40.07 -10.25 28.35
CA GLU D 148 39.70 -11.66 28.60
C GLU D 148 38.34 -11.98 27.97
N ALA D 149 38.24 -11.72 26.67
CA ALA D 149 37.02 -11.91 25.88
C ALA D 149 36.58 -13.36 25.80
N ASP D 150 35.27 -13.57 25.67
CA ASP D 150 34.70 -14.92 25.48
C ASP D 150 34.42 -15.21 24.01
N ALA D 151 34.58 -14.18 23.18
CA ALA D 151 34.42 -14.29 21.73
C ALA D 151 34.99 -13.03 21.13
N ILE D 152 35.21 -13.05 19.81
CA ILE D 152 35.60 -11.85 19.09
C ILE D 152 34.63 -11.62 17.90
N ALA D 153 34.17 -10.37 17.79
CA ALA D 153 33.33 -9.96 16.68
C ALA D 153 34.23 -9.32 15.62
N VAL D 154 34.07 -9.74 14.38
CA VAL D 154 34.76 -9.13 13.25
C VAL D 154 33.72 -8.37 12.45
N HIS D 155 33.88 -7.04 12.34
CA HIS D 155 32.77 -6.23 11.71
C HIS D 155 32.91 -6.05 10.19
N LEU D 156 31.76 -6.02 9.53
CA LEU D 156 31.69 -5.68 8.13
C LEU D 156 31.16 -4.26 8.07
N ASN D 157 31.91 -3.36 7.43
CA ASN D 157 31.45 -1.98 7.30
C ASN D 157 31.82 -1.34 5.96
N PRO D 158 31.64 -2.08 4.84
CA PRO D 158 32.01 -1.47 3.55
C PRO D 158 31.22 -0.21 3.22
N ALA D 159 29.93 -0.14 3.58
CA ALA D 159 29.11 1.06 3.31
C ALA D 159 29.70 2.30 4.02
N GLN D 160 29.98 2.15 5.30
CA GLN D 160 30.62 3.19 6.08
C GLN D 160 31.95 3.62 5.49
N GLU D 161 32.78 2.66 5.09
CA GLU D 161 34.09 3.00 4.53
C GLU D 161 34.03 3.73 3.20
N VAL D 162 33.08 3.35 2.34
CA VAL D 162 32.88 4.03 1.06
C VAL D 162 32.63 5.55 1.25
N PHE D 163 31.81 5.91 2.23
CA PHE D 163 31.37 7.30 2.37
C PHE D 163 32.23 8.10 3.38
N GLN D 164 33.02 7.39 4.18
CA GLN D 164 33.84 8.04 5.18
C GLN D 164 34.99 8.76 4.50
N PRO D 165 35.22 10.03 4.90
CA PRO D 165 36.21 10.85 4.17
C PRO D 165 37.58 10.16 4.10
N GLU D 166 38.06 9.64 5.23
CA GLU D 166 39.39 9.03 5.28
C GLU D 166 39.41 7.56 4.91
N GLY D 167 39.50 7.31 3.60
CA GLY D 167 39.96 6.03 3.12
C GLY D 167 39.06 4.82 3.21
N GLU D 168 39.71 3.72 2.84
CA GLU D 168 39.31 2.84 1.75
C GLU D 168 38.57 1.55 2.11
N PRO D 169 37.67 1.14 1.22
CA PRO D 169 36.93 -0.12 1.35
C PRO D 169 37.68 -1.27 0.67
N GLU D 170 38.25 -2.15 1.48
CA GLU D 170 39.04 -3.28 1.00
C GLU D 170 38.55 -4.61 1.59
N TYR D 171 37.97 -5.45 0.73
CA TYR D 171 37.30 -6.68 1.14
C TYR D 171 37.63 -7.87 0.21
N GLN D 172 38.89 -8.01 -0.20
CA GLN D 172 39.35 -9.19 -0.97
C GLN D 172 39.06 -10.49 -0.21
N ILE D 173 38.78 -11.59 -0.95
CA ILE D 173 38.51 -12.90 -0.33
C ILE D 173 39.63 -13.43 0.54
N TYR D 174 40.85 -12.93 0.33
CA TYR D 174 41.98 -13.35 1.14
C TYR D 174 41.69 -13.12 2.63
N ALA D 175 40.97 -12.05 2.95
CA ALA D 175 40.58 -11.77 4.32
C ALA D 175 39.86 -12.96 5.00
N LEU D 176 38.92 -13.58 4.27
CA LEU D 176 38.20 -14.77 4.73
C LEU D 176 39.08 -16.00 4.86
N GLU D 177 40.01 -16.19 3.93
CA GLU D 177 41.02 -17.27 4.07
C GLU D 177 41.78 -17.08 5.37
N LYS D 178 42.21 -15.85 5.63
CA LYS D 178 42.94 -15.55 6.84
C LYS D 178 42.07 -15.77 8.06
N LEU D 179 40.83 -15.29 8.00
CA LEU D 179 39.91 -15.42 9.11
C LEU D 179 39.72 -16.90 9.48
N ARG D 180 39.57 -17.72 8.44
CA ARG D 180 39.37 -19.16 8.59
C ARG D 180 40.59 -19.83 9.23
N ASP D 181 41.78 -19.40 8.86
CA ASP D 181 43.02 -19.89 9.50
C ASP D 181 43.09 -19.50 10.96
N ILE D 182 42.85 -18.23 11.24
CA ILE D 182 42.87 -17.70 12.60
C ILE D 182 41.91 -18.46 13.51
N SER D 183 40.74 -18.83 13.00
CA SER D 183 39.71 -19.44 13.81
C SER D 183 40.15 -20.81 14.32
N LYS D 184 41.12 -21.41 13.62
CA LYS D 184 41.65 -22.71 14.02
C LYS D 184 42.59 -22.61 15.23
N GLU D 185 43.22 -21.45 15.43
CA GLU D 185 44.20 -21.26 16.49
C GLU D 185 43.65 -20.52 17.70
N LEU D 186 42.48 -19.92 17.54
CA LEU D 186 41.86 -19.09 18.58
C LEU D 186 41.15 -19.98 19.61
N SER D 187 41.18 -19.60 20.88
CA SER D 187 40.46 -20.39 21.87
C SER D 187 39.00 -19.95 22.12
N VAL D 188 38.57 -18.86 21.47
CA VAL D 188 37.18 -18.39 21.57
C VAL D 188 36.50 -18.29 20.18
N PRO D 189 35.17 -18.30 20.13
CA PRO D 189 34.55 -18.25 18.81
C PRO D 189 34.50 -16.86 18.16
N ILE D 190 34.33 -16.86 16.84
CA ILE D 190 34.23 -15.64 16.02
C ILE D 190 32.76 -15.37 15.69
N ILE D 191 32.34 -14.12 15.89
CA ILE D 191 31.05 -13.63 15.39
C ILE D 191 31.34 -12.64 14.27
N VAL D 192 30.64 -12.78 13.14
CA VAL D 192 30.70 -11.76 12.09
C VAL D 192 29.43 -10.90 12.16
N LYS D 193 29.65 -9.59 12.25
CA LYS D 193 28.58 -8.63 12.42
C LYS D 193 28.68 -7.56 11.35
N GLU D 194 27.52 -7.04 10.96
CA GLU D 194 27.49 -5.87 10.07
C GLU D 194 27.50 -4.62 10.94
N SER D 195 27.15 -3.48 10.36
CA SER D 195 27.25 -2.22 11.08
C SER D 195 26.27 -1.22 10.53
N GLY D 196 25.00 -1.65 10.46
CA GLY D 196 23.90 -0.77 10.05
C GLY D 196 23.34 -1.07 8.68
N ASN D 197 23.99 -1.96 7.93
CA ASN D 197 23.52 -2.27 6.58
C ASN D 197 23.07 -3.70 6.31
N GLY D 198 23.24 -4.59 7.29
CA GLY D 198 22.61 -5.92 7.24
C GLY D 198 23.35 -6.99 6.45
N ILE D 199 23.03 -8.26 6.78
CA ILE D 199 23.63 -9.43 6.18
C ILE D 199 22.62 -10.16 5.29
N SER D 200 22.98 -10.32 4.03
CA SER D 200 22.17 -11.04 3.08
C SER D 200 22.44 -12.56 3.13
N MET D 201 21.60 -13.33 2.47
CA MET D 201 21.93 -14.75 2.30
C MET D 201 23.20 -15.05 1.52
N GLU D 202 23.52 -14.26 0.50
CA GLU D 202 24.77 -14.49 -0.24
C GLU D 202 25.98 -14.31 0.68
N THR D 203 25.96 -13.24 1.47
CA THR D 203 27.05 -12.94 2.39
C THR D 203 27.10 -13.98 3.51
N ALA D 204 25.93 -14.35 4.04
CA ALA D 204 25.87 -15.36 5.11
C ALA D 204 26.43 -16.75 4.67
N LYS D 205 26.01 -17.22 3.49
CA LYS D 205 26.53 -18.47 2.87
C LYS D 205 28.04 -18.42 2.56
N LEU D 206 28.52 -17.29 2.07
CA LEU D 206 29.95 -17.16 1.82
C LEU D 206 30.71 -17.28 3.15
N LEU D 207 30.28 -16.54 4.17
CA LEU D 207 30.95 -16.61 5.46
C LEU D 207 30.88 -18.05 6.03
N TYR D 208 29.73 -18.68 5.89
CA TYR D 208 29.55 -20.05 6.37
C TYR D 208 30.52 -21.03 5.66
N SER D 209 30.74 -20.83 4.36
CA SER D 209 31.63 -21.67 3.59
C SER D 209 33.09 -21.55 4.08
N TYR D 210 33.40 -20.46 4.79
CA TYR D 210 34.70 -20.29 5.43
C TYR D 210 34.69 -20.62 6.93
N GLY D 211 33.62 -21.27 7.41
CA GLY D 211 33.56 -21.77 8.80
C GLY D 211 32.88 -20.83 9.80
N ILE D 212 32.32 -19.73 9.32
CA ILE D 212 31.64 -18.80 10.24
C ILE D 212 30.25 -19.33 10.58
N LYS D 213 29.94 -19.43 11.87
CA LYS D 213 28.68 -20.03 12.31
C LYS D 213 27.88 -19.06 13.17
N ASN D 214 28.49 -17.94 13.54
CA ASN D 214 27.89 -16.96 14.43
C ASN D 214 27.76 -15.60 13.72
N PHE D 215 26.53 -15.07 13.69
CA PHE D 215 26.23 -13.89 12.87
C PHE D 215 25.50 -12.86 13.69
N ASP D 216 25.69 -11.58 13.37
CA ASP D 216 24.97 -10.48 14.00
C ASP D 216 24.49 -9.50 12.89
N THR D 217 23.17 -9.49 12.66
CA THR D 217 22.58 -8.93 11.46
C THR D 217 22.91 -7.42 11.26
N SER D 218 22.86 -6.64 12.35
CA SER D 218 23.05 -5.19 12.27
C SER D 218 22.43 -4.62 10.98
N GLY D 219 21.11 -4.81 10.82
CA GLY D 219 20.43 -4.40 9.58
C GLY D 219 20.20 -2.88 9.58
N GLN D 220 19.68 -2.37 8.46
CA GLN D 220 19.28 -0.97 8.39
C GLN D 220 17.99 -0.72 9.19
N GLY D 221 17.77 0.54 9.54
CA GLY D 221 16.61 0.93 10.33
C GLY D 221 16.96 1.44 11.73
N GLY D 222 18.20 1.19 12.17
CA GLY D 222 18.69 1.75 13.44
C GLY D 222 19.76 2.76 13.11
N THR D 223 20.86 2.71 13.85
CA THR D 223 21.93 3.64 13.64
C THR D 223 22.34 3.61 12.17
N ASN D 224 22.32 4.77 11.54
CA ASN D 224 22.60 4.86 10.12
C ASN D 224 24.00 5.33 9.91
N TRP D 225 24.92 4.39 9.66
CA TRP D 225 26.32 4.71 9.51
C TRP D 225 26.69 5.49 8.26
N ILE D 226 25.92 5.29 7.20
CA ILE D 226 26.06 6.14 6.02
C ILE D 226 25.70 7.60 6.41
N ALA D 227 24.66 7.79 7.22
CA ALA D 227 24.27 9.13 7.65
C ALA D 227 25.36 9.76 8.52
N ILE D 228 25.94 8.98 9.42
CA ILE D 228 27.03 9.50 10.27
C ILE D 228 28.19 10.02 9.42
N GLU D 229 28.63 9.23 8.44
CA GLU D 229 29.71 9.65 7.59
C GLU D 229 29.26 10.79 6.68
N MET D 230 28.01 10.79 6.22
CA MET D 230 27.45 11.94 5.53
C MET D 230 27.65 13.24 6.34
N ILE D 231 27.34 13.19 7.62
CA ILE D 231 27.50 14.32 8.54
C ILE D 231 28.96 14.73 8.71
N ARG D 232 29.86 13.75 8.84
CA ARG D 232 31.29 14.07 8.87
C ARG D 232 31.74 14.75 7.56
N ASP D 233 31.23 14.26 6.42
CA ASP D 233 31.45 14.90 5.12
C ASP D 233 30.91 16.33 5.04
N ILE D 234 29.67 16.56 5.48
CA ILE D 234 29.08 17.90 5.43
C ILE D 234 29.97 18.86 6.22
N ARG D 235 30.38 18.40 7.41
CA ARG D 235 31.24 19.15 8.29
C ARG D 235 32.58 19.55 7.69
N ARG D 236 33.17 18.71 6.84
CA ARG D 236 34.41 19.13 6.18
C ARG D 236 34.30 19.62 4.75
N GLY D 237 33.08 19.96 4.34
CA GLY D 237 32.81 20.38 2.96
C GLY D 237 33.29 19.36 1.94
N ASN D 238 33.23 18.08 2.29
CA ASN D 238 33.58 17.00 1.37
C ASN D 238 32.38 16.69 0.45
N TRP D 239 32.64 16.59 -0.85
CA TRP D 239 31.54 16.45 -1.84
C TRP D 239 30.78 15.11 -1.77
N LYS D 240 31.44 14.09 -1.21
CA LYS D 240 30.80 12.79 -0.96
C LYS D 240 29.47 12.89 -0.20
N ALA D 241 29.27 13.99 0.52
CA ALA D 241 28.09 14.19 1.35
C ALA D 241 26.80 14.00 0.57
N GLU D 242 26.73 14.60 -0.62
CA GLU D 242 25.52 14.54 -1.44
C GLU D 242 25.32 13.12 -1.95
N SER D 243 26.43 12.42 -2.24
CA SER D 243 26.36 11.04 -2.67
C SER D 243 25.87 10.12 -1.54
N ALA D 244 26.36 10.34 -0.33
CA ALA D 244 25.92 9.61 0.87
C ALA D 244 24.41 9.74 1.03
N LYS D 245 23.90 10.93 0.79
CA LYS D 245 22.47 11.20 0.91
C LYS D 245 21.66 10.29 0.00
N ASN D 246 22.16 10.00 -1.21
CA ASN D 246 21.48 9.04 -2.13
C ASN D 246 21.45 7.59 -1.65
N PHE D 247 22.29 7.27 -0.67
CA PHE D 247 22.43 5.91 -0.16
C PHE D 247 21.87 5.73 1.25
N LEU D 248 21.18 6.73 1.77
CA LEU D 248 20.68 6.67 3.16
C LEU D 248 19.76 5.47 3.47
N ASP D 249 19.05 4.98 2.45
CA ASP D 249 18.17 3.81 2.63
C ASP D 249 18.80 2.51 2.06
N TRP D 250 20.11 2.52 1.87
CA TRP D 250 20.84 1.33 1.37
C TRP D 250 20.95 0.26 2.46
N GLY D 251 20.73 -1.01 2.10
CA GLY D 251 21.06 -2.12 3.01
C GLY D 251 19.94 -3.10 3.20
N VAL D 252 20.18 -4.18 3.95
CA VAL D 252 19.10 -5.13 4.24
C VAL D 252 18.43 -4.71 5.53
N PRO D 253 17.11 -4.50 5.51
CA PRO D 253 16.43 -4.20 6.78
C PRO D 253 16.61 -5.31 7.79
N THR D 254 16.72 -4.95 9.06
CA THR D 254 16.96 -5.90 10.13
C THR D 254 16.05 -7.13 10.07
N ALA D 255 14.73 -6.92 9.95
CA ALA D 255 13.78 -8.03 9.90
C ALA D 255 14.09 -8.97 8.76
N ALA D 256 14.36 -8.43 7.57
CA ALA D 256 14.67 -9.23 6.41
C ALA D 256 16.01 -9.95 6.58
N SER D 257 16.97 -9.30 7.22
CA SER D 257 18.28 -9.91 7.42
C SER D 257 18.16 -11.10 8.36
N ILE D 258 17.36 -10.97 9.43
CA ILE D 258 17.14 -12.08 10.35
C ILE D 258 16.56 -13.29 9.58
N MET D 259 15.51 -13.05 8.78
CA MET D 259 14.96 -14.10 7.92
C MET D 259 16.00 -14.67 6.99
N GLU D 260 16.80 -13.80 6.37
CA GLU D 260 17.79 -14.30 5.39
C GLU D 260 18.87 -15.18 6.02
N VAL D 261 19.38 -14.79 7.20
CA VAL D 261 20.46 -15.54 7.82
C VAL D 261 19.92 -16.86 8.38
N ARG D 262 18.81 -16.81 9.12
CA ARG D 262 18.19 -18.01 9.65
C ARG D 262 17.82 -19.01 8.56
N TYR D 263 17.29 -18.52 7.42
CA TYR D 263 16.86 -19.40 6.32
C TYR D 263 18.05 -20.00 5.60
N SER D 264 19.06 -19.17 5.32
CA SER D 264 20.16 -19.67 4.52
C SER D 264 21.21 -20.40 5.36
N VAL D 265 21.31 -20.08 6.65
CA VAL D 265 22.13 -20.89 7.56
C VAL D 265 21.36 -21.31 8.83
N PRO D 266 20.54 -22.38 8.68
CA PRO D 266 19.52 -22.74 9.68
C PRO D 266 20.07 -23.07 11.06
N ASP D 267 21.32 -23.51 11.13
CA ASP D 267 21.94 -23.86 12.42
C ASP D 267 22.81 -22.73 13.03
N SER D 268 22.76 -21.53 12.42
CA SER D 268 23.60 -20.44 12.91
C SER D 268 23.18 -20.03 14.31
N PHE D 269 24.14 -19.51 15.06
CA PHE D 269 23.83 -18.73 16.24
C PHE D 269 23.67 -17.26 15.80
N LEU D 270 22.52 -16.66 16.06
CA LEU D 270 22.14 -15.41 15.41
C LEU D 270 21.75 -14.28 16.37
N VAL D 271 22.46 -13.17 16.27
CA VAL D 271 22.09 -11.93 16.94
C VAL D 271 21.26 -11.07 15.97
N GLY D 272 20.04 -10.69 16.37
CA GLY D 272 19.18 -9.83 15.56
C GLY D 272 19.36 -8.40 16.07
N SER D 273 19.95 -7.52 15.27
CA SER D 273 20.21 -6.13 15.75
C SER D 273 20.14 -5.11 14.60
N GLY D 274 20.17 -3.84 14.95
CA GLY D 274 19.99 -2.75 13.98
C GLY D 274 18.61 -2.19 14.23
N GLY D 275 18.56 -1.19 15.11
CA GLY D 275 17.28 -0.56 15.42
C GLY D 275 16.36 -1.31 16.38
N ILE D 276 16.95 -2.11 17.27
CA ILE D 276 16.17 -2.68 18.40
C ILE D 276 16.04 -1.60 19.47
N ARG D 277 14.82 -1.11 19.71
CA ARG D 277 14.59 0.03 20.58
C ARG D 277 13.66 -0.25 21.76
N SER D 278 13.06 -1.44 21.82
CA SER D 278 12.17 -1.77 22.91
C SER D 278 12.27 -3.27 23.11
N GLY D 279 11.75 -3.77 24.23
CA GLY D 279 11.70 -5.21 24.46
C GLY D 279 10.72 -5.90 23.54
N LEU D 280 9.77 -5.14 23.01
CA LEU D 280 8.91 -5.65 21.94
C LEU D 280 9.68 -5.89 20.62
N ASP D 281 10.50 -4.93 20.20
CA ASP D 281 11.42 -5.12 19.05
C ASP D 281 12.30 -6.34 19.26
N ALA D 282 12.82 -6.47 20.47
CA ALA D 282 13.64 -7.63 20.86
C ALA D 282 12.84 -8.94 20.82
N ALA D 283 11.62 -8.95 21.35
CA ALA D 283 10.72 -10.12 21.17
C ALA D 283 10.49 -10.51 19.70
N LYS D 284 10.22 -9.51 18.86
CA LYS D 284 9.99 -9.74 17.41
C LYS D 284 11.22 -10.33 16.74
N ALA D 285 12.40 -9.78 17.06
CA ALA D 285 13.66 -10.25 16.47
C ALA D 285 13.89 -11.72 16.77
N ILE D 286 13.65 -12.10 18.02
CA ILE D 286 13.76 -13.49 18.44
C ILE D 286 12.71 -14.41 17.80
N ALA D 287 11.44 -14.03 17.88
CA ALA D 287 10.37 -14.81 17.25
C ALA D 287 10.66 -15.01 15.76
N LEU D 288 11.24 -14.00 15.13
CA LEU D 288 11.54 -14.08 13.70
C LEU D 288 12.64 -15.07 13.35
N GLY D 289 13.52 -15.38 14.29
CA GLY D 289 14.60 -16.30 14.00
C GLY D 289 15.91 -16.02 14.67
N ALA D 290 16.04 -14.90 15.36
CA ALA D 290 17.30 -14.65 16.09
C ALA D 290 17.32 -15.43 17.40
N ASP D 291 18.53 -15.65 17.94
CA ASP D 291 18.73 -16.26 19.24
C ASP D 291 18.80 -15.23 20.32
N ILE D 292 19.38 -14.08 19.98
CA ILE D 292 19.39 -12.97 20.90
C ILE D 292 19.18 -11.63 20.15
N ALA D 293 18.69 -10.63 20.87
CA ALA D 293 18.51 -9.29 20.31
C ALA D 293 19.66 -8.40 20.73
N GLY D 294 20.28 -7.70 19.77
CA GLY D 294 21.39 -6.79 20.08
C GLY D 294 20.97 -5.32 20.04
N MET D 295 21.63 -4.47 20.83
CA MET D 295 21.34 -3.02 20.89
C MET D 295 22.64 -2.27 21.10
N ALA D 296 22.73 -1.08 20.51
CA ALA D 296 23.91 -0.24 20.70
C ALA D 296 23.51 1.20 21.05
N LEU D 297 23.01 1.95 20.06
CA LEU D 297 22.73 3.36 20.20
C LEU D 297 21.95 3.71 21.47
N PRO D 298 20.78 3.08 21.72
CA PRO D 298 20.03 3.52 22.92
C PRO D 298 20.78 3.27 24.23
N VAL D 299 21.67 2.26 24.27
CA VAL D 299 22.53 2.01 25.42
C VAL D 299 23.56 3.15 25.57
N LEU D 300 24.17 3.58 24.46
CA LEU D 300 25.07 4.73 24.46
C LEU D 300 24.37 5.96 25.04
N LYS D 301 23.20 6.32 24.50
CA LYS D 301 22.51 7.54 24.90
C LYS D 301 22.17 7.54 26.40
N SER D 302 21.75 6.39 26.92
CA SER D 302 21.43 6.27 28.32
C SER D 302 22.68 6.32 29.19
N ALA D 303 23.74 5.64 28.75
CA ALA D 303 24.99 5.60 29.48
C ALA D 303 25.55 7.01 29.65
N ILE D 304 25.47 7.81 28.58
CA ILE D 304 25.89 9.21 28.64
C ILE D 304 25.10 9.94 29.72
N GLU D 305 23.80 9.65 29.82
CA GLU D 305 22.97 10.24 30.87
C GLU D 305 23.40 9.78 32.26
N GLY D 306 23.89 8.55 32.37
CA GLY D 306 24.41 8.05 33.63
C GLY D 306 24.02 6.63 33.98
N LYS D 307 24.64 6.11 35.04
CA LYS D 307 24.41 4.77 35.51
C LYS D 307 22.94 4.44 35.80
N GLU D 308 22.26 5.30 36.55
CA GLU D 308 20.89 5.07 36.92
C GLU D 308 19.93 5.23 35.74
N SER D 309 20.28 6.07 34.77
CA SER D 309 19.50 6.13 33.55
C SER D 309 19.59 4.79 32.77
N LEU D 310 20.80 4.23 32.70
CA LEU D 310 21.04 2.98 31.99
C LEU D 310 20.35 1.80 32.67
N GLU D 311 20.37 1.79 33.99
CA GLU D 311 19.66 0.76 34.76
C GLU D 311 18.16 0.79 34.51
N GLN D 312 17.58 2.00 34.53
CA GLN D 312 16.18 2.17 34.20
C GLN D 312 15.88 1.71 32.76
N PHE D 313 16.76 2.03 31.82
CA PHE D 313 16.63 1.56 30.43
C PHE D 313 16.51 0.03 30.36
N PHE D 314 17.44 -0.68 31.00
CA PHE D 314 17.38 -2.14 30.95
C PHE D 314 16.16 -2.72 31.65
N ARG D 315 15.77 -2.13 32.76
CA ARG D 315 14.56 -2.53 33.47
C ARG D 315 13.37 -2.44 32.51
N LYS D 316 13.30 -1.37 31.73
CA LYS D 316 12.21 -1.14 30.78
C LYS D 316 12.26 -2.17 29.62
N ILE D 317 13.44 -2.37 29.03
CA ILE D 317 13.61 -3.37 27.95
C ILE D 317 13.13 -4.76 28.46
N ILE D 318 13.55 -5.13 29.67
CA ILE D 318 13.30 -6.47 30.20
C ILE D 318 11.81 -6.67 30.47
N PHE D 319 11.20 -5.68 31.10
CA PHE D 319 9.77 -5.66 31.28
C PHE D 319 9.02 -5.82 29.93
N GLU D 320 9.40 -5.03 28.93
CA GLU D 320 8.70 -5.09 27.66
C GLU D 320 8.88 -6.46 27.01
N LEU D 321 10.08 -7.03 27.11
CA LEU D 321 10.32 -8.38 26.59
C LEU D 321 9.41 -9.40 27.28
N LYS D 322 9.29 -9.29 28.60
CA LYS D 322 8.49 -10.24 29.34
C LYS D 322 7.01 -10.05 29.06
N ALA D 323 6.63 -8.80 28.78
CA ALA D 323 5.24 -8.51 28.47
C ALA D 323 4.91 -9.24 27.17
N ALA D 324 5.80 -9.12 26.18
CA ALA D 324 5.58 -9.79 24.90
C ALA D 324 5.51 -11.32 25.04
N MET D 325 6.37 -11.87 25.87
CA MET D 325 6.35 -13.29 26.17
C MET D 325 5.03 -13.65 26.86
N MET D 326 4.65 -12.88 27.88
CA MET D 326 3.39 -13.13 28.61
C MET D 326 2.24 -13.19 27.61
N LEU D 327 2.18 -12.20 26.72
CA LEU D 327 1.04 -11.99 25.85
C LEU D 327 1.04 -12.87 24.64
N THR D 328 2.13 -13.61 24.43
CA THR D 328 2.12 -14.71 23.46
C THR D 328 2.06 -16.10 24.09
N GLY D 329 1.99 -16.17 25.41
CA GLY D 329 2.01 -17.50 26.06
C GLY D 329 3.38 -18.18 25.98
N SER D 330 4.45 -17.39 26.02
CA SER D 330 5.82 -17.93 25.92
C SER D 330 6.45 -17.96 27.29
N LYS D 331 6.57 -19.15 27.89
CA LYS D 331 7.10 -19.27 29.26
C LYS D 331 8.59 -19.05 29.32
N ASP D 332 9.27 -19.30 28.19
CA ASP D 332 10.72 -19.14 28.12
C ASP D 332 11.15 -18.71 26.71
N VAL D 333 12.45 -18.49 26.52
CA VAL D 333 13.03 -17.98 25.26
C VAL D 333 12.74 -18.94 24.12
N ASP D 334 12.84 -20.23 24.44
CA ASP D 334 12.58 -21.28 23.47
C ASP D 334 11.14 -21.26 22.96
N ALA D 335 10.19 -21.03 23.86
CA ALA D 335 8.81 -20.92 23.43
C ALA D 335 8.62 -19.65 22.54
N LEU D 336 9.26 -18.55 22.91
CA LEU D 336 9.18 -17.29 22.11
C LEU D 336 9.66 -17.51 20.68
N LYS D 337 10.75 -18.26 20.52
CA LYS D 337 11.32 -18.58 19.22
C LYS D 337 10.33 -19.29 18.31
N LYS D 338 9.34 -19.96 18.89
CA LYS D 338 8.39 -20.69 18.06
C LYS D 338 6.98 -20.14 18.12
N THR D 339 6.82 -18.96 18.72
CA THR D 339 5.47 -18.43 18.90
C THR D 339 4.89 -18.01 17.56
N SER D 340 3.57 -17.87 17.50
CA SER D 340 2.86 -17.59 16.26
C SER D 340 3.09 -16.15 15.84
N ILE D 341 3.35 -15.92 14.55
CA ILE D 341 3.52 -14.56 14.02
C ILE D 341 2.71 -14.34 12.74
N VAL D 342 2.65 -13.08 12.31
CA VAL D 342 2.12 -12.70 11.00
C VAL D 342 3.16 -11.83 10.34
N ILE D 343 3.47 -12.14 9.08
CA ILE D 343 4.35 -11.28 8.29
C ILE D 343 3.53 -10.69 7.17
N LEU D 344 3.61 -9.36 7.03
CA LEU D 344 2.81 -8.58 6.08
C LEU D 344 3.67 -7.66 5.21
N GLY D 345 3.04 -7.00 4.26
CA GLY D 345 3.60 -5.81 3.62
C GLY D 345 4.91 -6.01 2.86
N LYS D 346 5.82 -5.05 2.99
CA LYS D 346 7.09 -5.09 2.24
C LYS D 346 7.99 -6.27 2.65
N LEU D 347 8.03 -6.61 3.94
CA LEU D 347 8.84 -7.76 4.37
C LEU D 347 8.35 -9.03 3.70
N LYS D 348 7.03 -9.18 3.61
CA LYS D 348 6.43 -10.31 2.88
C LYS D 348 6.89 -10.32 1.42
N GLU D 349 6.77 -9.19 0.73
CA GLU D 349 7.22 -9.10 -0.68
C GLU D 349 8.73 -9.34 -0.84
N TRP D 350 9.51 -8.86 0.12
CA TRP D 350 10.95 -9.11 0.12
C TRP D 350 11.23 -10.66 0.17
N ALA D 351 10.66 -11.32 1.16
CA ALA D 351 10.80 -12.77 1.31
C ALA D 351 10.38 -13.52 0.02
N GLU D 352 9.25 -13.10 -0.54
CA GLU D 352 8.74 -13.74 -1.76
C GLU D 352 9.68 -13.60 -2.94
N TYR D 353 10.22 -12.39 -3.13
CA TYR D 353 11.10 -12.19 -4.27
C TYR D 353 12.39 -12.95 -4.07
N ARG D 354 12.84 -13.06 -2.81
CA ARG D 354 14.11 -13.70 -2.53
C ARG D 354 14.01 -15.25 -2.44
N GLY D 355 12.82 -15.77 -2.74
CA GLY D 355 12.58 -17.22 -2.73
C GLY D 355 12.56 -17.79 -1.33
N ILE D 356 12.23 -16.98 -0.33
CA ILE D 356 12.06 -17.51 1.01
C ILE D 356 10.68 -18.15 1.13
N ASN D 357 10.65 -19.46 0.94
CA ASN D 357 9.43 -20.24 1.06
C ASN D 357 8.96 -20.14 2.52
N LEU D 358 7.83 -19.50 2.73
CA LEU D 358 7.32 -19.21 4.07
C LEU D 358 7.03 -20.47 4.88
N SER D 359 6.58 -21.52 4.19
CA SER D 359 6.34 -22.82 4.78
C SER D 359 7.63 -23.42 5.34
N ILE D 360 8.69 -23.50 4.54
CA ILE D 360 9.92 -24.01 5.10
C ILE D 360 10.53 -22.99 6.08
N TYR D 361 10.29 -21.68 5.84
CA TYR D 361 10.69 -20.64 6.81
C TYR D 361 10.12 -20.88 8.22
N GLU D 362 8.80 -21.08 8.29
CA GLU D 362 8.15 -21.32 9.59
C GLU D 362 8.80 -22.50 10.31
N LYS D 363 9.10 -23.55 9.55
CA LYS D 363 9.79 -24.72 10.08
C LYS D 363 11.19 -24.43 10.69
N VAL D 364 12.05 -23.75 9.93
CA VAL D 364 13.41 -23.40 10.38
C VAL D 364 13.47 -22.46 11.57
N ARG D 365 12.59 -21.46 11.60
CA ARG D 365 12.61 -20.52 12.72
C ARG D 365 12.11 -21.16 14.01
N LYS D 366 11.17 -22.09 13.90
CA LYS D 366 10.64 -22.83 15.05
C LYS D 366 11.60 -23.93 15.56
N ARG D 367 12.84 -23.93 15.09
CA ARG D 367 13.83 -24.89 15.61
C ARG D 367 15.07 -24.16 16.14
#